data_3T53
#
_entry.id   3T53
#
_cell.length_a   159.787
_cell.length_b   159.787
_cell.length_c   683.042
_cell.angle_alpha   90.000
_cell.angle_beta   90.000
_cell.angle_gamma   120.000
#
_symmetry.space_group_name_H-M   'H 3 2'
#
loop_
_entity.id
_entity.type
_entity.pdbx_description
1 polymer 'Cation efflux system protein CusB'
2 polymer 'Cation efflux system protein CusA'
3 non-polymer 'COPPER (II) ION'
4 water water
#
loop_
_entity_poly.entity_id
_entity_poly.type
_entity_poly.pdbx_seq_one_letter_code
_entity_poly.pdbx_strand_id
1 'polypeptide(L)'
;SASGVRIDPTQTQNLGVKTATVTRGPLTFAQSFPANVSYNEYQYAIVQARAAGFIDKVYPLTVGDKVQKGTPLLDLTIPD
WVEAQSEYLLLRETGGTATQTEGILERLRLAGMPEADIRRLIATQKIQTRFTLKAPIDGVITAFDLRAGMNIAKDNVVAK
IQGMDPVWVTAAIPESIAWLVKDASQFTLTVPARPDKTLTIRKWTLLPGVDAATRTLQLRLEVDNADEALKPGMNAWLQL
NTASEPMLLIPSQALIDTGSEQRVITVDADGRFVPKRVAVFQASQGVTALRSGLAEGEKVVSSGLFLIDSEANISGALER
MRSESATHAHHHHHHH
;
B,C
2 'polypeptide(L)'
;GHHHHHHMIEWIIRRSVANRFLVLMGALFLSIWGTWTIINTPVDALPDLSDVQVIIKTSYPGQAPQIVENQVTYPLTTTM
LSVPGAKTVRGFSQFGDSYVYVIFEDGTDPYWARSRVLEYLNQVQGKLPAGVSAELGPDATGVGWIYEYALVDRSGKHDL
ADLRSLQDWFLKYELKTIPDVAEVASVGGVVKEYQVVIDPQRLAQYGISLAEVKSALDASNQEAGGSSIELAEAEYMVRA
SGYLQTLDDFNHIVLKASENGVPVYLRDVAKVQIGPEMRRGIAELNGEGEVAGGVVILRSGKNAREVIAAVKDKLETLKS
SLPEGVEIVTTYDRSQLIDRAIDNLSGKLLEEFIVVAVVCALFLWHVRSALVAIISLPLGLCIAFIVMHFQGLNANIMSL
GGIAIAVGAMVDAAIVMIENAHKRLEEWQHQHPDATLDNKTRWQVITDASVEVGPALFISLLIITLSFIPIFTLEGQEGR
LFGPLAFTKTYAMAGAALLAIVVIPILMGYWIRGKIPPESSNPLNRFLIRVYHPLLLKVLHWPKTTLLVAALSVLTVLWP
LNKVGGEFLPQINEGDLLYMPSTLPGISAAEAASMLQKTDKLIMSVPEVARVFGKTGKAETATDSAPLEMVETTIQLKPQ
EQWRPGMTMDKIIEELDNTVRLPGLANLWVPPIRNRIDMLSTGIKSPIGIKVSGTVLADIDAMAEQIEEVARTVPGVASA
LAERLEGGRYINVEINREKAARYGMTVADVQLFVTSAVGGAMVGETVEGIARYPINLRYPQSWRDSPQALRQLPILTPMK
QQITLADVADIKVSTGPSMLKTENARPTSWIYIDARDRDMVSVVHDLQKAIAEKVQLKPGTSVAFSGQFELLERANHKLK
LMVPMTLMIIFVLLYLAFRRVGEALLIISSVPFALVGGIWLLWWMGFHLSVATGTGFIALAGVAAEFGVVMLMYLRHAIE
AVPSLNNPQTFSEQKLDEALYHGAVLRVRPKAMTVAVIIAGLLPILWGTGAGSEVMSRIAAPMIGGMITAPLLSLFIIPA
AYKLMWLHRHRVRK
;
A
#
loop_
_chem_comp.id
_chem_comp.type
_chem_comp.name
_chem_comp.formula
CU non-polymer 'COPPER (II) ION' 'Cu 2'
#
# COMPACT_ATOMS: atom_id res chain seq x y z
N ALA A 2 -34.29 -6.70 -1.11
CA ALA A 2 -34.51 -7.86 -0.26
C ALA A 2 -34.13 -9.15 -0.99
N SER A 3 -32.87 -9.26 -1.39
CA SER A 3 -32.41 -10.44 -2.11
C SER A 3 -32.02 -11.57 -1.15
N GLY A 4 -32.49 -12.77 -1.45
CA GLY A 4 -32.13 -13.96 -0.68
C GLY A 4 -30.88 -14.61 -1.24
N VAL A 5 -30.22 -13.90 -2.16
CA VAL A 5 -29.01 -14.40 -2.81
C VAL A 5 -27.87 -14.52 -1.80
N ARG A 6 -27.20 -15.65 -1.81
CA ARG A 6 -26.13 -15.91 -0.85
C ARG A 6 -24.74 -15.89 -1.51
N ILE A 7 -23.71 -15.85 -0.66
CA ILE A 7 -22.33 -15.82 -1.13
C ILE A 7 -21.40 -16.37 -0.06
N ASP A 8 -20.28 -16.96 -0.48
CA ASP A 8 -19.30 -17.48 0.47
C ASP A 8 -18.48 -16.33 1.07
N PRO A 9 -18.68 -16.09 2.38
CA PRO A 9 -18.03 -14.98 3.10
C PRO A 9 -16.54 -15.20 3.28
N THR A 10 -16.13 -16.45 3.45
CA THR A 10 -14.72 -16.78 3.67
C THR A 10 -13.85 -16.24 2.54
N GLN A 11 -12.63 -15.85 2.89
CA GLN A 11 -11.70 -15.35 1.88
C GLN A 11 -11.45 -16.41 0.82
N THR A 12 -11.10 -15.97 -0.38
CA THR A 12 -10.90 -16.88 -1.50
C THR A 12 -9.70 -16.51 -2.36
N GLN A 13 -9.02 -17.52 -2.87
CA GLN A 13 -7.92 -17.31 -3.81
C GLN A 13 -7.87 -18.44 -4.84
N ASN A 14 -8.51 -18.20 -5.99
CA ASN A 14 -8.59 -19.19 -7.04
C ASN A 14 -7.78 -18.81 -8.27
N LEU A 15 -7.16 -17.63 -8.23
CA LEU A 15 -6.34 -17.17 -9.34
C LEU A 15 -4.88 -17.60 -9.18
N GLY A 16 -4.68 -18.84 -8.73
CA GLY A 16 -3.36 -19.41 -8.64
C GLY A 16 -2.68 -19.20 -7.30
N VAL A 17 -2.13 -20.28 -6.75
CA VAL A 17 -1.40 -20.23 -5.48
C VAL A 17 -0.10 -21.01 -5.55
N LYS A 18 0.96 -20.43 -4.99
CA LYS A 18 2.28 -21.06 -4.98
C LYS A 18 2.36 -22.05 -3.82
N THR A 19 2.29 -23.34 -4.13
CA THR A 19 2.26 -24.37 -3.10
C THR A 19 3.51 -25.23 -3.07
N ALA A 20 3.83 -25.74 -1.88
CA ALA A 20 4.92 -26.68 -1.70
C ALA A 20 4.46 -27.81 -0.79
N THR A 21 5.14 -28.95 -0.87
CA THR A 21 4.74 -30.13 -0.10
C THR A 21 5.73 -30.44 1.04
N VAL A 22 5.19 -30.84 2.18
CA VAL A 22 6.00 -31.19 3.34
C VAL A 22 6.86 -32.42 3.09
N THR A 23 8.17 -32.24 3.22
CA THR A 23 9.10 -33.33 2.94
C THR A 23 9.97 -33.66 4.16
N ARG A 24 10.11 -34.96 4.45
CA ARG A 24 11.02 -35.42 5.49
C ARG A 24 12.43 -35.48 4.91
N GLY A 25 13.33 -34.69 5.48
CA GLY A 25 14.71 -34.63 5.02
C GLY A 25 15.65 -34.01 6.03
N PRO A 26 16.94 -33.91 5.68
CA PRO A 26 17.96 -33.39 6.58
C PRO A 26 18.14 -31.87 6.44
N LEU A 27 18.41 -31.19 7.55
CA LEU A 27 18.82 -29.80 7.52
C LEU A 27 20.31 -29.74 7.18
N THR A 28 20.63 -29.10 6.07
CA THR A 28 22.03 -29.01 5.64
C THR A 28 22.71 -27.75 6.20
N PHE A 29 23.94 -27.91 6.66
CA PHE A 29 24.70 -26.82 7.26
C PHE A 29 26.06 -26.66 6.61
N ALA A 30 26.56 -25.43 6.58
CA ALA A 30 27.88 -25.14 6.03
C ALA A 30 28.36 -23.79 6.54
N GLN A 31 29.09 -23.81 7.66
CA GLN A 31 29.50 -22.58 8.31
C GLN A 31 31.01 -22.52 8.60
N SER A 32 31.50 -21.30 8.83
CA SER A 32 32.91 -21.08 9.14
C SER A 32 33.02 -20.38 10.49
N PHE A 33 33.43 -21.13 11.51
CA PHE A 33 33.55 -20.58 12.85
C PHE A 33 34.87 -19.83 13.03
N PRO A 34 34.82 -18.67 13.70
CA PRO A 34 36.02 -17.92 14.04
C PRO A 34 36.77 -18.58 15.21
N ALA A 35 38.06 -18.83 15.02
CA ALA A 35 38.85 -19.52 16.04
C ALA A 35 40.20 -18.82 16.27
N ASN A 36 40.86 -19.16 17.37
CA ASN A 36 42.15 -18.58 17.69
C ASN A 36 43.19 -19.62 18.09
N VAL A 37 44.46 -19.27 17.89
CA VAL A 37 45.57 -20.13 18.28
C VAL A 37 46.16 -19.63 19.59
N SER A 38 46.36 -20.54 20.54
CA SER A 38 46.86 -20.17 21.86
C SER A 38 47.81 -21.22 22.43
N TYR A 39 48.39 -20.92 23.59
CA TYR A 39 49.34 -21.83 24.24
C TYR A 39 48.63 -23.06 24.81
N ASN A 40 49.36 -24.16 24.89
CA ASN A 40 48.84 -25.36 25.54
C ASN A 40 48.89 -25.18 27.04
N GLU A 41 47.71 -25.15 27.67
CA GLU A 41 47.63 -24.90 29.09
C GLU A 41 47.85 -26.16 29.92
N TYR A 42 48.23 -27.24 29.23
CA TYR A 42 48.70 -28.44 29.90
C TYR A 42 50.22 -28.46 29.81
N GLN A 43 50.77 -27.40 29.23
CA GLN A 43 52.21 -27.19 29.20
C GLN A 43 52.55 -25.88 29.89
N TYR A 44 52.21 -25.80 31.18
CA TYR A 44 52.39 -24.58 31.96
C TYR A 44 53.57 -24.75 32.92
N ALA A 45 54.11 -23.63 33.39
CA ALA A 45 55.21 -23.66 34.34
C ALA A 45 55.49 -22.28 34.93
N ILE A 46 55.28 -22.15 36.24
CA ILE A 46 55.57 -20.91 36.93
C ILE A 46 56.72 -21.17 37.90
N VAL A 47 57.89 -20.64 37.59
CA VAL A 47 59.08 -20.90 38.40
C VAL A 47 59.23 -19.91 39.55
N GLN A 48 59.17 -20.44 40.78
CA GLN A 48 59.36 -19.63 41.98
C GLN A 48 60.50 -20.22 42.81
N ALA A 49 61.13 -19.39 43.62
CA ALA A 49 62.21 -19.86 44.49
C ALA A 49 61.64 -20.63 45.67
N ARG A 50 62.41 -21.58 46.19
CA ARG A 50 61.95 -22.39 47.32
C ARG A 50 62.17 -21.68 48.65
N ALA A 51 63.02 -20.67 48.65
CA ALA A 51 63.26 -19.87 49.84
C ALA A 51 63.84 -18.53 49.43
N ALA A 52 63.54 -17.49 50.21
CA ALA A 52 63.94 -16.13 49.87
C ALA A 52 65.45 -15.99 49.74
N GLY A 53 65.88 -14.92 49.09
CA GLY A 53 67.29 -14.64 48.92
C GLY A 53 67.49 -13.42 48.05
N PHE A 54 68.65 -13.33 47.40
CA PHE A 54 68.94 -12.23 46.51
C PHE A 54 69.54 -12.70 45.19
N ILE A 55 69.13 -12.06 44.10
CA ILE A 55 69.59 -12.44 42.77
C ILE A 55 71.03 -12.02 42.53
N ASP A 56 71.89 -13.01 42.27
CA ASP A 56 73.28 -12.77 41.96
C ASP A 56 73.46 -12.37 40.50
N LYS A 57 72.84 -13.13 39.60
CA LYS A 57 72.93 -12.88 38.18
C LYS A 57 71.70 -13.41 37.45
N VAL A 58 71.22 -12.67 36.46
CA VAL A 58 70.09 -13.11 35.63
C VAL A 58 70.50 -13.21 34.17
N TYR A 59 70.32 -14.39 33.59
CA TYR A 59 70.77 -14.68 32.23
C TYR A 59 70.02 -13.85 31.20
N PRO A 60 70.65 -13.62 30.02
CA PRO A 60 70.04 -12.87 28.92
C PRO A 60 68.72 -13.47 28.48
N LEU A 61 67.63 -12.94 29.03
CA LEU A 61 66.31 -13.51 28.78
C LEU A 61 65.25 -12.46 29.12
N THR A 62 64.10 -12.55 28.49
CA THR A 62 62.99 -11.64 28.78
C THR A 62 61.68 -12.18 28.23
N VAL A 63 60.58 -11.48 28.53
CA VAL A 63 59.27 -11.92 28.09
C VAL A 63 59.21 -11.98 26.57
N GLY A 64 58.52 -13.00 26.05
CA GLY A 64 58.40 -13.18 24.62
C GLY A 64 59.49 -14.03 24.02
N ASP A 65 60.46 -14.43 24.85
CA ASP A 65 61.58 -15.24 24.39
C ASP A 65 61.26 -16.74 24.47
N LYS A 66 61.82 -17.49 23.54
CA LYS A 66 61.62 -18.93 23.50
C LYS A 66 62.73 -19.65 24.27
N VAL A 67 62.34 -20.39 25.30
CA VAL A 67 63.30 -21.16 26.09
C VAL A 67 63.06 -22.66 25.96
N GLN A 68 64.11 -23.44 26.13
CA GLN A 68 64.00 -24.89 26.15
C GLN A 68 64.38 -25.41 27.52
N LYS A 69 63.90 -26.60 27.86
CA LYS A 69 64.15 -27.19 29.17
C LYS A 69 65.64 -27.15 29.50
N GLY A 70 65.97 -26.58 30.65
CA GLY A 70 67.35 -26.50 31.09
C GLY A 70 67.92 -25.10 30.96
N THR A 71 67.29 -24.28 30.13
CA THR A 71 67.76 -22.91 29.93
C THR A 71 67.82 -22.17 31.25
N PRO A 72 69.04 -21.81 31.69
CA PRO A 72 69.24 -21.08 32.94
C PRO A 72 68.48 -19.75 32.95
N LEU A 73 67.83 -19.46 34.07
CA LEU A 73 67.02 -18.26 34.20
C LEU A 73 67.75 -17.21 35.04
N LEU A 74 68.23 -17.63 36.20
CA LEU A 74 68.95 -16.73 37.10
C LEU A 74 69.69 -17.46 38.21
N ASP A 75 70.64 -16.78 38.83
CA ASP A 75 71.38 -17.32 39.96
C ASP A 75 71.01 -16.56 41.23
N LEU A 76 70.75 -17.28 42.31
CA LEU A 76 70.35 -16.64 43.56
C LEU A 76 71.06 -17.23 44.78
N THR A 77 71.25 -16.42 45.81
CA THR A 77 71.83 -16.89 47.07
C THR A 77 70.73 -17.15 48.10
N ILE A 78 70.58 -18.41 48.49
CA ILE A 78 69.58 -18.80 49.47
C ILE A 78 70.27 -19.30 50.74
N PRO A 79 70.15 -18.53 51.83
CA PRO A 79 70.82 -18.86 53.09
C PRO A 79 69.86 -19.49 54.10
N ASP A 80 68.89 -20.25 53.62
CA ASP A 80 67.92 -20.87 54.50
C ASP A 80 68.32 -22.29 54.86
N TRP A 81 69.05 -22.94 53.96
CA TRP A 81 69.43 -24.33 54.15
C TRP A 81 70.85 -24.47 54.65
N VAL A 82 71.54 -23.35 54.82
CA VAL A 82 72.94 -23.37 55.25
C VAL A 82 73.11 -24.00 56.64
N GLU A 83 72.26 -23.58 57.57
CA GLU A 83 72.34 -24.05 58.95
C GLU A 83 72.24 -25.58 59.03
N ALA A 84 71.39 -26.16 58.19
CA ALA A 84 71.16 -27.60 58.20
C ALA A 84 72.23 -28.36 57.42
N GLN A 85 72.73 -27.75 56.34
CA GLN A 85 73.78 -28.35 55.55
C GLN A 85 75.02 -28.59 56.42
N SER A 86 75.29 -27.67 57.33
CA SER A 86 76.36 -27.83 58.29
C SER A 86 76.04 -29.01 59.19
N GLU A 87 74.82 -29.04 59.71
CA GLU A 87 74.37 -30.10 60.60
C GLU A 87 74.61 -31.47 59.96
N TYR A 88 74.45 -31.54 58.64
CA TYR A 88 74.71 -32.79 57.90
C TYR A 88 76.20 -33.08 57.79
N LEU A 89 76.97 -32.08 57.34
CA LEU A 89 78.40 -32.26 57.13
C LEU A 89 79.11 -32.61 58.43
N LEU A 90 78.54 -32.18 59.56
CA LEU A 90 79.08 -32.52 60.86
C LEU A 90 78.91 -34.02 61.13
N LEU A 91 77.75 -34.54 60.79
CA LEU A 91 77.45 -35.97 60.95
C LEU A 91 78.40 -36.84 60.12
N ARG A 92 79.17 -36.20 59.24
CA ARG A 92 80.14 -36.92 58.43
C ARG A 92 81.52 -36.85 59.08
N GLU A 93 81.84 -35.70 59.64
CA GLU A 93 83.11 -35.52 60.33
C GLU A 93 83.17 -36.36 61.60
N THR A 94 82.00 -36.76 62.08
CA THR A 94 81.91 -37.52 63.33
C THR A 94 81.17 -38.85 63.14
N GLY A 95 81.13 -39.32 61.91
CA GLY A 95 80.53 -40.61 61.59
C GLY A 95 79.21 -40.89 62.29
N GLY A 96 78.27 -39.96 62.20
CA GLY A 96 76.95 -40.16 62.76
C GLY A 96 76.26 -41.35 62.14
N THR A 97 75.14 -41.77 62.73
CA THR A 97 74.39 -42.94 62.25
C THR A 97 74.05 -42.84 60.77
N ALA A 98 73.92 -43.99 60.12
CA ALA A 98 73.54 -44.03 58.71
C ALA A 98 72.09 -43.61 58.52
N THR A 99 71.37 -43.43 59.63
CA THR A 99 69.99 -42.98 59.57
C THR A 99 69.84 -41.59 60.18
N GLN A 100 70.81 -41.19 61.00
CA GLN A 100 70.86 -39.82 61.50
C GLN A 100 71.17 -38.90 60.32
N THR A 101 71.88 -39.45 59.34
CA THR A 101 72.24 -38.71 58.14
C THR A 101 71.04 -38.60 57.18
N GLU A 102 70.39 -39.72 56.92
CA GLU A 102 69.20 -39.72 56.08
C GLU A 102 68.13 -38.79 56.67
N GLY A 103 68.19 -38.61 57.99
CA GLY A 103 67.29 -37.70 58.67
C GLY A 103 67.53 -36.26 58.26
N ILE A 104 68.69 -35.73 58.62
CA ILE A 104 69.06 -34.37 58.27
C ILE A 104 68.91 -34.14 56.77
N LEU A 105 69.10 -35.20 55.99
CA LEU A 105 69.08 -35.11 54.54
C LEU A 105 67.66 -35.07 53.97
N GLU A 106 66.70 -35.51 54.77
CA GLU A 106 65.30 -35.53 54.33
C GLU A 106 64.55 -34.32 54.88
N ARG A 107 64.98 -33.83 56.05
CA ARG A 107 64.45 -32.60 56.59
C ARG A 107 64.92 -31.46 55.70
N LEU A 108 66.03 -31.70 55.01
CA LEU A 108 66.62 -30.71 54.11
C LEU A 108 65.85 -30.63 52.80
N ARG A 109 65.26 -31.74 52.38
CA ARG A 109 64.49 -31.76 51.14
C ARG A 109 63.07 -31.28 51.40
N LEU A 110 62.59 -31.49 52.63
CA LEU A 110 61.31 -30.92 53.04
C LEU A 110 61.46 -29.42 53.23
N ALA A 111 62.67 -29.00 53.60
CA ALA A 111 62.97 -27.59 53.78
C ALA A 111 62.78 -26.82 52.48
N GLY A 112 62.85 -27.55 51.36
CA GLY A 112 62.64 -26.97 50.06
C GLY A 112 63.82 -27.16 49.10
N MET A 113 65.00 -27.40 49.67
CA MET A 113 66.22 -27.56 48.88
C MET A 113 66.04 -28.63 47.80
N PRO A 114 66.20 -28.24 46.53
CA PRO A 114 65.99 -29.10 45.35
C PRO A 114 66.77 -30.42 45.46
N GLU A 115 66.18 -31.50 44.94
CA GLU A 115 66.79 -32.82 45.01
C GLU A 115 68.19 -32.83 44.40
N ALA A 116 68.38 -32.04 43.35
CA ALA A 116 69.66 -31.98 42.66
C ALA A 116 70.68 -31.17 43.44
N ASP A 117 70.20 -30.13 44.13
CA ASP A 117 71.07 -29.28 44.93
C ASP A 117 71.51 -30.00 46.21
N ILE A 118 70.74 -30.99 46.61
CA ILE A 118 71.08 -31.82 47.76
C ILE A 118 72.20 -32.79 47.39
N ARG A 119 72.13 -33.33 46.17
CA ARG A 119 73.17 -34.24 45.71
C ARG A 119 74.50 -33.53 45.56
N ARG A 120 74.47 -32.28 45.11
CA ARG A 120 75.69 -31.50 44.96
C ARG A 120 76.25 -31.15 46.34
N LEU A 121 75.44 -31.36 47.37
CA LEU A 121 75.90 -31.18 48.74
C LEU A 121 76.72 -32.38 49.17
N ILE A 122 76.15 -33.57 48.99
CA ILE A 122 76.81 -34.80 49.40
C ILE A 122 78.11 -35.03 48.62
N ALA A 123 78.13 -34.61 47.35
CA ALA A 123 79.27 -34.84 46.49
C ALA A 123 80.44 -33.90 46.80
N THR A 124 80.15 -32.63 47.00
CA THR A 124 81.18 -31.65 47.27
C THR A 124 81.52 -31.61 48.75
N GLN A 125 80.61 -32.13 49.57
CA GLN A 125 80.78 -32.10 51.01
C GLN A 125 80.94 -30.66 51.50
N LYS A 126 80.49 -29.72 50.68
CA LYS A 126 80.55 -28.30 51.04
C LYS A 126 79.15 -27.68 50.96
N ILE A 127 78.86 -26.78 51.89
CA ILE A 127 77.55 -26.12 51.93
C ILE A 127 77.26 -25.39 50.62
N GLN A 128 75.99 -25.39 50.23
CA GLN A 128 75.55 -24.74 48.99
C GLN A 128 74.77 -23.45 49.26
N THR A 129 75.21 -22.35 48.66
CA THR A 129 74.55 -21.07 48.84
C THR A 129 74.10 -20.46 47.51
N ARG A 130 74.89 -20.67 46.47
CA ARG A 130 74.56 -20.17 45.14
C ARG A 130 73.82 -21.22 44.33
N PHE A 131 72.63 -20.88 43.85
CA PHE A 131 71.85 -21.83 43.06
C PHE A 131 71.47 -21.22 41.70
N THR A 132 71.16 -22.08 40.73
CA THR A 132 70.73 -21.64 39.42
C THR A 132 69.38 -22.26 39.06
N LEU A 133 68.42 -21.43 38.70
CA LEU A 133 67.10 -21.91 38.30
C LEU A 133 67.01 -22.00 36.79
N LYS A 134 66.63 -23.16 36.28
CA LYS A 134 66.52 -23.37 34.84
C LYS A 134 65.08 -23.59 34.42
N ALA A 135 64.81 -23.41 33.13
CA ALA A 135 63.48 -23.63 32.56
C ALA A 135 63.12 -25.12 32.61
N PRO A 136 62.00 -25.44 33.27
CA PRO A 136 61.54 -26.81 33.46
C PRO A 136 61.04 -27.47 32.18
N ILE A 137 60.59 -26.66 31.23
CA ILE A 137 60.00 -27.18 29.99
C ILE A 137 60.32 -26.27 28.80
N ASP A 138 60.15 -26.80 27.59
CA ASP A 138 60.25 -25.99 26.39
C ASP A 138 59.01 -25.13 26.29
N GLY A 139 59.20 -23.85 26.00
CA GLY A 139 58.07 -22.94 25.86
C GLY A 139 58.43 -21.49 25.63
N VAL A 140 57.43 -20.62 25.76
CA VAL A 140 57.64 -19.19 25.59
C VAL A 140 57.54 -18.50 26.93
N ILE A 141 58.47 -17.59 27.19
CA ILE A 141 58.46 -16.81 28.41
C ILE A 141 57.38 -15.73 28.34
N THR A 142 56.25 -16.00 28.98
CA THR A 142 55.13 -15.06 28.98
C THR A 142 55.20 -14.13 30.18
N ALA A 143 56.23 -14.31 31.00
CA ALA A 143 56.43 -13.44 32.17
C ALA A 143 57.82 -13.64 32.77
N PHE A 144 58.39 -12.53 33.23
CA PHE A 144 59.74 -12.53 33.77
C PHE A 144 59.87 -11.38 34.78
N ASP A 145 59.57 -11.67 36.03
CA ASP A 145 59.40 -10.62 37.04
C ASP A 145 60.65 -10.25 37.82
N LEU A 146 61.75 -10.97 37.60
CA LEU A 146 62.98 -10.69 38.32
C LEU A 146 64.13 -10.27 37.42
N ARG A 147 64.76 -9.16 37.76
CA ARG A 147 65.96 -8.72 37.06
C ARG A 147 67.09 -8.57 38.07
N ALA A 148 68.27 -8.18 37.58
CA ALA A 148 69.45 -8.07 38.44
C ALA A 148 69.36 -6.92 39.42
N GLY A 149 69.97 -7.10 40.60
CA GLY A 149 70.00 -6.06 41.61
C GLY A 149 68.88 -6.21 42.62
N MET A 150 67.96 -7.11 42.33
CA MET A 150 66.78 -7.32 43.17
C MET A 150 66.99 -8.41 44.21
N ASN A 151 65.98 -8.58 45.07
CA ASN A 151 65.92 -9.71 45.96
C ASN A 151 64.89 -10.68 45.40
N ILE A 152 64.46 -11.65 46.20
CA ILE A 152 63.48 -12.62 45.72
C ILE A 152 62.69 -13.26 46.85
N ALA A 153 61.40 -13.44 46.64
CA ALA A 153 60.54 -14.11 47.61
C ALA A 153 59.85 -15.31 46.98
N LYS A 154 59.19 -16.11 47.81
CA LYS A 154 58.58 -17.35 47.36
C LYS A 154 57.28 -17.10 46.60
N ASP A 155 56.76 -15.88 46.68
CA ASP A 155 55.57 -15.51 45.94
C ASP A 155 55.96 -14.92 44.58
N ASN A 156 57.18 -14.41 44.48
CA ASN A 156 57.69 -13.87 43.23
C ASN A 156 57.72 -14.93 42.14
N VAL A 157 57.57 -14.49 40.89
CA VAL A 157 57.63 -15.40 39.76
C VAL A 157 58.80 -15.06 38.85
N VAL A 158 59.79 -15.95 38.79
CA VAL A 158 60.97 -15.71 37.95
C VAL A 158 60.68 -15.97 36.48
N ALA A 159 59.74 -16.89 36.20
CA ALA A 159 59.42 -17.23 34.82
C ALA A 159 58.08 -17.95 34.67
N LYS A 160 57.26 -17.44 33.76
CA LYS A 160 55.99 -18.05 33.41
C LYS A 160 56.13 -18.62 32.01
N ILE A 161 56.47 -19.90 31.93
CA ILE A 161 56.82 -20.54 30.67
C ILE A 161 55.74 -21.52 30.20
N GLN A 162 55.04 -21.14 29.13
CA GLN A 162 54.04 -22.01 28.55
C GLN A 162 54.42 -22.41 27.12
N GLY A 163 54.30 -23.70 26.83
CA GLY A 163 54.73 -24.24 25.55
C GLY A 163 53.64 -24.21 24.50
N MET A 164 53.94 -24.77 23.33
CA MET A 164 53.01 -24.67 22.21
C MET A 164 53.22 -25.72 21.11
N ASP A 165 53.99 -26.77 21.39
CA ASP A 165 54.20 -27.78 20.35
C ASP A 165 52.88 -28.44 19.98
N PRO A 166 52.28 -29.20 20.91
CA PRO A 166 50.85 -29.49 20.69
C PRO A 166 50.07 -28.21 20.93
N VAL A 167 50.05 -27.33 19.93
CA VAL A 167 49.45 -26.01 20.06
C VAL A 167 47.93 -26.09 20.10
N TRP A 168 47.31 -25.13 20.79
CA TRP A 168 45.86 -25.13 20.97
C TRP A 168 45.14 -24.20 20.00
N VAL A 169 43.95 -24.63 19.60
CA VAL A 169 43.06 -23.80 18.82
C VAL A 169 41.64 -23.93 19.36
N THR A 170 40.99 -22.79 19.59
CA THR A 170 39.64 -22.80 20.18
C THR A 170 38.69 -22.00 19.30
N ALA A 171 37.57 -22.63 18.92
CA ALA A 171 36.60 -21.99 18.04
C ALA A 171 35.36 -21.59 18.80
N ALA A 172 34.70 -20.52 18.35
CA ALA A 172 33.48 -20.06 18.98
C ALA A 172 32.24 -20.38 18.14
N ILE A 173 31.51 -21.41 18.55
CA ILE A 173 30.34 -21.86 17.80
C ILE A 173 29.06 -21.28 18.41
N PRO A 174 28.23 -20.66 17.56
CA PRO A 174 26.97 -20.05 17.99
C PRO A 174 26.10 -21.01 18.78
N GLU A 175 25.58 -20.52 19.91
CA GLU A 175 24.69 -21.27 20.77
C GLU A 175 23.65 -22.05 19.96
N SER A 176 23.19 -21.44 18.87
CA SER A 176 22.09 -21.97 18.06
C SER A 176 22.22 -23.45 17.71
N ILE A 177 23.40 -23.86 17.27
CA ILE A 177 23.60 -25.24 16.79
C ILE A 177 24.23 -26.17 17.80
N ALA A 178 24.02 -25.90 19.09
CA ALA A 178 24.51 -26.79 20.13
C ALA A 178 23.89 -28.17 19.95
N TRP A 179 22.65 -28.20 19.47
CA TRP A 179 21.93 -29.45 19.25
C TRP A 179 22.57 -30.25 18.12
N LEU A 180 23.38 -29.59 17.32
CA LEU A 180 24.00 -30.23 16.17
C LEU A 180 25.47 -30.58 16.42
N VAL A 181 26.24 -29.58 16.84
CA VAL A 181 27.68 -29.77 17.02
C VAL A 181 27.98 -30.82 18.08
N LYS A 182 27.00 -31.13 18.92
CA LYS A 182 27.19 -32.17 19.93
C LYS A 182 27.52 -33.50 19.26
N ASP A 183 26.86 -33.76 18.13
CA ASP A 183 27.04 -35.01 17.40
C ASP A 183 27.76 -34.77 16.09
N ALA A 184 28.83 -33.97 16.13
CA ALA A 184 29.59 -33.65 14.94
C ALA A 184 30.56 -34.76 14.58
N SER A 185 31.00 -34.78 13.32
CA SER A 185 31.90 -35.82 12.85
C SER A 185 33.32 -35.28 12.72
N GLN A 186 33.48 -34.26 11.88
CA GLN A 186 34.80 -33.71 11.62
C GLN A 186 34.74 -32.25 11.18
N PHE A 187 35.65 -31.44 11.70
CA PHE A 187 35.78 -30.06 11.28
C PHE A 187 37.03 -29.92 10.42
N THR A 188 37.11 -28.85 9.63
CA THR A 188 38.27 -28.62 8.80
C THR A 188 38.99 -27.33 9.21
N LEU A 189 40.15 -27.48 9.83
CA LEU A 189 40.91 -26.34 10.32
C LEU A 189 41.61 -25.63 9.18
N THR A 190 41.61 -24.30 9.25
CA THR A 190 42.26 -23.47 8.25
C THR A 190 42.72 -22.17 8.89
N VAL A 191 44.02 -21.90 8.82
CA VAL A 191 44.57 -20.68 9.40
C VAL A 191 45.11 -19.75 8.33
N PRO A 192 44.64 -18.49 8.34
CA PRO A 192 44.99 -17.48 7.33
C PRO A 192 46.49 -17.24 7.25
N ALA A 193 47.20 -17.45 8.35
CA ALA A 193 48.63 -17.23 8.38
C ALA A 193 49.38 -18.31 7.62
N ARG A 194 48.74 -19.45 7.43
CA ARG A 194 49.34 -20.56 6.69
C ARG A 194 48.34 -21.34 5.86
N PRO A 195 48.37 -21.11 4.54
CA PRO A 195 47.49 -21.76 3.55
C PRO A 195 47.87 -23.23 3.32
N ASP A 196 49.00 -23.65 3.87
CA ASP A 196 49.46 -25.03 3.70
C ASP A 196 49.27 -25.85 4.97
N LYS A 197 48.90 -25.17 6.05
CA LYS A 197 48.71 -25.82 7.34
C LYS A 197 47.25 -26.21 7.58
N THR A 198 46.45 -26.16 6.52
CA THR A 198 45.05 -26.55 6.59
C THR A 198 44.90 -28.07 6.65
N LEU A 199 44.06 -28.56 7.56
CA LEU A 199 43.92 -29.99 7.76
C LEU A 199 42.61 -30.36 8.46
N THR A 200 42.17 -31.59 8.27
CA THR A 200 40.93 -32.07 8.87
C THR A 200 41.11 -32.37 10.36
N ILE A 201 40.16 -31.92 11.16
CA ILE A 201 40.15 -32.21 12.59
C ILE A 201 39.06 -33.22 12.90
N ARG A 202 39.45 -34.32 13.55
CA ARG A 202 38.49 -35.39 13.82
C ARG A 202 38.27 -35.60 15.33
N LYS A 203 39.18 -35.08 16.14
CA LYS A 203 39.01 -35.17 17.59
C LYS A 203 39.19 -33.81 18.28
N TRP A 204 38.14 -33.40 18.99
CA TRP A 204 38.09 -32.10 19.64
C TRP A 204 37.34 -32.26 20.95
N THR A 205 37.29 -31.21 21.75
CA THR A 205 36.55 -31.26 23.00
C THR A 205 35.67 -30.03 23.21
N LEU A 206 34.37 -30.28 23.28
CA LEU A 206 33.39 -29.22 23.50
C LEU A 206 33.31 -28.90 24.98
N LEU A 207 33.68 -27.68 25.35
CA LEU A 207 33.68 -27.28 26.75
C LEU A 207 32.25 -27.14 27.28
N PRO A 208 32.08 -27.30 28.60
CA PRO A 208 30.76 -27.30 29.24
C PRO A 208 30.20 -25.90 29.44
N GLY A 209 30.98 -24.88 29.10
CA GLY A 209 30.54 -23.51 29.28
C GLY A 209 30.60 -22.71 28.00
N VAL A 210 29.64 -21.79 27.84
CA VAL A 210 29.61 -20.91 26.68
C VAL A 210 29.86 -19.46 27.10
N ASP A 211 30.44 -18.69 26.20
CA ASP A 211 30.76 -17.30 26.49
C ASP A 211 29.49 -16.46 26.54
N ALA A 212 29.44 -15.49 27.45
CA ALA A 212 28.27 -14.64 27.60
C ALA A 212 28.29 -13.46 26.63
N ALA A 213 29.37 -12.68 26.67
CA ALA A 213 29.52 -11.54 25.76
C ALA A 213 29.04 -11.92 24.37
N THR A 214 29.68 -12.93 23.80
CA THR A 214 29.24 -13.49 22.52
C THR A 214 28.71 -14.88 22.78
N ARG A 215 27.39 -15.01 22.85
CA ARG A 215 26.77 -16.29 23.21
C ARG A 215 27.24 -17.41 22.29
N THR A 216 28.38 -18.03 22.64
CA THR A 216 29.02 -19.02 21.80
C THR A 216 29.58 -20.19 22.59
N LEU A 217 29.44 -21.39 22.03
CA LEU A 217 30.07 -22.59 22.57
C LEU A 217 31.57 -22.49 22.35
N GLN A 218 32.34 -23.18 23.20
CA GLN A 218 33.79 -23.21 23.05
C GLN A 218 34.28 -24.60 22.69
N LEU A 219 34.91 -24.72 21.53
CA LEU A 219 35.44 -26.00 21.07
C LEU A 219 36.96 -25.93 20.94
N ARG A 220 37.65 -26.69 21.78
CA ARG A 220 39.12 -26.67 21.80
C ARG A 220 39.72 -27.92 21.18
N LEU A 221 40.81 -27.73 20.44
CA LEU A 221 41.48 -28.84 19.76
C LEU A 221 42.99 -28.62 19.74
N GLU A 222 43.73 -29.72 19.82
CA GLU A 222 45.19 -29.66 19.75
C GLU A 222 45.66 -29.86 18.32
N VAL A 223 46.82 -29.31 18.00
CA VAL A 223 47.42 -29.48 16.69
C VAL A 223 48.93 -29.62 16.83
N ASP A 224 49.53 -30.55 16.09
CA ASP A 224 50.98 -30.71 16.10
C ASP A 224 51.63 -29.47 15.49
N ASN A 225 52.61 -28.93 16.18
CA ASN A 225 53.27 -27.72 15.74
C ASN A 225 54.79 -27.79 15.95
N ALA A 226 55.38 -28.87 15.42
CA ALA A 226 56.82 -29.08 15.54
C ALA A 226 57.60 -27.94 14.92
N ASP A 227 57.29 -27.62 13.67
CA ASP A 227 58.00 -26.58 12.94
C ASP A 227 57.72 -25.18 13.50
N GLU A 228 56.94 -25.14 14.59
CA GLU A 228 56.60 -23.86 15.23
C GLU A 228 55.94 -22.91 14.22
N ALA A 229 55.04 -23.46 13.41
CA ALA A 229 54.35 -22.68 12.38
C ALA A 229 53.20 -21.85 12.96
N LEU A 230 52.18 -22.53 13.47
CA LEU A 230 51.04 -21.84 14.08
C LEU A 230 51.45 -21.21 15.41
N LYS A 231 51.69 -19.90 15.40
CA LYS A 231 52.06 -19.19 16.62
C LYS A 231 50.81 -18.71 17.37
N PRO A 232 50.83 -18.82 18.70
CA PRO A 232 49.73 -18.36 19.54
C PRO A 232 49.47 -16.88 19.36
N GLY A 233 48.22 -16.51 19.10
CA GLY A 233 47.87 -15.13 18.83
C GLY A 233 47.36 -14.97 17.42
N MET A 234 47.44 -16.05 16.65
CA MET A 234 46.99 -16.05 15.26
C MET A 234 45.49 -16.33 15.14
N ASN A 235 44.85 -15.74 14.15
CA ASN A 235 43.47 -16.07 13.84
C ASN A 235 43.41 -17.43 13.15
N ALA A 236 42.26 -18.09 13.26
CA ALA A 236 42.05 -19.37 12.60
C ALA A 236 40.56 -19.60 12.32
N TRP A 237 40.26 -20.50 11.41
CA TRP A 237 38.87 -20.79 11.05
C TRP A 237 38.56 -22.27 11.14
N LEU A 238 37.40 -22.58 11.71
CA LEU A 238 36.94 -23.97 11.83
C LEU A 238 35.70 -24.20 10.99
N GLN A 239 35.86 -24.94 9.89
CA GLN A 239 34.78 -25.16 8.94
C GLN A 239 33.93 -26.37 9.35
N LEU A 240 32.62 -26.26 9.12
CA LEU A 240 31.69 -27.35 9.42
C LEU A 240 30.66 -27.56 8.31
N ASN A 241 30.83 -28.63 7.54
CA ASN A 241 29.84 -29.03 6.55
C ASN A 241 29.17 -30.32 6.98
N THR A 242 27.88 -30.25 7.30
CA THR A 242 27.15 -31.41 7.81
C THR A 242 25.66 -31.31 7.52
N ALA A 243 24.93 -32.36 7.87
CA ALA A 243 23.48 -32.42 7.68
C ALA A 243 22.82 -33.13 8.86
N SER A 244 21.67 -32.63 9.27
CA SER A 244 21.01 -33.14 10.48
C SER A 244 20.23 -34.42 10.22
N GLU A 245 19.75 -35.02 11.29
CA GLU A 245 18.86 -36.18 11.19
C GLU A 245 17.58 -35.76 10.47
N PRO A 246 17.01 -36.67 9.68
CA PRO A 246 15.81 -36.37 8.89
C PRO A 246 14.67 -35.82 9.75
N MET A 247 14.14 -34.68 9.34
CA MET A 247 13.02 -34.05 10.04
C MET A 247 11.99 -33.56 9.03
N LEU A 248 10.82 -33.15 9.51
CA LEU A 248 9.78 -32.60 8.64
C LEU A 248 10.18 -31.21 8.16
N LEU A 249 10.38 -31.07 6.86
CA LEU A 249 10.84 -29.80 6.29
C LEU A 249 9.75 -29.06 5.53
N ILE A 250 9.73 -27.74 5.67
CA ILE A 250 8.85 -26.88 4.87
C ILE A 250 9.58 -25.59 4.53
N PRO A 251 9.23 -24.99 3.38
CA PRO A 251 9.84 -23.72 2.97
C PRO A 251 9.68 -22.66 4.06
N SER A 252 10.73 -21.88 4.28
CA SER A 252 10.72 -20.88 5.34
C SER A 252 9.64 -19.83 5.14
N GLN A 253 9.46 -19.41 3.89
CA GLN A 253 8.43 -18.41 3.59
C GLN A 253 7.03 -18.94 3.83
N ALA A 254 6.93 -20.21 4.21
CA ALA A 254 5.65 -20.86 4.40
C ALA A 254 5.14 -20.70 5.84
N LEU A 255 6.07 -20.43 6.75
CA LEU A 255 5.72 -20.35 8.17
C LEU A 255 5.32 -18.93 8.57
N ILE A 256 4.05 -18.77 8.95
CA ILE A 256 3.58 -17.49 9.47
C ILE A 256 3.78 -17.44 10.97
N ASP A 257 4.82 -16.72 11.39
CA ASP A 257 5.17 -16.65 12.80
C ASP A 257 4.92 -15.27 13.37
N THR A 258 4.16 -15.22 14.46
CA THR A 258 4.03 -13.99 15.24
C THR A 258 5.10 -14.04 16.32
N GLY A 259 4.96 -13.22 17.36
CA GLY A 259 5.90 -13.27 18.46
C GLY A 259 5.71 -14.50 19.33
N SER A 260 4.56 -15.15 19.20
CA SER A 260 4.20 -16.25 20.08
C SER A 260 3.44 -17.36 19.35
N GLU A 261 3.18 -17.15 18.07
CA GLU A 261 2.35 -18.09 17.32
C GLU A 261 2.92 -18.39 15.94
N GLN A 262 3.62 -19.50 15.81
CA GLN A 262 4.04 -19.95 14.50
C GLN A 262 3.04 -20.96 13.95
N ARG A 263 2.78 -20.88 12.66
CA ARG A 263 1.80 -21.74 12.01
C ARG A 263 1.94 -21.66 10.51
N VAL A 264 1.32 -22.60 9.82
CA VAL A 264 1.38 -22.64 8.36
C VAL A 264 0.01 -22.89 7.74
N ILE A 265 -0.24 -22.27 6.59
CA ILE A 265 -1.51 -22.43 5.92
C ILE A 265 -1.44 -23.55 4.87
N THR A 266 -2.21 -24.61 5.10
CA THR A 266 -2.13 -25.78 4.25
C THR A 266 -3.29 -25.87 3.26
N VAL A 267 -2.99 -26.26 2.03
CA VAL A 267 -4.00 -26.51 1.02
C VAL A 267 -4.45 -27.96 1.09
N ASP A 268 -5.71 -28.17 1.45
CA ASP A 268 -6.24 -29.53 1.62
C ASP A 268 -6.49 -30.21 0.28
N ALA A 269 -7.24 -31.31 0.32
CA ALA A 269 -7.50 -32.12 -0.87
C ALA A 269 -8.40 -31.39 -1.87
N ASP A 270 -9.20 -30.46 -1.38
CA ASP A 270 -10.12 -29.71 -2.24
C ASP A 270 -9.48 -28.44 -2.79
N GLY A 271 -8.46 -27.96 -2.09
CA GLY A 271 -7.80 -26.73 -2.47
C GLY A 271 -8.18 -25.59 -1.56
N ARG A 272 -8.87 -25.92 -0.48
CA ARG A 272 -9.32 -24.92 0.49
C ARG A 272 -8.21 -24.59 1.49
N PHE A 273 -8.07 -23.31 1.82
CA PHE A 273 -7.07 -22.88 2.79
C PHE A 273 -7.42 -23.32 4.20
N VAL A 274 -6.50 -24.01 4.86
CA VAL A 274 -6.70 -24.43 6.25
C VAL A 274 -5.44 -24.26 7.07
N PRO A 275 -5.41 -23.22 7.93
CA PRO A 275 -4.27 -22.89 8.78
C PRO A 275 -4.12 -23.88 9.94
N LYS A 276 -2.92 -24.41 10.11
CA LYS A 276 -2.62 -25.35 11.19
C LYS A 276 -1.51 -24.80 12.09
N ARG A 277 -1.58 -25.11 13.38
CA ARG A 277 -0.52 -24.75 14.31
C ARG A 277 0.59 -25.79 14.25
N VAL A 278 1.84 -25.33 14.15
CA VAL A 278 2.98 -26.23 14.12
C VAL A 278 4.00 -25.83 15.18
N ALA A 279 5.01 -26.67 15.37
CA ALA A 279 6.09 -26.37 16.30
C ALA A 279 7.42 -26.45 15.56
N VAL A 280 8.13 -25.32 15.48
CA VAL A 280 9.37 -25.28 14.72
C VAL A 280 10.58 -25.71 15.53
N PHE A 281 11.39 -26.59 14.95
CA PHE A 281 12.64 -27.01 15.56
C PHE A 281 13.70 -25.94 15.31
N GLN A 282 14.11 -25.81 14.06
CA GLN A 282 15.07 -24.78 13.68
C GLN A 282 15.29 -24.80 12.17
N ALA A 283 15.62 -23.63 11.61
CA ALA A 283 15.76 -23.50 10.17
C ALA A 283 17.22 -23.52 9.73
N SER A 284 17.43 -23.62 8.42
CA SER A 284 18.76 -23.60 7.85
C SER A 284 18.71 -23.51 6.33
N GLN A 285 19.25 -22.42 5.79
CA GLN A 285 19.35 -22.24 4.35
C GLN A 285 17.99 -22.05 3.68
N GLY A 286 17.12 -21.26 4.31
CA GLY A 286 15.84 -20.91 3.72
C GLY A 286 14.79 -21.99 3.82
N VAL A 287 15.04 -22.99 4.66
CA VAL A 287 14.08 -24.06 4.88
C VAL A 287 14.05 -24.45 6.36
N THR A 288 12.90 -24.27 7.00
CA THR A 288 12.76 -24.57 8.42
C THR A 288 12.31 -26.01 8.63
N ALA A 289 12.74 -26.60 9.74
CA ALA A 289 12.31 -27.94 10.11
C ALA A 289 11.24 -27.86 11.18
N LEU A 290 10.25 -28.75 11.11
CA LEU A 290 9.15 -28.73 12.05
C LEU A 290 9.22 -29.91 13.02
N ARG A 291 8.87 -29.64 14.27
CA ARG A 291 8.89 -30.65 15.33
C ARG A 291 7.60 -31.46 15.29
N SER A 292 6.49 -30.78 15.05
CA SER A 292 5.18 -31.41 15.00
C SER A 292 4.10 -30.44 14.55
N GLY A 293 3.17 -30.93 13.73
CA GLY A 293 2.06 -30.11 13.27
C GLY A 293 1.56 -30.49 11.90
N LEU A 294 2.45 -31.02 11.07
CA LEU A 294 2.08 -31.43 9.72
C LEU A 294 2.42 -32.89 9.47
N ALA A 295 1.85 -33.43 8.40
CA ALA A 295 2.13 -34.80 7.99
C ALA A 295 3.10 -34.80 6.82
N GLU A 296 3.83 -35.90 6.65
CA GLU A 296 4.80 -36.00 5.57
C GLU A 296 4.11 -36.08 4.21
N GLY A 297 3.95 -34.93 3.56
CA GLY A 297 3.36 -34.90 2.23
C GLY A 297 2.26 -33.86 2.07
N GLU A 298 1.81 -33.30 3.18
CA GLU A 298 0.76 -32.28 3.13
C GLU A 298 1.18 -31.10 2.26
N LYS A 299 0.20 -30.50 1.59
CA LYS A 299 0.45 -29.30 0.81
C LYS A 299 0.32 -28.04 1.68
N VAL A 300 1.23 -27.10 1.49
CA VAL A 300 1.22 -25.85 2.25
C VAL A 300 1.68 -24.70 1.37
N VAL A 301 0.96 -23.59 1.44
CA VAL A 301 1.32 -22.41 0.67
C VAL A 301 2.55 -21.72 1.23
N SER A 302 3.55 -21.52 0.38
CA SER A 302 4.78 -20.86 0.79
C SER A 302 4.68 -19.34 0.67
N SER A 303 3.90 -18.73 1.55
CA SER A 303 3.71 -17.28 1.55
C SER A 303 3.13 -16.72 2.85
N GLY A 304 3.88 -15.82 3.48
CA GLY A 304 3.33 -14.98 4.52
C GLY A 304 2.83 -13.73 3.84
N LEU A 305 2.80 -13.80 2.51
CA LEU A 305 2.45 -12.68 1.66
C LEU A 305 0.94 -12.56 1.47
N PHE A 306 0.17 -13.21 2.35
CA PHE A 306 -1.29 -13.17 2.26
C PHE A 306 -1.91 -12.33 3.37
N LEU A 307 -1.07 -11.63 4.12
CA LEU A 307 -1.54 -10.77 5.20
C LEU A 307 -0.75 -9.45 5.17
N ILE A 308 -1.44 -8.35 4.87
CA ILE A 308 -0.79 -7.04 4.76
C ILE A 308 0.14 -6.74 5.95
N ASP A 309 1.41 -6.46 5.64
CA ASP A 309 2.41 -6.24 6.68
C ASP A 309 1.97 -5.16 7.67
N SER A 310 1.71 -3.96 7.16
CA SER A 310 1.28 -2.84 7.99
C SER A 310 0.60 -3.29 9.27
N GLU A 311 -0.52 -3.99 9.12
CA GLU A 311 -1.24 -4.52 10.27
C GLU A 311 -2.37 -5.44 9.87
N ALA A 312 -2.02 -6.57 9.27
CA ALA A 312 -2.98 -7.64 9.04
C ALA A 312 -2.98 -8.52 10.28
N ASN A 313 -3.66 -8.06 11.34
CA ASN A 313 -3.74 -8.80 12.58
C ASN A 313 -3.82 -10.31 12.32
N ILE A 314 -2.70 -10.98 12.46
CA ILE A 314 -2.55 -12.36 12.00
C ILE A 314 -3.68 -13.28 12.45
N SER A 315 -4.01 -13.23 13.74
CA SER A 315 -5.08 -14.07 14.27
C SER A 315 -6.37 -13.84 13.49
N GLY A 316 -6.75 -12.58 13.34
CA GLY A 316 -7.96 -12.22 12.63
C GLY A 316 -7.91 -12.60 11.16
N ALA A 317 -6.78 -12.31 10.53
CA ALA A 317 -6.62 -12.56 9.10
C ALA A 317 -6.66 -14.05 8.76
N LEU A 318 -6.10 -14.87 9.65
CA LEU A 318 -6.11 -16.31 9.43
C LEU A 318 -7.51 -16.88 9.64
N GLU A 319 -8.27 -16.25 10.54
CA GLU A 319 -9.61 -16.71 10.86
C GLU A 319 -10.57 -16.42 9.70
N ARG A 320 -10.23 -15.41 8.90
CA ARG A 320 -11.03 -15.05 7.73
C ARG A 320 -10.93 -16.08 6.62
N MET A 321 -10.17 -17.15 6.86
CA MET A 321 -9.94 -18.14 5.82
C MET A 321 -10.63 -19.47 6.13
N ARG A 322 -11.32 -19.52 7.27
CA ARG A 322 -12.04 -20.73 7.68
C ARG A 322 -13.46 -20.42 8.16
N SER A 323 -14.39 -21.32 7.86
CA SER A 323 -15.77 -21.20 8.31
C SER A 323 -16.63 -22.32 7.75
N ALA B 2 -37.17 1.77 20.85
CA ALA B 2 -36.69 0.40 20.86
C ALA B 2 -35.20 0.34 20.53
N SER B 3 -34.36 0.39 21.56
CA SER B 3 -32.91 0.35 21.39
C SER B 3 -32.47 -0.81 20.51
N GLY B 4 -31.37 -0.60 19.78
CA GLY B 4 -30.85 -1.62 18.89
C GLY B 4 -31.04 -1.29 17.42
N VAL B 5 -30.72 -2.25 16.56
CA VAL B 5 -30.85 -2.08 15.12
C VAL B 5 -31.07 -3.41 14.40
N ARG B 6 -32.05 -3.43 13.49
CA ARG B 6 -32.38 -4.64 12.75
C ARG B 6 -31.57 -4.71 11.46
N ILE B 7 -31.17 -5.91 11.08
CA ILE B 7 -30.42 -6.10 9.84
C ILE B 7 -30.81 -7.38 9.11
N ASP B 8 -31.13 -7.24 7.83
CA ASP B 8 -31.46 -8.39 6.99
C ASP B 8 -30.41 -9.48 7.12
N PRO B 9 -30.82 -10.64 7.63
CA PRO B 9 -29.94 -11.80 7.88
C PRO B 9 -29.11 -12.22 6.67
N THR B 10 -29.68 -12.09 5.46
CA THR B 10 -28.95 -12.44 4.25
C THR B 10 -27.73 -11.53 4.01
N GLN B 11 -27.76 -10.34 4.58
CA GLN B 11 -26.60 -9.45 4.52
C GLN B 11 -25.56 -9.82 5.58
N THR B 12 -26.03 -10.07 6.80
CA THR B 12 -25.14 -10.47 7.89
C THR B 12 -24.44 -11.78 7.53
N GLN B 13 -25.16 -12.66 6.85
CA GLN B 13 -24.61 -13.94 6.43
C GLN B 13 -23.53 -13.75 5.37
N ASN B 14 -23.76 -12.81 4.45
CA ASN B 14 -22.76 -12.47 3.45
C ASN B 14 -21.54 -11.81 4.10
N LEU B 15 -21.79 -11.04 5.14
CA LEU B 15 -20.71 -10.41 5.91
C LEU B 15 -19.90 -11.46 6.63
N GLY B 16 -20.44 -12.68 6.71
CA GLY B 16 -19.78 -13.77 7.39
C GLY B 16 -19.72 -13.55 8.90
N VAL B 17 -20.69 -12.81 9.41
CA VAL B 17 -20.73 -12.47 10.83
C VAL B 17 -20.50 -13.69 11.71
N LYS B 18 -19.61 -13.53 12.68
CA LYS B 18 -19.36 -14.56 13.69
C LYS B 18 -19.59 -13.95 15.06
N THR B 19 -20.09 -14.75 15.99
CA THR B 19 -20.40 -14.26 17.32
C THR B 19 -19.80 -15.13 18.42
N ALA B 20 -19.48 -14.51 19.55
CA ALA B 20 -18.89 -15.21 20.68
C ALA B 20 -19.75 -15.06 21.93
N THR B 21 -19.70 -16.08 22.79
CA THR B 21 -20.52 -16.10 24.00
C THR B 21 -19.77 -15.64 25.24
N VAL B 22 -20.39 -14.74 25.99
CA VAL B 22 -19.78 -14.19 27.19
C VAL B 22 -19.65 -15.22 28.30
N THR B 23 -18.44 -15.38 28.82
CA THR B 23 -18.19 -16.29 29.93
C THR B 23 -17.56 -15.55 31.10
N ARG B 24 -17.31 -16.27 32.18
CA ARG B 24 -16.68 -15.68 33.36
C ARG B 24 -15.59 -16.59 33.91
N GLY B 25 -14.47 -15.99 34.29
CA GLY B 25 -13.33 -16.72 34.82
C GLY B 25 -12.12 -15.82 34.86
N PRO B 26 -10.97 -16.39 35.26
CA PRO B 26 -9.76 -15.57 35.38
C PRO B 26 -9.11 -15.37 34.02
N LEU B 27 -8.32 -14.30 33.89
CA LEU B 27 -7.64 -13.97 32.65
C LEU B 27 -6.19 -14.40 32.73
N THR B 28 -5.83 -15.41 31.95
CA THR B 28 -4.46 -15.92 31.97
C THR B 28 -3.48 -14.93 31.35
N PHE B 29 -2.72 -14.23 32.21
CA PHE B 29 -1.67 -13.34 31.75
C PHE B 29 -0.52 -14.13 31.16
N ALA B 30 0.03 -13.64 30.06
CA ALA B 30 1.19 -14.28 29.44
C ALA B 30 2.24 -13.24 29.07
N GLN B 31 3.49 -13.56 29.32
CA GLN B 31 4.60 -12.67 29.00
C GLN B 31 5.92 -13.44 28.98
N SER B 32 6.81 -13.05 28.09
CA SER B 32 8.08 -13.75 27.94
C SER B 32 9.25 -12.88 28.38
N PHE B 33 10.11 -13.45 29.22
CA PHE B 33 11.29 -12.76 29.72
C PHE B 33 12.55 -13.52 29.34
N PRO B 34 13.67 -12.79 29.18
CA PRO B 34 14.96 -13.42 28.87
C PRO B 34 15.66 -13.89 30.15
N ALA B 35 16.32 -15.04 30.07
CA ALA B 35 17.00 -15.59 31.23
C ALA B 35 18.35 -16.18 30.86
N ASN B 36 19.21 -16.32 31.87
CA ASN B 36 20.55 -16.86 31.67
C ASN B 36 20.73 -18.21 32.34
N VAL B 37 21.32 -19.15 31.61
CA VAL B 37 21.74 -20.40 32.19
C VAL B 37 23.05 -20.14 32.91
N SER B 38 23.12 -20.47 34.20
CA SER B 38 24.31 -20.21 34.99
C SER B 38 24.58 -21.33 35.97
N TYR B 39 25.77 -21.33 36.56
CA TYR B 39 26.17 -22.38 37.49
C TYR B 39 25.30 -22.40 38.74
N ASN B 40 25.16 -23.58 39.34
CA ASN B 40 24.48 -23.72 40.62
C ASN B 40 25.41 -23.29 41.74
N GLU B 41 24.99 -22.27 42.49
CA GLU B 41 25.86 -21.67 43.50
C GLU B 41 25.82 -22.40 44.84
N TYR B 42 25.17 -23.56 44.87
CA TYR B 42 25.17 -24.40 46.05
C TYR B 42 26.08 -25.60 45.78
N GLN B 43 26.50 -25.72 44.53
CA GLN B 43 27.50 -26.69 44.13
C GLN B 43 28.82 -25.95 43.94
N TYR B 44 29.27 -25.30 45.01
CA TYR B 44 30.41 -24.40 44.94
C TYR B 44 31.56 -24.91 45.80
N ALA B 45 32.67 -25.24 45.16
CA ALA B 45 33.86 -25.71 45.87
C ALA B 45 35.09 -24.89 45.49
N ILE B 46 35.81 -24.44 46.50
CA ILE B 46 37.06 -23.72 46.29
C ILE B 46 38.17 -24.39 47.07
N VAL B 47 38.93 -25.25 46.41
CA VAL B 47 39.97 -26.02 47.08
C VAL B 47 41.15 -25.14 47.48
N GLN B 48 41.43 -25.10 48.78
CA GLN B 48 42.59 -24.40 49.29
C GLN B 48 43.45 -25.35 50.11
N ALA B 49 44.76 -25.13 50.08
CA ALA B 49 45.69 -26.01 50.80
C ALA B 49 45.50 -25.94 52.30
N ARG B 50 45.58 -27.09 52.97
CA ARG B 50 45.43 -27.14 54.41
C ARG B 50 46.64 -26.56 55.12
N ALA B 51 47.77 -26.56 54.43
CA ALA B 51 49.01 -26.04 54.99
C ALA B 51 50.00 -25.77 53.86
N ALA B 52 51.03 -24.99 54.15
CA ALA B 52 51.98 -24.56 53.13
C ALA B 52 52.84 -25.70 52.59
N GLY B 53 53.49 -25.44 51.46
CA GLY B 53 54.33 -26.42 50.82
C GLY B 53 54.72 -26.02 49.42
N PHE B 54 54.98 -27.00 48.56
CA PHE B 54 55.33 -26.74 47.18
C PHE B 54 54.73 -27.78 46.24
N ILE B 55 54.50 -27.39 44.99
CA ILE B 55 53.86 -28.28 44.02
C ILE B 55 54.84 -29.20 43.32
N ASP B 56 54.56 -30.49 43.37
CA ASP B 56 55.37 -31.49 42.69
C ASP B 56 54.77 -31.81 41.34
N LYS B 57 53.45 -31.96 41.32
CA LYS B 57 52.75 -32.41 40.12
C LYS B 57 51.53 -31.54 39.85
N VAL B 58 51.28 -31.24 38.59
CA VAL B 58 50.05 -30.55 38.18
C VAL B 58 49.42 -31.31 37.02
N TYR B 59 48.30 -31.95 37.30
CA TYR B 59 47.64 -32.80 36.30
C TYR B 59 47.10 -31.99 35.13
N PRO B 60 46.86 -32.67 33.99
CA PRO B 60 46.29 -32.03 32.80
C PRO B 60 44.94 -31.41 33.13
N LEU B 61 44.93 -30.12 33.40
CA LEU B 61 43.73 -29.46 33.89
C LEU B 61 43.90 -27.95 33.89
N THR B 62 43.04 -27.26 33.17
CA THR B 62 43.06 -25.80 33.17
C THR B 62 41.65 -25.26 33.32
N VAL B 63 41.54 -23.95 33.54
CA VAL B 63 40.24 -23.32 33.72
C VAL B 63 39.36 -23.46 32.49
N GLY B 64 38.21 -24.11 32.68
CA GLY B 64 37.27 -24.34 31.59
C GLY B 64 36.91 -25.81 31.45
N ASP B 65 37.74 -26.67 32.03
CA ASP B 65 37.54 -28.10 31.96
C ASP B 65 36.51 -28.57 32.97
N LYS B 66 35.90 -29.73 32.72
CA LYS B 66 34.97 -30.34 33.67
C LYS B 66 35.68 -31.45 34.43
N VAL B 67 35.58 -31.42 35.75
CA VAL B 67 36.16 -32.45 36.59
C VAL B 67 35.10 -33.21 37.37
N GLN B 68 35.21 -34.53 37.38
CA GLN B 68 34.32 -35.36 38.19
C GLN B 68 34.86 -35.43 39.61
N LYS B 69 33.97 -35.59 40.58
CA LYS B 69 34.39 -35.70 41.98
C LYS B 69 35.43 -36.80 42.12
N GLY B 70 36.67 -36.40 42.38
CA GLY B 70 37.75 -37.35 42.54
C GLY B 70 38.95 -36.99 41.68
N THR B 71 38.68 -36.37 40.53
CA THR B 71 39.75 -35.97 39.62
C THR B 71 40.89 -35.32 40.38
N PRO B 72 42.11 -35.87 40.22
CA PRO B 72 43.29 -35.30 40.88
C PRO B 72 43.62 -33.93 40.30
N LEU B 73 43.89 -32.98 41.18
CA LEU B 73 44.22 -31.62 40.77
C LEU B 73 45.72 -31.40 40.74
N LEU B 74 46.39 -31.73 41.83
CA LEU B 74 47.85 -31.60 41.91
C LEU B 74 48.45 -32.39 43.07
N ASP B 75 49.77 -32.47 43.10
CA ASP B 75 50.48 -33.11 44.20
C ASP B 75 51.42 -32.11 44.88
N LEU B 76 51.35 -32.06 46.21
CA LEU B 76 52.15 -31.12 46.98
C LEU B 76 52.79 -31.77 48.20
N THR B 77 53.95 -31.24 48.61
CA THR B 77 54.66 -31.74 49.78
C THR B 77 54.48 -30.79 50.98
N ILE B 78 53.76 -31.27 52.00
CA ILE B 78 53.48 -30.46 53.18
C ILE B 78 54.23 -31.03 54.37
N PRO B 79 55.25 -30.30 54.86
CA PRO B 79 56.12 -30.75 55.95
C PRO B 79 55.59 -30.45 57.34
N ASP B 80 54.63 -29.54 57.43
CA ASP B 80 54.14 -29.09 58.73
C ASP B 80 53.75 -30.21 59.68
N TRP B 81 53.31 -31.34 59.12
CA TRP B 81 52.75 -32.40 59.95
C TRP B 81 53.74 -33.52 60.34
N VAL B 82 55.00 -33.39 59.97
CA VAL B 82 55.96 -34.46 60.23
C VAL B 82 56.34 -34.59 61.71
N GLU B 83 56.68 -33.48 62.35
CA GLU B 83 57.10 -33.50 63.75
C GLU B 83 56.09 -34.25 64.60
N ALA B 84 54.81 -34.01 64.34
CA ALA B 84 53.74 -34.62 65.10
C ALA B 84 53.49 -36.07 64.70
N GLN B 85 53.86 -36.41 63.47
CA GLN B 85 53.70 -37.77 62.98
C GLN B 85 54.78 -38.70 63.52
N SER B 86 56.04 -38.29 63.36
CA SER B 86 57.15 -39.10 63.84
C SER B 86 57.06 -39.28 65.35
N GLU B 87 56.35 -38.37 66.01
CA GLU B 87 56.13 -38.46 67.45
C GLU B 87 55.07 -39.52 67.75
N TYR B 88 54.19 -39.73 66.78
CA TYR B 88 53.14 -40.74 66.89
C TYR B 88 53.67 -42.12 66.58
N LEU B 89 54.57 -42.20 65.61
CA LEU B 89 55.12 -43.47 65.17
C LEU B 89 56.14 -44.02 66.16
N LEU B 90 56.81 -43.15 66.88
CA LEU B 90 57.77 -43.58 67.90
C LEU B 90 57.05 -44.01 69.18
N LEU B 91 55.90 -43.41 69.44
CA LEU B 91 55.05 -43.83 70.54
C LEU B 91 54.43 -45.19 70.21
N ARG B 92 54.19 -45.42 68.92
CA ARG B 92 53.73 -46.71 68.45
C ARG B 92 54.81 -47.76 68.71
N GLU B 93 56.07 -47.36 68.57
CA GLU B 93 57.19 -48.23 68.86
C GLU B 93 57.21 -48.58 70.34
N THR B 94 57.33 -47.55 71.17
CA THR B 94 57.34 -47.73 72.63
C THR B 94 55.92 -47.83 73.17
N GLY B 95 55.08 -48.60 72.48
CA GLY B 95 53.70 -48.82 72.86
C GLY B 95 53.15 -47.91 73.94
N GLY B 96 52.68 -46.73 73.53
CA GLY B 96 52.09 -45.78 74.46
C GLY B 96 50.62 -46.07 74.68
N THR B 97 49.99 -45.28 75.54
CA THR B 97 48.57 -45.47 75.85
C THR B 97 47.69 -45.05 74.67
N ALA B 98 46.56 -45.73 74.50
CA ALA B 98 45.63 -45.40 73.43
C ALA B 98 45.16 -43.95 73.52
N THR B 99 45.13 -43.42 74.73
CA THR B 99 44.74 -42.04 74.95
C THR B 99 45.88 -41.09 74.60
N GLN B 100 47.10 -41.54 74.82
CA GLN B 100 48.29 -40.78 74.44
C GLN B 100 48.43 -40.75 72.92
N THR B 101 47.89 -41.78 72.27
CA THR B 101 47.88 -41.87 70.82
C THR B 101 46.78 -41.01 70.20
N GLU B 102 45.53 -41.26 70.62
CA GLU B 102 44.41 -40.48 70.13
C GLU B 102 44.69 -38.99 70.20
N GLY B 103 45.31 -38.57 71.29
CA GLY B 103 45.63 -37.16 71.49
C GLY B 103 46.58 -36.60 70.47
N ILE B 104 47.37 -37.47 69.83
CA ILE B 104 48.31 -37.04 68.81
C ILE B 104 47.63 -37.01 67.44
N LEU B 105 46.72 -37.94 67.20
CA LEU B 105 45.95 -37.97 65.97
C LEU B 105 44.88 -36.88 65.99
N GLU B 106 44.80 -36.19 67.12
CA GLU B 106 43.87 -35.08 67.27
C GLU B 106 44.57 -33.76 66.98
N ARG B 107 45.79 -33.62 67.49
CA ARG B 107 46.59 -32.45 67.19
C ARG B 107 46.88 -32.41 65.69
N LEU B 108 46.85 -33.58 65.08
CA LEU B 108 47.02 -33.70 63.64
C LEU B 108 45.77 -33.20 62.93
N ARG B 109 44.63 -33.72 63.35
CA ARG B 109 43.34 -33.37 62.75
C ARG B 109 43.11 -31.85 62.72
N LEU B 110 43.03 -31.23 63.89
CA LEU B 110 42.74 -29.81 63.97
C LEU B 110 43.98 -28.93 63.79
N ALA B 111 44.89 -29.39 62.94
CA ALA B 111 46.06 -28.62 62.57
C ALA B 111 46.19 -28.59 61.05
N GLY B 112 45.19 -29.18 60.38
CA GLY B 112 45.17 -29.20 58.94
C GLY B 112 44.96 -30.57 58.34
N MET B 113 45.95 -31.44 58.51
CA MET B 113 45.98 -32.75 57.86
C MET B 113 44.59 -33.34 57.67
N PRO B 114 44.27 -33.73 56.43
CA PRO B 114 42.99 -34.33 56.03
C PRO B 114 42.78 -35.68 56.69
N GLU B 115 41.54 -35.98 57.05
CA GLU B 115 41.23 -37.24 57.74
C GLU B 115 41.71 -38.44 56.95
N ALA B 116 41.51 -38.40 55.63
CA ALA B 116 41.86 -39.50 54.75
C ALA B 116 43.35 -39.81 54.80
N ASP B 117 44.17 -38.76 54.82
CA ASP B 117 45.61 -38.91 54.88
C ASP B 117 46.05 -39.39 56.26
N ILE B 118 45.22 -39.11 57.27
CA ILE B 118 45.49 -39.62 58.61
C ILE B 118 45.14 -41.10 58.68
N ARG B 119 44.00 -41.47 58.11
CA ARG B 119 43.62 -42.88 58.06
C ARG B 119 44.69 -43.68 57.33
N ARG B 120 45.44 -43.00 56.48
CA ARG B 120 46.52 -43.64 55.74
C ARG B 120 47.79 -43.74 56.58
N LEU B 121 47.95 -42.80 57.50
CA LEU B 121 49.08 -42.82 58.42
C LEU B 121 49.01 -44.05 59.33
N ILE B 122 47.82 -44.30 59.86
CA ILE B 122 47.63 -45.42 60.79
C ILE B 122 47.75 -46.75 60.08
N ALA B 123 47.37 -46.79 58.81
CA ALA B 123 47.33 -48.05 58.06
C ALA B 123 48.70 -48.48 57.53
N THR B 124 49.64 -47.55 57.47
CA THR B 124 50.96 -47.83 56.90
C THR B 124 52.09 -47.52 57.87
N GLN B 125 51.77 -46.89 58.99
CA GLN B 125 52.78 -46.53 59.99
C GLN B 125 53.94 -45.77 59.35
N LYS B 126 53.67 -45.08 58.24
CA LYS B 126 54.70 -44.33 57.53
C LYS B 126 54.36 -42.84 57.49
N ILE B 127 55.37 -42.00 57.72
CA ILE B 127 55.17 -40.56 57.71
C ILE B 127 54.67 -40.06 56.36
N GLN B 128 53.56 -39.32 56.39
CA GLN B 128 52.96 -38.78 55.18
C GLN B 128 53.53 -37.41 54.82
N THR B 129 54.07 -37.30 53.61
CA THR B 129 54.73 -36.07 53.17
C THR B 129 54.14 -35.55 51.86
N ARG B 130 54.08 -36.41 50.85
CA ARG B 130 53.49 -36.03 49.57
C ARG B 130 51.98 -36.27 49.58
N PHE B 131 51.23 -35.29 49.10
CA PHE B 131 49.77 -35.37 49.11
C PHE B 131 49.17 -35.10 47.74
N THR B 132 47.97 -35.63 47.53
CA THR B 132 47.23 -35.42 46.28
C THR B 132 45.90 -34.75 46.55
N LEU B 133 45.71 -33.56 46.02
CA LEU B 133 44.46 -32.83 46.15
C LEU B 133 43.52 -33.16 44.98
N LYS B 134 42.32 -33.62 45.30
CA LYS B 134 41.37 -34.06 44.29
C LYS B 134 40.09 -33.21 44.31
N ALA B 135 39.37 -33.21 43.19
CA ALA B 135 38.10 -32.49 43.10
C ALA B 135 37.09 -33.02 44.10
N PRO B 136 36.63 -32.15 45.00
CA PRO B 136 35.66 -32.51 46.05
C PRO B 136 34.26 -32.76 45.51
N ILE B 137 33.96 -32.28 44.31
CA ILE B 137 32.64 -32.45 43.72
C ILE B 137 32.70 -32.51 42.20
N ASP B 138 31.64 -33.02 41.59
CA ASP B 138 31.48 -32.94 40.14
C ASP B 138 31.22 -31.49 39.78
N GLY B 139 31.85 -31.03 38.71
CA GLY B 139 31.65 -29.65 38.27
C GLY B 139 32.64 -29.14 37.25
N VAL B 140 32.56 -27.85 36.96
CA VAL B 140 33.44 -27.21 35.99
C VAL B 140 34.47 -26.37 36.73
N ILE B 141 35.70 -26.35 36.20
CA ILE B 141 36.76 -25.55 36.78
C ILE B 141 36.69 -24.12 36.25
N THR B 142 36.51 -23.17 37.16
CA THR B 142 36.39 -21.77 36.78
C THR B 142 37.58 -20.95 37.28
N ALA B 143 38.50 -21.61 37.99
CA ALA B 143 39.70 -20.96 38.49
C ALA B 143 40.78 -21.98 38.77
N PHE B 144 42.02 -21.62 38.43
CA PHE B 144 43.15 -22.53 38.58
C PHE B 144 44.42 -21.71 38.64
N ASP B 145 44.89 -21.43 39.86
CA ASP B 145 45.98 -20.48 40.04
C ASP B 145 47.31 -21.13 40.39
N LEU B 146 47.35 -22.45 40.39
CA LEU B 146 48.56 -23.16 40.75
C LEU B 146 49.05 -24.07 39.64
N ARG B 147 50.16 -23.68 39.02
CA ARG B 147 50.78 -24.52 37.99
C ARG B 147 52.11 -25.06 38.51
N ALA B 148 52.69 -26.00 37.78
CA ALA B 148 53.91 -26.66 38.22
C ALA B 148 55.08 -25.69 38.39
N GLY B 149 55.96 -26.01 39.32
CA GLY B 149 57.14 -25.20 39.57
C GLY B 149 56.90 -24.14 40.63
N MET B 150 55.72 -24.15 41.23
CA MET B 150 55.32 -23.12 42.19
C MET B 150 55.38 -23.59 43.63
N ASN B 151 55.18 -22.65 44.54
CA ASN B 151 54.92 -22.94 45.93
C ASN B 151 53.44 -22.65 46.21
N ILE B 152 52.82 -23.44 47.06
CA ILE B 152 51.41 -23.24 47.38
C ILE B 152 51.23 -22.68 48.78
N ALA B 153 50.26 -21.79 48.94
CA ALA B 153 49.98 -21.19 50.24
C ALA B 153 48.52 -21.40 50.64
N LYS B 154 48.21 -21.12 51.91
CA LYS B 154 46.86 -21.26 52.43
C LYS B 154 45.86 -20.46 51.61
N ASP B 155 46.19 -19.20 51.34
CA ASP B 155 45.27 -18.31 50.64
C ASP B 155 45.19 -18.59 49.14
N ASN B 156 46.16 -19.33 48.61
CA ASN B 156 46.11 -19.75 47.23
C ASN B 156 44.89 -20.60 46.95
N VAL B 157 44.31 -20.44 45.77
CA VAL B 157 43.19 -21.29 45.37
C VAL B 157 43.64 -22.25 44.26
N VAL B 158 43.72 -23.53 44.60
CA VAL B 158 44.18 -24.53 43.65
C VAL B 158 43.10 -24.84 42.63
N ALA B 159 41.83 -24.78 43.05
CA ALA B 159 40.73 -25.07 42.14
C ALA B 159 39.38 -24.57 42.65
N LYS B 160 38.74 -23.70 41.87
CA LYS B 160 37.36 -23.32 42.11
C LYS B 160 36.47 -24.14 41.18
N ILE B 161 35.72 -25.06 41.76
CA ILE B 161 34.88 -25.98 40.99
C ILE B 161 33.41 -25.68 41.20
N GLN B 162 32.70 -25.39 40.12
CA GLN B 162 31.28 -25.09 40.19
C GLN B 162 30.46 -26.12 39.43
N GLY B 163 29.39 -26.61 40.06
CA GLY B 163 28.54 -27.63 39.48
C GLY B 163 27.42 -27.06 38.66
N MET B 164 26.75 -27.92 37.90
CA MET B 164 25.72 -27.47 36.98
C MET B 164 24.67 -28.54 36.70
N ASP B 165 24.55 -29.53 37.58
CA ASP B 165 23.60 -30.60 37.35
C ASP B 165 22.18 -30.13 37.65
N PRO B 166 21.88 -29.82 38.92
CA PRO B 166 20.67 -28.99 39.07
C PRO B 166 21.05 -27.56 38.66
N VAL B 167 21.04 -27.32 37.35
CA VAL B 167 21.50 -26.06 36.79
C VAL B 167 20.55 -24.91 37.08
N TRP B 168 21.11 -23.72 37.26
CA TRP B 168 20.30 -22.54 37.55
C TRP B 168 20.01 -21.73 36.29
N VAL B 169 18.80 -21.17 36.24
CA VAL B 169 18.41 -20.26 35.17
C VAL B 169 17.68 -19.07 35.77
N THR B 170 18.28 -17.89 35.67
CA THR B 170 17.74 -16.71 36.31
C THR B 170 17.14 -15.76 35.27
N ALA B 171 15.85 -15.47 35.42
CA ALA B 171 15.16 -14.59 34.48
C ALA B 171 15.01 -13.18 35.05
N ALA B 172 15.05 -12.19 34.16
CA ALA B 172 14.97 -10.80 34.58
C ALA B 172 13.62 -10.17 34.24
N ILE B 173 12.87 -9.82 35.28
CA ILE B 173 11.58 -9.17 35.11
C ILE B 173 11.67 -7.69 35.46
N PRO B 174 11.19 -6.82 34.56
CA PRO B 174 11.19 -5.37 34.77
C PRO B 174 10.37 -5.00 36.01
N GLU B 175 10.86 -4.07 36.82
CA GLU B 175 10.32 -3.84 38.15
C GLU B 175 8.84 -3.43 38.17
N SER B 176 8.42 -2.63 37.20
CA SER B 176 7.06 -2.12 37.19
C SER B 176 6.01 -3.24 37.09
N ILE B 177 6.35 -4.24 36.28
CA ILE B 177 5.58 -5.47 36.09
C ILE B 177 5.49 -6.34 37.33
N ALA B 178 6.47 -6.18 38.23
CA ALA B 178 6.57 -6.97 39.46
C ALA B 178 5.32 -7.78 39.79
N TRP B 179 4.16 -7.13 39.75
CA TRP B 179 2.91 -7.74 40.18
C TRP B 179 2.56 -9.01 39.41
N LEU B 180 2.93 -9.09 38.14
CA LEU B 180 2.50 -10.19 37.29
C LEU B 180 2.97 -11.55 37.82
N VAL B 181 4.20 -11.64 38.31
CA VAL B 181 4.67 -12.85 38.96
C VAL B 181 4.06 -13.04 40.34
N LYS B 182 3.12 -13.99 40.44
CA LYS B 182 2.52 -14.34 41.72
C LYS B 182 2.82 -15.79 42.08
N ASP B 183 2.43 -16.21 43.27
CA ASP B 183 2.75 -17.56 43.76
C ASP B 183 2.28 -18.66 42.82
N ALA B 184 1.04 -18.54 42.36
CA ALA B 184 0.43 -19.59 41.54
C ALA B 184 0.90 -19.56 40.08
N SER B 185 1.77 -18.61 39.77
CA SER B 185 2.21 -18.41 38.39
C SER B 185 2.76 -19.69 37.77
N GLN B 186 2.51 -19.86 36.47
CA GLN B 186 2.97 -21.05 35.76
C GLN B 186 4.14 -20.70 34.84
N PHE B 187 5.23 -21.44 34.98
CA PHE B 187 6.43 -21.18 34.19
C PHE B 187 6.76 -22.32 33.23
N THR B 188 7.42 -21.95 32.13
CA THR B 188 7.86 -22.90 31.12
C THR B 188 9.11 -22.38 30.43
N LEU B 189 10.14 -23.22 30.37
CA LEU B 189 11.42 -22.80 29.82
C LEU B 189 11.70 -23.34 28.42
N THR B 190 12.56 -22.62 27.70
CA THR B 190 13.05 -23.07 26.40
C THR B 190 14.43 -22.48 26.14
N VAL B 191 15.37 -23.32 25.72
CA VAL B 191 16.71 -22.85 25.39
C VAL B 191 17.02 -23.07 23.91
N PRO B 192 17.24 -21.96 23.19
CA PRO B 192 17.49 -21.93 21.75
C PRO B 192 18.52 -22.96 21.29
N ALA B 193 19.53 -23.18 22.12
CA ALA B 193 20.59 -24.13 21.78
C ALA B 193 20.06 -25.56 21.66
N ARG B 194 19.01 -25.85 22.41
CA ARG B 194 18.41 -27.18 22.38
C ARG B 194 16.91 -27.12 22.16
N PRO B 195 16.48 -27.08 20.90
CA PRO B 195 15.06 -27.05 20.53
C PRO B 195 14.41 -28.41 20.76
N ASP B 196 15.24 -29.42 20.97
CA ASP B 196 14.77 -30.79 21.12
C ASP B 196 14.68 -31.22 22.58
N LYS B 197 14.97 -30.29 23.48
CA LYS B 197 14.97 -30.60 24.91
C LYS B 197 13.85 -29.90 25.66
N THR B 198 12.93 -30.70 26.21
CA THR B 198 11.89 -30.16 27.08
C THR B 198 12.37 -30.14 28.52
N LEU B 199 12.52 -28.94 29.06
CA LEU B 199 13.13 -28.76 30.38
C LEU B 199 12.13 -29.00 31.51
N THR B 200 12.64 -29.43 32.66
CA THR B 200 11.82 -29.65 33.84
C THR B 200 12.29 -28.76 34.99
N ILE B 201 11.45 -27.83 35.40
CA ILE B 201 11.80 -26.92 36.48
C ILE B 201 11.54 -27.55 37.84
N ARG B 202 12.60 -27.81 38.59
CA ARG B 202 12.49 -28.42 39.91
C ARG B 202 11.79 -27.49 40.90
N LYS B 203 12.24 -26.24 40.94
CA LYS B 203 11.61 -25.23 41.79
C LYS B 203 12.03 -23.83 41.37
N TRP B 204 11.31 -22.83 41.83
CA TRP B 204 11.63 -21.44 41.50
C TRP B 204 11.49 -20.49 42.67
N THR B 205 12.23 -19.39 42.60
CA THR B 205 12.22 -18.39 43.67
C THR B 205 12.33 -16.98 43.12
N LEU B 206 11.61 -16.05 43.72
CA LEU B 206 11.70 -14.65 43.35
C LEU B 206 12.57 -13.92 44.35
N LEU B 207 13.84 -13.74 44.01
CA LEU B 207 14.82 -13.15 44.92
C LEU B 207 14.30 -11.88 45.60
N PRO B 208 14.78 -11.61 46.82
CA PRO B 208 14.29 -10.55 47.71
C PRO B 208 14.62 -9.15 47.23
N GLY B 209 15.61 -9.00 46.36
CA GLY B 209 16.00 -7.70 45.86
C GLY B 209 16.06 -7.61 44.35
N VAL B 210 16.02 -6.40 43.83
CA VAL B 210 16.11 -6.18 42.39
C VAL B 210 17.52 -5.76 41.97
N ASP B 211 17.91 -6.17 40.77
CA ASP B 211 19.20 -5.77 40.22
C ASP B 211 19.17 -4.31 39.81
N ALA B 212 19.86 -3.47 40.58
CA ALA B 212 19.89 -2.03 40.31
C ALA B 212 20.54 -1.72 38.97
N ALA B 213 21.48 -2.56 38.55
CA ALA B 213 22.18 -2.33 37.29
C ALA B 213 21.22 -2.34 36.11
N THR B 214 20.14 -3.12 36.23
CA THR B 214 19.21 -3.33 35.13
C THR B 214 17.78 -2.91 35.47
N ARG B 215 17.51 -2.72 36.76
CA ARG B 215 16.17 -2.40 37.23
C ARG B 215 15.20 -3.55 36.99
N THR B 216 15.66 -4.77 37.25
CA THR B 216 14.82 -5.95 37.07
C THR B 216 14.89 -6.86 38.29
N LEU B 217 13.75 -7.43 38.67
CA LEU B 217 13.70 -8.44 39.71
C LEU B 217 14.33 -9.71 39.15
N GLN B 218 14.95 -10.51 40.02
CA GLN B 218 15.58 -11.74 39.58
C GLN B 218 14.74 -12.95 39.97
N LEU B 219 14.44 -13.79 38.99
CA LEU B 219 13.62 -14.97 39.21
C LEU B 219 14.45 -16.22 38.92
N ARG B 220 14.77 -16.97 39.96
CA ARG B 220 15.71 -18.08 39.85
C ARG B 220 15.01 -19.42 39.67
N LEU B 221 15.42 -20.15 38.63
CA LEU B 221 14.87 -21.48 38.38
C LEU B 221 15.96 -22.54 38.51
N GLU B 222 15.65 -23.62 39.22
CA GLU B 222 16.53 -24.77 39.27
C GLU B 222 16.00 -25.85 38.34
N VAL B 223 16.80 -26.23 37.35
CA VAL B 223 16.34 -27.11 36.29
C VAL B 223 17.16 -28.38 36.13
N ASP B 224 16.48 -29.53 36.17
CA ASP B 224 17.13 -30.81 35.96
C ASP B 224 18.03 -30.77 34.73
N ASN B 225 19.31 -31.07 34.92
CA ASN B 225 20.26 -31.08 33.82
C ASN B 225 21.30 -32.19 33.96
N ALA B 226 20.84 -33.44 33.91
CA ALA B 226 21.71 -34.59 34.04
C ALA B 226 22.44 -34.91 32.75
N ASP B 227 21.81 -34.60 31.62
CA ASP B 227 22.41 -34.85 30.32
C ASP B 227 23.44 -33.78 29.96
N GLU B 228 23.46 -32.72 30.76
CA GLU B 228 24.40 -31.62 30.57
C GLU B 228 24.18 -30.87 29.26
N ALA B 229 22.91 -30.71 28.86
CA ALA B 229 22.59 -30.01 27.63
C ALA B 229 22.53 -28.50 27.86
N LEU B 230 22.35 -28.11 29.12
CA LEU B 230 22.27 -26.70 29.49
C LEU B 230 23.60 -26.16 30.00
N LYS B 231 24.44 -25.67 29.08
CA LYS B 231 25.72 -25.08 29.44
C LYS B 231 25.54 -23.64 29.93
N PRO B 232 26.16 -23.32 31.08
CA PRO B 232 26.09 -21.97 31.63
C PRO B 232 26.55 -20.91 30.65
N GLY B 233 25.75 -19.87 30.48
CA GLY B 233 26.01 -18.82 29.50
C GLY B 233 24.94 -18.81 28.44
N MET B 234 24.29 -19.95 28.24
CA MET B 234 23.22 -20.09 27.26
C MET B 234 22.05 -19.15 27.54
N ASN B 235 21.48 -18.61 26.47
CA ASN B 235 20.25 -17.84 26.58
C ASN B 235 19.07 -18.78 26.83
N ALA B 236 18.13 -18.33 27.64
CA ALA B 236 16.95 -19.13 27.93
C ALA B 236 15.73 -18.23 28.04
N TRP B 237 14.65 -18.61 27.38
CA TRP B 237 13.44 -17.81 27.39
C TRP B 237 12.43 -18.37 28.38
N LEU B 238 12.00 -17.54 29.33
CA LEU B 238 11.02 -17.95 30.33
C LEU B 238 9.66 -17.34 30.06
N GLN B 239 8.67 -18.18 29.79
CA GLN B 239 7.31 -17.73 29.58
C GLN B 239 6.43 -18.06 30.78
N LEU B 240 5.80 -17.03 31.35
CA LEU B 240 4.97 -17.24 32.52
C LEU B 240 3.49 -17.02 32.22
N ASN B 241 2.65 -17.79 32.89
CA ASN B 241 1.22 -17.58 32.86
C ASN B 241 0.74 -17.25 34.26
N THR B 242 -0.26 -16.38 34.38
CA THR B 242 -0.77 -15.99 35.68
C THR B 242 -2.27 -15.75 35.65
N ALA B 243 -3.00 -16.48 36.47
CA ALA B 243 -4.44 -16.31 36.56
C ALA B 243 -4.75 -15.01 37.29
N SER B 244 -5.82 -14.35 36.86
CA SER B 244 -6.25 -13.11 37.49
C SER B 244 -7.52 -13.33 38.30
N GLU B 245 -8.11 -12.24 38.80
CA GLU B 245 -9.41 -12.33 39.45
C GLU B 245 -10.44 -12.73 38.41
N PRO B 246 -11.37 -13.60 38.79
CA PRO B 246 -12.45 -13.99 37.87
C PRO B 246 -13.17 -12.76 37.33
N MET B 247 -13.18 -12.61 36.00
CA MET B 247 -13.83 -11.48 35.36
C MET B 247 -14.64 -11.93 34.16
N LEU B 248 -15.54 -11.07 33.70
CA LEU B 248 -16.30 -11.33 32.49
C LEU B 248 -15.33 -11.40 31.31
N LEU B 249 -15.42 -12.45 30.52
CA LEU B 249 -14.45 -12.68 29.45
C LEU B 249 -15.07 -12.70 28.06
N ILE B 250 -14.55 -11.83 27.20
CA ILE B 250 -14.97 -11.76 25.80
C ILE B 250 -13.73 -11.76 24.91
N PRO B 251 -13.89 -12.19 23.65
CA PRO B 251 -12.79 -12.06 22.68
C PRO B 251 -12.44 -10.59 22.49
N SER B 252 -11.21 -10.31 22.05
CA SER B 252 -10.76 -8.93 21.93
C SER B 252 -11.26 -8.24 20.66
N GLN B 253 -11.46 -9.00 19.59
CA GLN B 253 -11.97 -8.42 18.35
C GLN B 253 -13.41 -7.97 18.57
N ALA B 254 -14.00 -8.41 19.68
CA ALA B 254 -15.40 -8.13 19.97
C ALA B 254 -15.58 -6.81 20.71
N LEU B 255 -14.48 -6.21 21.14
CA LEU B 255 -14.55 -4.98 21.92
C LEU B 255 -14.09 -3.75 21.13
N ILE B 256 -14.93 -2.72 21.15
CA ILE B 256 -14.63 -1.45 20.50
C ILE B 256 -14.26 -0.39 21.53
N ASP B 257 -13.18 0.34 21.29
CA ASP B 257 -12.77 1.41 22.19
C ASP B 257 -12.49 2.70 21.44
N THR B 258 -13.19 3.77 21.79
CA THR B 258 -13.00 5.06 21.15
C THR B 258 -12.30 6.06 22.06
N GLY B 259 -11.59 5.56 23.06
CA GLY B 259 -10.78 6.39 23.93
C GLY B 259 -11.54 7.17 24.98
N SER B 260 -12.86 7.20 24.87
CA SER B 260 -13.70 7.89 25.84
C SER B 260 -14.82 6.96 26.31
N GLU B 261 -15.03 5.89 25.57
CA GLU B 261 -15.98 4.86 25.96
C GLU B 261 -15.64 3.57 25.24
N GLN B 262 -15.99 2.44 25.86
CA GLN B 262 -15.79 1.15 25.25
C GLN B 262 -17.10 0.37 25.28
N ARG B 263 -17.35 -0.39 24.22
CA ARG B 263 -18.63 -1.08 24.10
C ARG B 263 -18.49 -2.33 23.25
N VAL B 264 -19.53 -3.15 23.29
CA VAL B 264 -19.62 -4.33 22.44
C VAL B 264 -21.03 -4.47 21.90
N ILE B 265 -21.16 -5.09 20.73
CA ILE B 265 -22.47 -5.25 20.10
C ILE B 265 -23.14 -6.56 20.50
N THR B 266 -24.16 -6.47 21.34
CA THR B 266 -24.92 -7.62 21.79
C THR B 266 -25.90 -8.10 20.73
N VAL B 267 -25.91 -9.40 20.48
CA VAL B 267 -26.87 -9.99 19.56
C VAL B 267 -28.13 -10.45 20.33
N ASP B 268 -29.24 -9.78 20.07
CA ASP B 268 -30.49 -10.02 20.80
C ASP B 268 -30.99 -11.44 20.63
N ALA B 269 -32.14 -11.74 21.24
CA ALA B 269 -32.75 -13.05 21.13
C ALA B 269 -33.36 -13.24 19.74
N ASP B 270 -33.86 -12.15 19.17
CA ASP B 270 -34.50 -12.19 17.87
C ASP B 270 -33.50 -11.97 16.74
N GLY B 271 -32.35 -11.38 17.09
CA GLY B 271 -31.31 -11.10 16.12
C GLY B 271 -30.96 -9.64 16.07
N ARG B 272 -31.72 -8.84 16.81
CA ARG B 272 -31.54 -7.38 16.84
C ARG B 272 -30.21 -6.98 17.47
N PHE B 273 -29.26 -6.54 16.65
CA PHE B 273 -27.96 -6.11 17.15
C PHE B 273 -28.09 -4.87 18.02
N VAL B 274 -27.73 -4.99 19.30
CA VAL B 274 -27.85 -3.88 20.23
C VAL B 274 -26.53 -3.60 20.94
N PRO B 275 -26.02 -2.36 20.80
CA PRO B 275 -24.76 -1.97 21.43
C PRO B 275 -24.92 -1.82 22.94
N LYS B 276 -23.87 -2.15 23.68
CA LYS B 276 -23.88 -2.01 25.14
C LYS B 276 -22.52 -1.55 25.67
N ARG B 277 -22.55 -0.59 26.60
CA ARG B 277 -21.34 -0.08 27.22
C ARG B 277 -20.80 -1.03 28.28
N VAL B 278 -19.52 -1.38 28.15
CA VAL B 278 -18.84 -2.21 29.14
C VAL B 278 -17.60 -1.49 29.65
N ALA B 279 -17.12 -1.90 30.82
CA ALA B 279 -15.90 -1.33 31.36
C ALA B 279 -14.78 -2.36 31.37
N VAL B 280 -13.75 -2.11 30.58
CA VAL B 280 -12.64 -3.04 30.46
C VAL B 280 -11.78 -3.01 31.72
N PHE B 281 -11.26 -4.17 32.10
CA PHE B 281 -10.42 -4.28 33.27
C PHE B 281 -8.98 -4.57 32.88
N GLN B 282 -8.80 -5.43 31.88
CA GLN B 282 -7.49 -5.80 31.38
C GLN B 282 -7.65 -6.72 30.18
N ALA B 283 -6.55 -7.04 29.51
CA ALA B 283 -6.60 -7.89 28.33
C ALA B 283 -5.22 -8.45 28.03
N SER B 284 -5.19 -9.70 27.57
CA SER B 284 -3.92 -10.33 27.21
C SER B 284 -4.13 -11.64 26.45
N GLN B 285 -3.25 -11.89 25.49
CA GLN B 285 -3.25 -13.13 24.72
C GLN B 285 -4.56 -13.36 23.96
N GLY B 286 -5.08 -12.31 23.35
CA GLY B 286 -6.21 -12.43 22.45
C GLY B 286 -7.57 -12.33 23.12
N VAL B 287 -7.58 -12.09 24.42
CA VAL B 287 -8.83 -12.00 25.16
C VAL B 287 -8.82 -10.88 26.18
N THR B 288 -9.89 -10.09 26.19
CA THR B 288 -10.02 -8.99 27.14
C THR B 288 -10.98 -9.35 28.27
N ALA B 289 -10.73 -8.78 29.44
CA ALA B 289 -11.55 -9.04 30.61
C ALA B 289 -12.26 -7.76 31.06
N LEU B 290 -13.58 -7.82 31.11
CA LEU B 290 -14.40 -6.68 31.51
C LEU B 290 -14.70 -6.73 33.00
N ARG B 291 -14.74 -5.55 33.62
CA ARG B 291 -15.08 -5.44 35.03
C ARG B 291 -16.59 -5.42 35.20
N SER B 292 -17.29 -5.03 34.15
CA SER B 292 -18.75 -4.95 34.18
C SER B 292 -19.32 -4.56 32.82
N GLY B 293 -20.63 -4.63 32.69
CA GLY B 293 -21.30 -4.19 31.47
C GLY B 293 -22.05 -5.29 30.73
N LEU B 294 -21.83 -6.53 31.15
CA LEU B 294 -22.47 -7.67 30.49
C LEU B 294 -22.92 -8.73 31.50
N ALA B 295 -23.38 -9.86 30.98
CA ALA B 295 -23.80 -10.98 31.80
C ALA B 295 -23.54 -12.29 31.05
N GLU B 296 -22.89 -13.23 31.73
CA GLU B 296 -22.57 -14.51 31.12
C GLU B 296 -23.77 -15.08 30.39
N GLY B 297 -23.53 -15.59 29.19
CA GLY B 297 -24.59 -16.11 28.34
C GLY B 297 -24.79 -15.24 27.11
N GLU B 298 -24.73 -13.93 27.31
CA GLU B 298 -24.93 -12.96 26.22
C GLU B 298 -23.98 -13.22 25.06
N LYS B 299 -24.49 -13.05 23.84
CA LYS B 299 -23.65 -13.21 22.66
C LYS B 299 -23.01 -11.88 22.29
N VAL B 300 -21.88 -11.93 21.62
CA VAL B 300 -21.19 -10.71 21.20
C VAL B 300 -20.48 -10.91 19.87
N VAL B 301 -20.70 -9.98 18.94
CA VAL B 301 -20.14 -10.08 17.60
C VAL B 301 -18.63 -9.86 17.60
N SER B 302 -17.93 -10.62 16.77
CA SER B 302 -16.49 -10.52 16.66
C SER B 302 -16.02 -10.40 15.20
N SER B 303 -16.75 -11.05 14.30
CA SER B 303 -16.45 -10.93 12.87
C SER B 303 -17.47 -10.05 12.17
N GLY B 304 -16.99 -9.04 11.45
CA GLY B 304 -17.87 -8.07 10.80
C GLY B 304 -18.32 -7.02 11.79
N LEU B 305 -17.71 -7.03 12.97
CA LEU B 305 -18.05 -6.11 14.04
C LEU B 305 -18.16 -4.67 13.54
N PHE B 306 -17.14 -4.22 12.83
CA PHE B 306 -17.06 -2.82 12.40
C PHE B 306 -18.30 -2.36 11.64
N LEU B 307 -18.56 -2.99 10.50
CA LEU B 307 -19.70 -2.60 9.67
C LEU B 307 -21.01 -2.62 10.47
N ILE B 308 -21.19 -3.65 11.29
CA ILE B 308 -22.40 -3.76 12.11
C ILE B 308 -22.48 -2.64 13.14
N ASP B 309 -21.33 -2.26 13.70
CA ASP B 309 -21.29 -1.13 14.61
C ASP B 309 -21.61 0.15 13.85
N SER B 310 -21.14 0.22 12.60
CA SER B 310 -21.39 1.36 11.74
C SER B 310 -22.88 1.49 11.48
N GLU B 311 -23.49 0.41 11.00
CA GLU B 311 -24.92 0.38 10.76
C GLU B 311 -25.69 0.72 12.03
N ALA B 312 -25.19 0.25 13.16
CA ALA B 312 -25.81 0.52 14.46
C ALA B 312 -25.56 1.96 14.87
N ASN B 313 -24.52 2.57 14.31
CA ASN B 313 -24.20 3.97 14.57
C ASN B 313 -25.05 4.89 13.71
N ILE B 314 -25.12 4.58 12.43
CA ILE B 314 -25.87 5.38 11.46
C ILE B 314 -27.36 5.40 11.79
N SER B 315 -27.87 4.26 12.27
CA SER B 315 -29.28 4.13 12.58
C SER B 315 -29.65 4.81 13.90
N GLY B 316 -28.72 5.58 14.45
CA GLY B 316 -28.95 6.31 15.67
C GLY B 316 -29.11 5.42 16.89
N ALA B 317 -28.85 4.12 16.71
CA ALA B 317 -28.94 3.16 17.80
C ALA B 317 -27.92 3.48 18.90
N LEU B 318 -26.74 3.90 18.47
CA LEU B 318 -25.68 4.25 19.41
C LEU B 318 -26.04 5.48 20.24
N GLU B 319 -26.47 6.53 19.57
CA GLU B 319 -26.90 7.75 20.26
C GLU B 319 -28.11 7.46 21.16
N ARG B 320 -28.77 6.35 20.88
CA ARG B 320 -29.91 5.92 21.69
C ARG B 320 -29.41 5.20 22.94
N MET B 321 -28.45 4.31 22.74
CA MET B 321 -27.82 3.57 23.83
C MET B 321 -27.28 4.51 24.91
N ARG B 322 -26.77 5.66 24.49
CA ARG B 322 -26.16 6.61 25.41
C ARG B 322 -27.19 7.44 26.17
N SER B 323 -28.29 7.78 25.50
CA SER B 323 -29.29 8.68 26.08
C SER B 323 -30.32 7.95 26.94
N GLU B 324 -30.29 6.62 26.92
CA GLU B 324 -31.22 5.83 27.71
C GLU B 324 -30.68 5.58 29.13
N SER B 325 -29.37 5.69 29.28
CA SER B 325 -28.73 5.50 30.58
C SER B 325 -27.76 6.63 30.89
N TRP C 11 -26.49 39.41 -56.53
CA TRP C 11 -25.20 39.67 -55.91
C TRP C 11 -24.08 38.83 -56.52
N ILE C 12 -23.74 37.72 -55.86
CA ILE C 12 -22.58 36.93 -56.24
C ILE C 12 -22.91 35.83 -57.24
N ILE C 13 -24.18 35.42 -57.28
CA ILE C 13 -24.62 34.37 -58.19
C ILE C 13 -24.30 34.74 -59.63
N ARG C 14 -24.14 36.02 -59.91
CA ARG C 14 -23.81 36.49 -61.24
C ARG C 14 -22.39 36.07 -61.62
N ARG C 15 -21.47 36.24 -60.67
CA ARG C 15 -20.07 35.87 -60.90
C ARG C 15 -19.85 34.38 -60.68
N SER C 16 -20.95 33.62 -60.68
CA SER C 16 -20.88 32.19 -60.43
C SER C 16 -20.86 31.39 -61.73
N VAL C 17 -21.90 31.55 -62.54
CA VAL C 17 -22.03 30.81 -63.80
C VAL C 17 -20.82 31.01 -64.72
N ALA C 18 -20.25 32.22 -64.70
CA ALA C 18 -19.07 32.51 -65.51
C ALA C 18 -17.95 31.55 -65.14
N ASN C 19 -17.85 31.25 -63.85
CA ASN C 19 -16.90 30.27 -63.35
C ASN C 19 -17.46 28.86 -63.52
N ARG C 20 -17.91 28.54 -64.73
CA ARG C 20 -18.56 27.28 -65.01
C ARG C 20 -17.58 26.10 -65.03
N PHE C 21 -16.32 26.39 -65.28
CA PHE C 21 -15.33 25.32 -65.49
C PHE C 21 -14.56 24.93 -64.23
N LEU C 22 -13.47 25.66 -63.96
CA LEU C 22 -12.54 25.29 -62.89
C LEU C 22 -13.16 25.26 -61.50
N VAL C 23 -14.45 25.57 -61.41
CA VAL C 23 -15.18 25.39 -60.16
C VAL C 23 -15.58 23.92 -60.01
N LEU C 24 -15.82 23.27 -61.15
CA LEU C 24 -16.15 21.85 -61.17
C LEU C 24 -14.99 21.01 -60.62
N MET C 25 -13.78 21.29 -61.10
CA MET C 25 -12.59 20.63 -60.59
C MET C 25 -12.25 21.14 -59.20
N GLY C 26 -12.82 22.28 -58.83
CA GLY C 26 -12.65 22.84 -57.51
C GLY C 26 -13.42 22.05 -56.48
N ALA C 27 -14.38 21.26 -56.95
CA ALA C 27 -15.15 20.37 -56.09
C ALA C 27 -14.76 18.93 -56.33
N LEU C 28 -13.97 18.70 -57.38
CA LEU C 28 -13.44 17.38 -57.68
C LEU C 28 -12.20 17.11 -56.84
N PHE C 29 -11.32 18.11 -56.76
CA PHE C 29 -10.13 18.03 -55.93
C PHE C 29 -10.53 18.26 -54.48
N LEU C 30 -11.72 18.82 -54.28
CA LEU C 30 -12.28 19.04 -52.97
C LEU C 30 -12.86 17.75 -52.42
N SER C 31 -13.36 16.91 -53.31
CA SER C 31 -13.96 15.63 -52.91
C SER C 31 -12.89 14.57 -52.73
N ILE C 32 -11.87 14.58 -53.57
CA ILE C 32 -10.79 13.61 -53.48
C ILE C 32 -9.84 13.97 -52.33
N TRP C 33 -9.82 15.24 -51.96
CA TRP C 33 -9.04 15.69 -50.81
C TRP C 33 -9.90 15.70 -49.56
N GLY C 34 -11.22 15.67 -49.76
CA GLY C 34 -12.16 15.60 -48.65
C GLY C 34 -12.44 14.15 -48.28
N THR C 35 -12.02 13.24 -49.14
CA THR C 35 -12.17 11.81 -48.90
C THR C 35 -10.90 11.27 -48.24
N TRP C 36 -9.83 12.05 -48.29
CA TRP C 36 -8.56 11.68 -47.67
C TRP C 36 -8.50 12.16 -46.22
N THR C 37 -8.91 13.41 -46.00
CA THR C 37 -8.90 13.99 -44.66
C THR C 37 -9.88 13.26 -43.74
N ILE C 38 -10.97 12.77 -44.32
CA ILE C 38 -12.01 12.10 -43.54
C ILE C 38 -11.53 10.76 -42.99
N ILE C 39 -10.78 10.02 -43.79
CA ILE C 39 -10.29 8.71 -43.37
C ILE C 39 -9.25 8.84 -42.27
N ASN C 40 -8.41 9.86 -42.38
CA ASN C 40 -7.31 10.06 -41.43
C ASN C 40 -7.58 11.14 -40.40
N THR C 41 -8.80 11.18 -39.88
CA THR C 41 -9.15 12.11 -38.82
C THR C 41 -9.15 11.39 -37.48
N PRO C 42 -8.54 12.01 -36.46
CA PRO C 42 -8.53 11.42 -35.12
C PRO C 42 -9.95 11.13 -34.65
N VAL C 43 -10.10 10.25 -33.67
CA VAL C 43 -11.43 9.84 -33.22
C VAL C 43 -11.49 9.54 -31.72
N ASP C 44 -12.47 10.13 -31.05
CA ASP C 44 -12.71 9.86 -29.63
C ASP C 44 -14.20 9.69 -29.37
N ALA C 45 -14.57 9.43 -28.12
CA ALA C 45 -15.96 9.23 -27.75
C ALA C 45 -16.65 10.56 -27.44
N LEU C 46 -15.88 11.48 -26.86
CA LEU C 46 -16.40 12.80 -26.51
C LEU C 46 -15.31 13.84 -26.71
N PRO C 47 -15.70 15.12 -26.79
CA PRO C 47 -14.70 16.19 -26.76
C PRO C 47 -14.12 16.31 -25.35
N ASP C 48 -12.82 16.07 -25.20
CA ASP C 48 -12.19 16.04 -23.88
C ASP C 48 -12.75 17.11 -22.97
N LEU C 49 -13.45 16.67 -21.92
CA LEU C 49 -14.23 17.57 -21.07
C LEU C 49 -13.56 17.85 -19.72
N SER C 50 -12.35 17.32 -19.53
CA SER C 50 -11.66 17.43 -18.26
C SER C 50 -11.08 18.83 -18.04
N ASP C 51 -11.16 19.31 -16.80
CA ASP C 51 -10.57 20.60 -16.44
C ASP C 51 -9.07 20.46 -16.23
N VAL C 52 -8.32 21.50 -16.61
CA VAL C 52 -6.87 21.48 -16.47
C VAL C 52 -6.46 21.53 -15.01
N GLN C 53 -5.73 20.51 -14.56
CA GLN C 53 -5.30 20.45 -13.16
C GLN C 53 -3.83 20.07 -13.00
N VAL C 54 -3.28 20.40 -11.84
CA VAL C 54 -1.91 20.06 -11.47
C VAL C 54 -1.85 19.72 -9.99
N ILE C 55 -1.49 18.47 -9.68
CA ILE C 55 -1.50 17.98 -8.30
C ILE C 55 -0.11 17.95 -7.68
N ILE C 56 -0.07 17.91 -6.35
CA ILE C 56 1.20 17.91 -5.62
C ILE C 56 1.17 16.92 -4.47
N LYS C 57 1.62 15.70 -4.74
CA LYS C 57 1.64 14.66 -3.73
C LYS C 57 2.92 14.72 -2.90
N THR C 58 2.78 14.66 -1.58
CA THR C 58 3.93 14.69 -0.67
C THR C 58 3.83 13.60 0.36
N SER C 59 4.97 12.98 0.68
CA SER C 59 5.01 11.99 1.74
C SER C 59 5.75 12.52 2.97
N TYR C 60 4.98 12.84 4.01
CA TYR C 60 5.53 13.29 5.28
C TYR C 60 5.42 12.13 6.26
N PRO C 61 6.33 11.16 6.16
CA PRO C 61 6.25 9.87 6.86
C PRO C 61 5.97 9.98 8.35
N GLY C 62 5.20 9.04 8.88
CA GLY C 62 4.87 9.01 10.30
C GLY C 62 3.87 10.06 10.70
N GLN C 63 4.34 11.31 10.80
CA GLN C 63 3.54 12.45 11.26
C GLN C 63 2.03 12.27 11.07
N ALA C 64 1.30 12.51 12.15
CA ALA C 64 -0.16 12.37 12.15
C ALA C 64 -0.82 13.35 11.16
N PRO C 65 -2.09 13.10 10.81
CA PRO C 65 -2.83 13.95 9.87
C PRO C 65 -2.73 15.44 10.19
N GLN C 66 -3.08 15.82 11.42
CA GLN C 66 -3.13 17.23 11.79
C GLN C 66 -1.82 17.96 11.53
N ILE C 67 -0.72 17.35 11.96
CA ILE C 67 0.60 17.98 11.80
C ILE C 67 1.02 17.96 10.32
N VAL C 68 0.44 17.04 9.56
CA VAL C 68 0.68 16.99 8.12
C VAL C 68 -0.02 18.17 7.44
N GLU C 69 -1.23 18.49 7.92
CA GLU C 69 -1.98 19.61 7.36
C GLU C 69 -1.29 20.94 7.63
N ASN C 70 -1.16 21.27 8.90
CA ASN C 70 -0.60 22.56 9.32
C ASN C 70 0.75 22.89 8.68
N GLN C 71 1.60 21.88 8.53
CA GLN C 71 2.98 22.11 8.11
C GLN C 71 3.23 21.91 6.62
N VAL C 72 2.70 20.84 6.05
CA VAL C 72 3.02 20.47 4.67
C VAL C 72 1.91 20.76 3.67
N THR C 73 0.66 20.74 4.12
CA THR C 73 -0.47 20.91 3.21
C THR C 73 -1.01 22.34 3.16
N TYR C 74 -1.47 22.83 4.31
CA TYR C 74 -2.05 24.17 4.39
C TYR C 74 -1.20 25.24 3.68
N PRO C 75 0.09 25.34 4.03
CA PRO C 75 0.92 26.40 3.45
C PRO C 75 1.13 26.20 1.95
N LEU C 76 0.54 25.14 1.39
CA LEU C 76 0.64 24.89 -0.03
C LEU C 76 -0.59 25.37 -0.78
N THR C 77 -1.77 25.15 -0.19
CA THR C 77 -3.02 25.59 -0.82
C THR C 77 -3.18 27.11 -0.77
N THR C 78 -2.42 27.75 0.10
CA THR C 78 -2.47 29.21 0.24
C THR C 78 -1.43 29.88 -0.65
N THR C 79 -0.39 29.13 -0.99
CA THR C 79 0.62 29.61 -1.93
C THR C 79 0.28 29.12 -3.34
N MET C 80 -0.90 28.49 -3.46
CA MET C 80 -1.38 28.01 -4.76
C MET C 80 -2.66 28.73 -5.19
N LEU C 81 -3.52 29.02 -4.22
CA LEU C 81 -4.76 29.76 -4.50
C LEU C 81 -4.47 31.08 -5.21
N SER C 82 -3.43 31.77 -4.75
CA SER C 82 -3.05 33.06 -5.34
C SER C 82 -2.08 32.86 -6.50
N VAL C 83 -2.33 31.85 -7.32
CA VAL C 83 -1.54 31.61 -8.52
C VAL C 83 -2.32 32.04 -9.75
N PRO C 84 -1.64 32.72 -10.68
CA PRO C 84 -2.25 33.23 -11.91
C PRO C 84 -3.16 32.20 -12.59
N GLY C 85 -4.47 32.48 -12.59
CA GLY C 85 -5.43 31.66 -13.29
C GLY C 85 -5.88 30.41 -12.57
N ALA C 86 -5.91 30.46 -11.24
CA ALA C 86 -6.33 29.30 -10.45
C ALA C 86 -7.80 29.41 -10.08
N LYS C 87 -8.60 28.45 -10.56
CA LYS C 87 -10.03 28.43 -10.28
C LYS C 87 -10.28 28.12 -8.81
N THR C 88 -9.91 26.91 -8.40
CA THR C 88 -10.02 26.49 -7.00
C THR C 88 -8.94 25.48 -6.65
N VAL C 89 -8.55 25.44 -5.37
CA VAL C 89 -7.52 24.51 -4.91
C VAL C 89 -8.03 23.64 -3.76
N ARG C 90 -8.10 22.34 -4.00
CA ARG C 90 -8.57 21.39 -2.98
C ARG C 90 -7.38 20.76 -2.24
N GLY C 91 -7.64 20.23 -1.05
CA GLY C 91 -6.59 19.70 -0.20
C GLY C 91 -6.92 18.36 0.44
N PHE C 92 -5.88 17.54 0.61
CA PHE C 92 -6.02 16.21 1.19
C PHE C 92 -4.87 15.93 2.16
N SER C 93 -5.18 15.80 3.45
CA SER C 93 -4.18 15.43 4.44
C SER C 93 -4.49 14.08 5.09
N GLN C 94 -3.99 13.01 4.48
CA GLN C 94 -4.14 11.68 5.02
C GLN C 94 -2.96 11.35 5.91
N PHE C 95 -2.87 10.09 6.31
CA PHE C 95 -1.76 9.64 7.14
C PHE C 95 -0.50 9.49 6.30
N GLY C 96 0.48 10.36 6.54
CA GLY C 96 1.76 10.29 5.86
C GLY C 96 1.70 10.67 4.39
N ASP C 97 0.56 11.20 3.97
CA ASP C 97 0.35 11.61 2.58
C ASP C 97 -0.33 12.97 2.48
N SER C 98 0.22 13.83 1.64
CA SER C 98 -0.34 15.17 1.42
C SER C 98 -0.69 15.35 -0.04
N TYR C 99 -1.97 15.62 -0.31
CA TYR C 99 -2.42 15.85 -1.67
C TYR C 99 -2.92 17.28 -1.86
N VAL C 100 -2.18 18.05 -2.66
CA VAL C 100 -2.61 19.39 -3.02
C VAL C 100 -3.15 19.41 -4.45
N TYR C 101 -4.43 19.74 -4.59
CA TYR C 101 -5.08 19.76 -5.90
C TYR C 101 -5.28 21.18 -6.40
N VAL C 102 -4.63 21.50 -7.52
CA VAL C 102 -4.73 22.83 -8.10
C VAL C 102 -5.43 22.82 -9.46
N ILE C 103 -6.67 23.30 -9.48
CA ILE C 103 -7.45 23.39 -10.71
C ILE C 103 -7.38 24.81 -11.27
N PHE C 104 -7.16 24.93 -12.58
CA PHE C 104 -7.04 26.23 -13.21
C PHE C 104 -8.30 26.59 -14.01
N GLU C 105 -8.45 27.87 -14.34
CA GLU C 105 -9.63 28.36 -15.05
C GLU C 105 -9.58 28.03 -16.55
N ASP C 106 -10.75 28.07 -17.19
CA ASP C 106 -10.88 27.69 -18.59
C ASP C 106 -9.82 28.31 -19.49
N GLY C 107 -9.38 27.55 -20.50
CA GLY C 107 -8.47 28.06 -21.49
C GLY C 107 -7.03 28.22 -21.02
N THR C 108 -6.82 28.24 -19.71
CA THR C 108 -5.48 28.40 -19.16
C THR C 108 -4.56 27.29 -19.62
N ASP C 109 -3.53 27.66 -20.39
CA ASP C 109 -2.58 26.69 -20.92
C ASP C 109 -2.08 25.75 -19.83
N PRO C 110 -2.34 24.45 -19.99
CA PRO C 110 -1.97 23.45 -18.99
C PRO C 110 -0.51 23.53 -18.60
N TYR C 111 0.37 23.46 -19.60
CA TYR C 111 1.80 23.45 -19.36
C TYR C 111 2.31 24.78 -18.79
N TRP C 112 1.64 25.86 -19.13
CA TRP C 112 1.91 27.15 -18.50
C TRP C 112 1.70 27.02 -17.00
N ALA C 113 0.52 26.56 -16.63
CA ALA C 113 0.15 26.41 -15.22
C ALA C 113 1.13 25.51 -14.49
N ARG C 114 1.57 24.46 -15.17
CA ARG C 114 2.56 23.56 -14.60
C ARG C 114 3.84 24.30 -14.24
N SER C 115 4.42 25.00 -15.22
CA SER C 115 5.66 25.72 -14.97
C SER C 115 5.51 26.80 -13.92
N ARG C 116 4.27 27.27 -13.72
CA ARG C 116 3.99 28.26 -12.69
C ARG C 116 3.98 27.59 -11.32
N VAL C 117 3.32 26.45 -11.23
CA VAL C 117 3.26 25.68 -9.99
C VAL C 117 4.68 25.30 -9.53
N LEU C 118 5.57 25.12 -10.49
CA LEU C 118 6.94 24.69 -10.19
C LEU C 118 7.74 25.79 -9.48
N GLU C 119 7.71 27.00 -10.00
CA GLU C 119 8.42 28.11 -9.40
C GLU C 119 7.81 28.47 -8.05
N TYR C 120 6.49 28.33 -7.93
CA TYR C 120 5.81 28.53 -6.66
C TYR C 120 6.24 27.45 -5.68
N LEU C 121 6.55 26.27 -6.22
CA LEU C 121 6.97 25.13 -5.42
C LEU C 121 8.42 25.31 -4.98
N ASN C 122 9.12 26.22 -5.66
CA ASN C 122 10.50 26.51 -5.33
C ASN C 122 10.61 27.45 -4.12
N GLN C 123 9.65 28.35 -4.01
CA GLN C 123 9.64 29.35 -2.94
C GLN C 123 8.87 28.88 -1.70
N VAL C 124 8.42 27.63 -1.73
CA VAL C 124 7.73 27.02 -0.60
C VAL C 124 8.41 25.71 -0.22
N GLN C 125 9.38 25.30 -1.03
CA GLN C 125 10.17 24.12 -0.72
C GLN C 125 11.00 24.36 0.53
N GLY C 126 11.10 25.63 0.92
CA GLY C 126 11.86 26.01 2.10
C GLY C 126 10.99 26.10 3.34
N LYS C 127 9.79 26.68 3.19
CA LYS C 127 8.85 26.80 4.29
C LYS C 127 8.14 25.48 4.56
N LEU C 128 8.86 24.38 4.34
CA LEU C 128 8.33 23.05 4.58
C LEU C 128 9.31 22.23 5.40
N PRO C 129 8.82 21.19 6.10
CA PRO C 129 9.63 20.28 6.92
C PRO C 129 10.88 19.81 6.18
N ALA C 130 11.89 19.41 6.93
CA ALA C 130 13.17 19.01 6.35
C ALA C 130 13.04 17.81 5.42
N GLY C 131 12.36 16.77 5.88
CA GLY C 131 12.28 15.52 5.13
C GLY C 131 11.21 15.46 4.06
N VAL C 132 10.61 16.60 3.73
CA VAL C 132 9.55 16.61 2.73
C VAL C 132 9.99 17.17 1.38
N SER C 133 9.52 16.54 0.31
CA SER C 133 9.80 16.98 -1.05
C SER C 133 8.52 16.94 -1.88
N ALA C 134 8.05 18.11 -2.28
CA ALA C 134 6.79 18.22 -3.03
C ALA C 134 6.88 17.59 -4.41
N GLU C 135 6.34 16.39 -4.53
CA GLU C 135 6.37 15.64 -5.79
C GLU C 135 5.27 16.12 -6.73
N LEU C 136 5.67 16.54 -7.92
CA LEU C 136 4.72 17.03 -8.92
C LEU C 136 3.99 15.88 -9.58
N GLY C 137 2.67 16.02 -9.73
CA GLY C 137 1.85 14.98 -10.34
C GLY C 137 2.19 14.71 -11.78
N PRO C 138 1.37 13.90 -12.46
CA PRO C 138 1.56 13.56 -13.87
C PRO C 138 0.95 14.60 -14.81
N ASP C 139 1.16 14.41 -16.10
CA ASP C 139 0.65 15.31 -17.13
C ASP C 139 -0.86 15.14 -17.30
N ALA C 140 -1.35 13.93 -17.01
CA ALA C 140 -2.75 13.61 -17.20
C ALA C 140 -3.56 13.77 -15.91
N THR C 141 -4.85 13.49 -16.00
CA THR C 141 -5.75 13.52 -14.85
C THR C 141 -6.33 12.14 -14.60
N GLY C 142 -7.37 12.07 -13.78
CA GLY C 142 -8.02 10.81 -13.48
C GLY C 142 -8.80 10.28 -14.68
N VAL C 143 -9.27 11.20 -15.51
CA VAL C 143 -10.04 10.84 -16.69
C VAL C 143 -9.16 10.17 -17.73
N GLY C 144 -7.85 10.38 -17.61
CA GLY C 144 -6.88 9.77 -18.50
C GLY C 144 -6.76 8.27 -18.30
N TRP C 145 -7.58 7.72 -17.41
CA TRP C 145 -7.57 6.28 -17.18
C TRP C 145 -8.28 5.54 -18.31
N ILE C 146 -7.48 5.05 -19.25
CA ILE C 146 -8.01 4.42 -20.46
C ILE C 146 -8.02 2.90 -20.33
N TYR C 147 -6.84 2.29 -20.36
CA TYR C 147 -6.71 0.84 -20.29
C TYR C 147 -6.44 0.36 -18.86
N GLU C 148 -7.08 -0.73 -18.47
CA GLU C 148 -6.83 -1.35 -17.17
C GLU C 148 -6.80 -2.87 -17.29
N TYR C 149 -5.84 -3.48 -16.60
CA TYR C 149 -5.66 -4.92 -16.70
C TYR C 149 -5.12 -5.53 -15.41
N ALA C 150 -5.48 -6.78 -15.16
CA ALA C 150 -5.01 -7.51 -14.00
C ALA C 150 -4.14 -8.70 -14.41
N LEU C 151 -3.10 -8.96 -13.62
CA LEU C 151 -2.20 -10.06 -13.87
C LEU C 151 -2.60 -11.27 -13.03
N VAL C 152 -2.93 -12.37 -13.69
CA VAL C 152 -3.32 -13.59 -12.99
C VAL C 152 -2.51 -14.80 -13.46
N ASP C 153 -2.22 -15.70 -12.52
CA ASP C 153 -1.53 -16.95 -12.84
C ASP C 153 -2.20 -18.11 -12.13
N ARG C 154 -2.99 -18.87 -12.88
CA ARG C 154 -3.76 -19.96 -12.29
C ARG C 154 -2.91 -21.21 -12.03
N SER C 155 -1.77 -21.29 -12.70
CA SER C 155 -0.88 -22.43 -12.55
C SER C 155 -0.23 -22.43 -11.16
N GLY C 156 -0.13 -21.25 -10.56
CA GLY C 156 0.43 -21.11 -9.23
C GLY C 156 1.94 -20.89 -9.23
N LYS C 157 2.54 -20.95 -10.40
CA LYS C 157 3.99 -20.78 -10.54
C LYS C 157 4.44 -19.41 -10.02
N HIS C 158 3.55 -18.42 -10.12
CA HIS C 158 3.87 -17.06 -9.69
C HIS C 158 2.88 -16.58 -8.64
N ASP C 159 3.31 -15.64 -7.81
CA ASP C 159 2.47 -15.14 -6.72
C ASP C 159 2.35 -13.61 -6.76
N LEU C 160 1.55 -13.07 -5.86
CA LEU C 160 1.26 -11.64 -5.83
C LEU C 160 2.54 -10.82 -5.81
N ALA C 161 3.57 -11.34 -5.14
CA ALA C 161 4.85 -10.66 -5.05
C ALA C 161 5.53 -10.65 -6.41
N ASP C 162 5.58 -11.82 -7.06
CA ASP C 162 6.23 -11.96 -8.34
C ASP C 162 5.51 -11.16 -9.43
N LEU C 163 4.20 -11.07 -9.32
CA LEU C 163 3.39 -10.36 -10.31
C LEU C 163 3.57 -8.85 -10.23
N ARG C 164 3.53 -8.33 -9.02
CA ARG C 164 3.75 -6.90 -8.79
C ARG C 164 5.11 -6.51 -9.35
N SER C 165 6.13 -7.31 -9.02
CA SER C 165 7.47 -7.08 -9.52
C SER C 165 7.47 -7.10 -11.05
N LEU C 166 6.79 -8.08 -11.62
CA LEU C 166 6.65 -8.19 -13.06
C LEU C 166 6.04 -6.91 -13.62
N GLN C 167 5.05 -6.38 -12.92
CA GLN C 167 4.36 -5.17 -13.34
C GLN C 167 5.23 -3.92 -13.19
N ASP C 168 5.88 -3.78 -12.04
CA ASP C 168 6.65 -2.58 -11.74
C ASP C 168 7.92 -2.48 -12.59
N TRP C 169 8.54 -3.62 -12.86
CA TRP C 169 9.88 -3.62 -13.46
C TRP C 169 9.93 -4.17 -14.88
N PHE C 170 8.78 -4.49 -15.45
CA PHE C 170 8.73 -4.94 -16.83
C PHE C 170 7.62 -4.25 -17.62
N LEU C 171 6.37 -4.59 -17.31
CA LEU C 171 5.24 -4.04 -18.04
C LEU C 171 5.21 -2.52 -17.96
N LYS C 172 5.33 -1.97 -16.75
CA LYS C 172 5.30 -0.53 -16.53
C LYS C 172 6.30 0.18 -17.43
N TYR C 173 7.39 -0.50 -17.76
CA TYR C 173 8.44 0.09 -18.58
C TYR C 173 8.24 -0.13 -20.07
N GLU C 174 7.69 -1.28 -20.44
CA GLU C 174 7.42 -1.58 -21.85
C GLU C 174 6.22 -0.78 -22.35
N LEU C 175 5.52 -0.12 -21.42
CA LEU C 175 4.31 0.62 -21.77
C LEU C 175 4.51 2.14 -21.74
N LYS C 176 5.24 2.64 -20.75
CA LYS C 176 5.44 4.08 -20.61
C LYS C 176 6.11 4.70 -21.83
N THR C 177 6.81 3.88 -22.60
CA THR C 177 7.50 4.36 -23.80
C THR C 177 6.57 4.46 -25.00
N ILE C 178 5.28 4.24 -24.77
CA ILE C 178 4.27 4.46 -25.80
C ILE C 178 3.89 5.92 -25.81
N PRO C 179 4.15 6.62 -26.93
CA PRO C 179 3.87 8.05 -27.05
C PRO C 179 2.45 8.41 -26.61
N ASP C 180 2.29 9.63 -26.13
CA ASP C 180 0.99 10.13 -25.69
C ASP C 180 0.54 9.52 -24.37
N VAL C 181 1.34 8.59 -23.84
CA VAL C 181 1.10 8.03 -22.50
C VAL C 181 1.89 8.82 -21.47
N ALA C 182 1.18 9.31 -20.45
CA ALA C 182 1.80 10.15 -19.43
C ALA C 182 2.33 9.34 -18.25
N GLU C 183 1.68 8.20 -17.98
CA GLU C 183 2.00 7.43 -16.79
C GLU C 183 1.33 6.06 -16.78
N VAL C 184 2.10 5.02 -16.50
CA VAL C 184 1.56 3.67 -16.34
C VAL C 184 1.62 3.28 -14.87
N ALA C 185 0.48 3.36 -14.19
CA ALA C 185 0.43 3.14 -12.75
C ALA C 185 0.11 1.69 -12.40
N SER C 186 0.78 1.17 -11.37
CA SER C 186 0.50 -0.17 -10.90
C SER C 186 -0.56 -0.12 -9.81
N VAL C 187 -1.35 -1.19 -9.68
CA VAL C 187 -2.43 -1.23 -8.71
C VAL C 187 -2.60 -2.63 -8.11
N GLY C 188 -2.56 -2.70 -6.78
CA GLY C 188 -2.69 -3.96 -6.08
C GLY C 188 -1.40 -4.77 -6.05
N GLY C 189 -1.50 -6.02 -5.63
CA GLY C 189 -0.35 -6.91 -5.58
C GLY C 189 0.44 -6.79 -4.30
N VAL C 190 1.67 -7.27 -4.33
CA VAL C 190 2.53 -7.26 -3.15
C VAL C 190 3.97 -6.91 -3.48
N VAL C 191 4.49 -5.87 -2.83
CA VAL C 191 5.89 -5.49 -2.97
C VAL C 191 6.73 -6.23 -1.94
N LYS C 192 7.58 -7.14 -2.40
CA LYS C 192 8.38 -7.93 -1.46
C LYS C 192 9.26 -7.02 -0.63
N GLU C 193 9.21 -7.22 0.69
CA GLU C 193 9.93 -6.40 1.64
C GLU C 193 10.86 -7.27 2.48
N TYR C 194 12.11 -6.86 2.58
CA TYR C 194 13.07 -7.54 3.45
C TYR C 194 12.83 -7.18 4.90
N GLN C 195 12.12 -8.07 5.60
CA GLN C 195 11.71 -7.81 6.97
C GLN C 195 12.68 -8.35 7.99
N VAL C 196 13.39 -7.44 8.66
CA VAL C 196 14.27 -7.80 9.75
C VAL C 196 13.48 -7.70 11.06
N VAL C 197 12.91 -8.82 11.49
CA VAL C 197 12.17 -8.85 12.74
C VAL C 197 13.11 -9.12 13.92
N ILE C 198 13.18 -8.16 14.83
CA ILE C 198 14.15 -8.21 15.93
C ILE C 198 13.54 -8.74 17.22
N ASP C 199 14.28 -9.61 17.91
CA ASP C 199 13.84 -10.16 19.18
C ASP C 199 14.25 -9.25 20.33
N PRO C 200 13.28 -8.58 20.95
CA PRO C 200 13.53 -7.64 22.04
C PRO C 200 14.41 -8.27 23.12
N GLN C 201 14.25 -9.58 23.30
CA GLN C 201 14.97 -10.31 24.33
C GLN C 201 16.43 -10.50 23.97
N ARG C 202 16.69 -10.85 22.71
CA ARG C 202 18.06 -11.09 22.27
C ARG C 202 18.87 -9.81 22.28
N LEU C 203 18.18 -8.67 22.20
CA LEU C 203 18.84 -7.37 22.28
C LEU C 203 19.37 -7.13 23.69
N ALA C 204 18.69 -7.71 24.67
CA ALA C 204 19.15 -7.63 26.05
C ALA C 204 20.25 -8.66 26.29
N GLN C 205 19.98 -9.89 25.88
CA GLN C 205 20.94 -10.99 26.02
C GLN C 205 22.28 -10.68 25.36
N TYR C 206 22.24 -10.05 24.19
CA TYR C 206 23.47 -9.75 23.47
C TYR C 206 23.95 -8.32 23.72
N GLY C 207 23.22 -7.60 24.57
CA GLY C 207 23.59 -6.24 24.94
C GLY C 207 23.74 -5.33 23.73
N ILE C 208 22.79 -5.41 22.82
CA ILE C 208 22.78 -4.58 21.62
C ILE C 208 21.47 -3.82 21.51
N SER C 209 21.55 -2.50 21.34
CA SER C 209 20.37 -1.65 21.32
C SER C 209 19.79 -1.50 19.92
N LEU C 210 18.50 -1.20 19.86
CA LEU C 210 17.80 -1.02 18.59
C LEU C 210 18.54 -0.04 17.71
N ALA C 211 18.89 1.11 18.30
CA ALA C 211 19.61 2.15 17.58
C ALA C 211 20.86 1.58 16.92
N GLU C 212 21.58 0.75 17.66
CA GLU C 212 22.81 0.13 17.15
C GLU C 212 22.53 -0.74 15.94
N VAL C 213 21.44 -1.49 16.00
CA VAL C 213 21.04 -2.33 14.87
C VAL C 213 20.88 -1.48 13.62
N LYS C 214 19.90 -0.58 13.65
CA LYS C 214 19.61 0.30 12.52
C LYS C 214 20.89 0.88 11.93
N SER C 215 21.77 1.38 12.80
CA SER C 215 23.02 1.99 12.36
C SER C 215 23.88 1.00 11.59
N ALA C 216 24.02 -0.20 12.14
CA ALA C 216 24.83 -1.25 11.51
C ALA C 216 24.30 -1.59 10.12
N LEU C 217 23.00 -1.84 10.05
CA LEU C 217 22.35 -2.15 8.79
C LEU C 217 22.59 -1.03 7.79
N ASP C 218 22.54 0.21 8.27
CA ASP C 218 22.68 1.38 7.42
C ASP C 218 24.11 1.57 6.89
N ALA C 219 24.96 0.58 7.11
CA ALA C 219 26.33 0.65 6.62
C ALA C 219 26.78 -0.69 6.05
N SER C 220 25.80 -1.51 5.66
CA SER C 220 26.08 -2.83 5.11
C SER C 220 25.32 -3.05 3.81
N ASN C 221 25.27 -2.02 2.98
CA ASN C 221 24.49 -2.09 1.75
C ASN C 221 24.79 -0.99 0.74
N GLN C 222 26.04 -0.91 0.30
CA GLN C 222 26.44 0.05 -0.72
C GLN C 222 27.74 -0.39 -1.40
N GLU C 223 28.07 0.26 -2.51
CA GLU C 223 29.33 0.00 -3.20
C GLU C 223 30.25 1.22 -3.16
N ALA C 224 31.50 1.02 -3.56
CA ALA C 224 32.50 2.07 -3.46
C ALA C 224 33.41 2.10 -4.68
N GLY C 225 33.76 3.31 -5.11
CA GLY C 225 34.65 3.49 -6.24
C GLY C 225 36.06 3.83 -5.80
N GLY C 226 37.01 2.98 -6.16
CA GLY C 226 38.40 3.18 -5.79
C GLY C 226 39.21 3.80 -6.91
N SER C 227 38.54 4.52 -7.81
CA SER C 227 39.19 5.15 -8.95
C SER C 227 39.75 4.09 -9.90
N SER C 228 40.76 4.48 -10.67
CA SER C 228 41.36 3.58 -11.65
C SER C 228 42.84 3.38 -11.37
N ILE C 229 43.39 2.32 -11.95
CA ILE C 229 44.81 2.02 -11.80
C ILE C 229 45.40 1.53 -13.12
N GLU C 230 46.54 2.08 -13.49
CA GLU C 230 47.15 1.83 -14.80
C GLU C 230 48.00 0.56 -14.80
N LEU C 231 47.55 -0.45 -15.55
CA LEU C 231 48.32 -1.66 -15.76
C LEU C 231 48.39 -1.98 -17.25
N ALA C 232 49.59 -2.23 -17.76
CA ALA C 232 49.78 -2.50 -19.18
C ALA C 232 49.19 -1.39 -20.03
N GLU C 233 49.48 -0.14 -19.65
CA GLU C 233 48.97 1.02 -20.36
C GLU C 233 47.45 1.03 -20.45
N ALA C 234 46.81 0.23 -19.61
CA ALA C 234 45.35 0.16 -19.57
C ALA C 234 44.79 0.74 -18.28
N GLU C 235 43.51 1.08 -18.30
CA GLU C 235 42.85 1.68 -17.15
C GLU C 235 42.04 0.63 -16.41
N TYR C 236 42.47 0.31 -15.20
CA TYR C 236 41.76 -0.68 -14.38
C TYR C 236 40.94 -0.01 -13.29
N MET C 237 39.62 -0.17 -13.38
CA MET C 237 38.70 0.45 -12.43
C MET C 237 38.59 -0.37 -11.16
N VAL C 238 38.74 0.31 -10.01
CA VAL C 238 38.69 -0.35 -8.72
C VAL C 238 37.28 -0.34 -8.14
N ARG C 239 36.56 -1.44 -8.31
CA ARG C 239 35.19 -1.55 -7.84
C ARG C 239 35.17 -2.25 -6.50
N ALA C 240 34.44 -1.68 -5.54
CA ALA C 240 34.30 -2.31 -4.23
C ALA C 240 32.88 -2.81 -4.02
N SER C 241 32.73 -4.11 -3.79
CA SER C 241 31.41 -4.70 -3.56
C SER C 241 30.82 -4.20 -2.26
N GLY C 242 29.66 -4.72 -1.90
CA GLY C 242 29.03 -4.34 -0.65
C GLY C 242 27.52 -4.22 -0.71
N TYR C 243 26.95 -4.62 -1.85
CA TYR C 243 25.50 -4.59 -2.00
C TYR C 243 24.82 -5.73 -1.26
N LEU C 244 23.67 -5.43 -0.66
CA LEU C 244 22.92 -6.40 0.12
C LEU C 244 21.99 -7.18 -0.81
N GLN C 245 22.41 -8.38 -1.20
CA GLN C 245 21.68 -9.13 -2.22
C GLN C 245 21.38 -10.59 -1.85
N THR C 246 21.76 -10.99 -0.64
CA THR C 246 21.43 -12.33 -0.15
C THR C 246 20.91 -12.24 1.27
N LEU C 247 20.06 -13.18 1.67
CA LEU C 247 19.57 -13.20 3.03
C LEU C 247 20.71 -13.36 4.04
N ASP C 248 21.71 -14.16 3.67
CA ASP C 248 22.88 -14.34 4.52
C ASP C 248 23.60 -13.01 4.76
N ASP C 249 23.77 -12.25 3.68
CA ASP C 249 24.37 -10.92 3.78
C ASP C 249 23.68 -10.10 4.87
N PHE C 250 22.36 -10.24 4.95
CA PHE C 250 21.60 -9.64 6.05
C PHE C 250 21.99 -10.29 7.38
N ASN C 251 22.02 -11.61 7.40
CA ASN C 251 22.26 -12.34 8.63
C ASN C 251 23.63 -12.09 9.26
N HIS C 252 24.65 -12.02 8.41
CA HIS C 252 26.02 -11.80 8.85
C HIS C 252 26.42 -10.32 8.90
N ILE C 253 25.47 -9.46 9.24
CA ILE C 253 25.77 -8.04 9.41
C ILE C 253 26.37 -7.83 10.79
N VAL C 254 27.57 -7.23 10.85
CA VAL C 254 28.28 -7.14 12.11
C VAL C 254 27.69 -6.09 13.04
N LEU C 255 27.34 -6.53 14.24
CA LEU C 255 26.77 -5.63 15.25
C LEU C 255 27.79 -5.32 16.33
N LYS C 256 28.57 -6.33 16.71
CA LYS C 256 29.48 -6.22 17.85
C LYS C 256 30.57 -7.29 17.76
N ALA C 257 31.81 -6.89 18.00
CA ALA C 257 32.92 -7.83 17.94
C ALA C 257 33.90 -7.66 19.10
N SER C 258 34.28 -8.76 19.72
CA SER C 258 35.22 -8.73 20.84
C SER C 258 36.65 -8.67 20.35
N GLU C 259 37.60 -8.52 21.28
CA GLU C 259 39.01 -8.57 20.94
C GLU C 259 39.37 -9.96 20.45
N ASN C 260 38.71 -10.96 21.03
CA ASN C 260 38.88 -12.36 20.64
C ASN C 260 38.74 -12.56 19.13
N GLY C 261 37.94 -11.71 18.50
CA GLY C 261 37.69 -11.83 17.08
C GLY C 261 36.35 -12.53 16.85
N VAL C 262 35.63 -12.79 17.94
CA VAL C 262 34.32 -13.42 17.87
C VAL C 262 33.24 -12.36 17.79
N PRO C 263 32.58 -12.25 16.63
CA PRO C 263 31.59 -11.20 16.37
C PRO C 263 30.17 -11.63 16.72
N VAL C 264 29.28 -10.65 16.80
CA VAL C 264 27.87 -10.88 17.05
C VAL C 264 27.09 -10.34 15.86
N TYR C 265 26.56 -11.24 15.03
CA TYR C 265 25.90 -10.84 13.80
C TYR C 265 24.44 -10.47 14.01
N LEU C 266 23.84 -9.87 12.98
CA LEU C 266 22.43 -9.51 13.00
C LEU C 266 21.56 -10.76 13.17
N ARG C 267 22.07 -11.89 12.70
CA ARG C 267 21.34 -13.15 12.82
C ARG C 267 21.23 -13.60 14.28
N ASP C 268 21.89 -12.87 15.17
CA ASP C 268 21.92 -13.25 16.58
C ASP C 268 20.82 -12.57 17.40
N VAL C 269 20.25 -11.51 16.85
CA VAL C 269 19.20 -10.78 17.54
C VAL C 269 17.98 -10.58 16.65
N ALA C 270 17.97 -11.22 15.48
CA ALA C 270 16.86 -11.07 14.56
C ALA C 270 16.77 -12.19 13.53
N LYS C 271 15.56 -12.38 12.99
CA LYS C 271 15.35 -13.27 11.87
C LYS C 271 15.06 -12.43 10.64
N VAL C 272 15.76 -12.70 9.55
CA VAL C 272 15.50 -11.99 8.31
C VAL C 272 14.58 -12.79 7.39
N GLN C 273 13.33 -12.32 7.29
CA GLN C 273 12.32 -13.02 6.51
C GLN C 273 11.76 -12.13 5.41
N ILE C 274 11.37 -12.73 4.30
CA ILE C 274 10.76 -12.00 3.20
C ILE C 274 9.25 -11.98 3.36
N GLY C 275 8.67 -10.79 3.26
CA GLY C 275 7.24 -10.64 3.42
C GLY C 275 6.69 -9.45 2.67
N PRO C 276 5.37 -9.24 2.76
CA PRO C 276 4.70 -8.12 2.07
C PRO C 276 5.05 -6.79 2.70
N GLU C 277 5.00 -5.72 1.91
CA GLU C 277 5.19 -4.37 2.45
C GLU C 277 3.83 -3.80 2.81
N MET C 278 3.81 -2.56 3.29
CA MET C 278 2.55 -1.86 3.50
C MET C 278 1.78 -1.81 2.20
N ARG C 279 0.61 -2.43 2.17
CA ARG C 279 -0.20 -2.45 0.96
C ARG C 279 -0.96 -1.13 0.84
N ARG C 280 -0.64 -0.38 -0.21
CA ARG C 280 -1.27 0.91 -0.46
C ARG C 280 -2.72 0.70 -0.86
N GLY C 281 -2.91 -0.03 -1.96
CA GLY C 281 -4.23 -0.38 -2.44
C GLY C 281 -4.36 -1.88 -2.61
N ILE C 282 -5.59 -2.33 -2.86
CA ILE C 282 -5.87 -3.75 -3.02
C ILE C 282 -6.73 -4.01 -4.24
N ALA C 283 -6.39 -5.06 -4.99
CA ALA C 283 -7.12 -5.39 -6.20
C ALA C 283 -7.68 -6.80 -6.14
N GLU C 284 -8.94 -6.96 -6.54
CA GLU C 284 -9.61 -8.25 -6.50
C GLU C 284 -10.40 -8.48 -7.78
N LEU C 285 -10.31 -9.69 -8.34
CA LEU C 285 -10.95 -9.99 -9.62
C LEU C 285 -12.03 -11.07 -9.49
N ASN C 286 -13.23 -10.75 -9.96
CA ASN C 286 -14.35 -11.69 -9.97
C ASN C 286 -14.58 -12.39 -8.62
N GLY C 287 -14.32 -11.67 -7.54
CA GLY C 287 -14.54 -12.20 -6.21
C GLY C 287 -14.02 -13.61 -6.00
N GLU C 288 -12.87 -13.91 -6.59
CA GLU C 288 -12.25 -15.22 -6.40
C GLU C 288 -10.73 -15.15 -6.53
N GLY C 289 -10.16 -13.97 -6.24
CA GLY C 289 -8.72 -13.81 -6.28
C GLY C 289 -8.26 -12.38 -6.14
N GLU C 290 -7.29 -12.16 -5.24
CA GLU C 290 -6.62 -10.88 -5.12
C GLU C 290 -5.47 -10.87 -6.13
N VAL C 291 -5.34 -9.78 -6.87
CA VAL C 291 -4.34 -9.72 -7.93
C VAL C 291 -3.65 -8.36 -8.05
N ALA C 292 -2.62 -8.32 -8.88
CA ALA C 292 -1.93 -7.09 -9.20
C ALA C 292 -2.32 -6.65 -10.60
N GLY C 293 -2.15 -5.38 -10.90
CA GLY C 293 -2.51 -4.86 -12.21
C GLY C 293 -1.94 -3.49 -12.49
N GLY C 294 -2.46 -2.84 -13.53
CA GLY C 294 -2.00 -1.51 -13.90
C GLY C 294 -2.98 -0.74 -14.74
N VAL C 295 -3.08 0.56 -14.48
CA VAL C 295 -3.91 1.44 -15.28
C VAL C 295 -3.03 2.28 -16.20
N VAL C 296 -3.44 2.39 -17.46
CA VAL C 296 -2.72 3.22 -18.41
C VAL C 296 -3.37 4.60 -18.47
N ILE C 297 -2.59 5.62 -18.11
CA ILE C 297 -3.11 6.98 -18.04
C ILE C 297 -2.61 7.82 -19.21
N LEU C 298 -3.54 8.43 -19.93
CA LEU C 298 -3.24 9.14 -21.17
C LEU C 298 -3.01 10.62 -20.95
N ARG C 299 -1.99 11.16 -21.60
CA ARG C 299 -1.65 12.57 -21.48
C ARG C 299 -2.87 13.46 -21.69
N SER C 300 -2.84 14.64 -21.08
CA SER C 300 -4.00 15.52 -20.97
C SER C 300 -4.90 15.58 -22.21
N GLY C 301 -4.36 16.06 -23.33
CA GLY C 301 -5.17 16.30 -24.50
C GLY C 301 -4.89 15.41 -25.70
N LYS C 302 -4.17 14.33 -25.47
CA LYS C 302 -3.80 13.42 -26.56
C LYS C 302 -4.91 12.42 -26.88
N ASN C 303 -4.78 11.72 -27.99
CA ASN C 303 -5.83 10.84 -28.50
C ASN C 303 -6.01 9.56 -27.70
N ALA C 304 -7.19 9.41 -27.10
CA ALA C 304 -7.49 8.27 -26.23
C ALA C 304 -7.50 6.93 -26.98
N ARG C 305 -7.99 6.94 -28.21
CA ARG C 305 -8.08 5.70 -28.99
C ARG C 305 -6.74 5.37 -29.62
N GLU C 306 -6.10 6.38 -30.20
CA GLU C 306 -4.81 6.20 -30.86
C GLU C 306 -3.81 5.48 -29.97
N VAL C 307 -3.96 5.67 -28.66
CA VAL C 307 -3.03 5.10 -27.70
C VAL C 307 -3.37 3.65 -27.33
N ILE C 308 -4.65 3.37 -27.17
CA ILE C 308 -5.10 2.03 -26.78
C ILE C 308 -4.66 0.98 -27.80
N ALA C 309 -4.73 1.33 -29.07
CA ALA C 309 -4.32 0.42 -30.13
C ALA C 309 -2.83 0.12 -30.04
N ALA C 310 -2.03 1.18 -29.87
CA ALA C 310 -0.59 1.03 -29.76
C ALA C 310 -0.23 0.17 -28.54
N VAL C 311 -1.11 0.18 -27.55
CA VAL C 311 -0.95 -0.63 -26.35
C VAL C 311 -1.22 -2.10 -26.64
N LYS C 312 -2.39 -2.39 -27.23
CA LYS C 312 -2.77 -3.76 -27.55
C LYS C 312 -1.67 -4.49 -28.30
N ASP C 313 -1.19 -3.90 -29.39
CA ASP C 313 -0.17 -4.53 -30.21
C ASP C 313 1.14 -4.65 -29.44
N LYS C 314 1.39 -3.71 -28.54
CA LYS C 314 2.58 -3.76 -27.70
C LYS C 314 2.51 -4.95 -26.76
N LEU C 315 1.28 -5.31 -26.37
CA LEU C 315 1.07 -6.45 -25.49
C LEU C 315 1.21 -7.77 -26.24
N GLU C 316 0.70 -7.80 -27.46
CA GLU C 316 0.79 -9.01 -28.28
C GLU C 316 2.25 -9.32 -28.59
N THR C 317 3.09 -8.30 -28.50
CA THR C 317 4.53 -8.46 -28.68
C THR C 317 5.15 -9.07 -27.43
N LEU C 318 4.51 -8.82 -26.29
CA LEU C 318 5.02 -9.30 -25.01
C LEU C 318 4.36 -10.60 -24.57
N LYS C 319 3.20 -10.90 -25.15
CA LYS C 319 2.44 -12.08 -24.76
C LYS C 319 3.25 -13.36 -24.92
N SER C 320 4.40 -13.26 -25.57
CA SER C 320 5.28 -14.40 -25.76
C SER C 320 6.43 -14.38 -24.74
N SER C 321 6.88 -13.17 -24.41
CA SER C 321 8.02 -13.00 -23.50
C SER C 321 7.59 -13.01 -22.04
N LEU C 322 6.31 -13.30 -21.80
CA LEU C 322 5.81 -13.40 -20.44
C LEU C 322 6.07 -14.78 -19.88
N PRO C 323 6.39 -14.85 -18.57
CA PRO C 323 6.63 -16.14 -17.90
C PRO C 323 5.46 -17.08 -18.08
N GLU C 324 5.75 -18.30 -18.53
CA GLU C 324 4.70 -19.28 -18.79
C GLU C 324 3.78 -19.46 -17.60
N GLY C 325 2.58 -18.89 -17.69
CA GLY C 325 1.60 -19.00 -16.64
C GLY C 325 0.91 -17.68 -16.32
N VAL C 326 1.50 -16.59 -16.80
CA VAL C 326 0.96 -15.26 -16.54
C VAL C 326 0.10 -14.78 -17.71
N GLU C 327 -1.20 -14.70 -17.50
CA GLU C 327 -2.11 -14.18 -18.53
C GLU C 327 -2.65 -12.81 -18.13
N ILE C 328 -2.77 -11.91 -19.10
CA ILE C 328 -3.19 -10.55 -18.84
C ILE C 328 -4.67 -10.36 -19.15
N VAL C 329 -5.51 -10.51 -18.13
CA VAL C 329 -6.93 -10.25 -18.32
C VAL C 329 -7.16 -8.75 -18.37
N THR C 330 -8.07 -8.32 -19.23
CA THR C 330 -8.36 -6.89 -19.37
C THR C 330 -9.64 -6.53 -18.65
N THR C 331 -9.59 -5.44 -17.88
CA THR C 331 -10.71 -5.09 -17.00
C THR C 331 -11.38 -3.78 -17.39
N TYR C 332 -10.75 -3.02 -18.27
CA TYR C 332 -11.33 -1.78 -18.75
C TYR C 332 -10.71 -1.34 -20.07
N ASP C 333 -11.52 -1.29 -21.12
CA ASP C 333 -11.06 -0.91 -22.44
C ASP C 333 -11.93 0.20 -23.02
N ARG C 334 -11.41 1.42 -23.05
CA ARG C 334 -12.16 2.57 -23.53
C ARG C 334 -12.32 2.57 -25.04
N SER C 335 -11.48 1.79 -25.72
CA SER C 335 -11.55 1.70 -27.18
C SER C 335 -12.89 1.12 -27.62
N GLN C 336 -13.49 0.31 -26.76
CA GLN C 336 -14.75 -0.34 -27.09
C GLN C 336 -15.90 0.66 -27.15
N LEU C 337 -15.94 1.59 -26.21
CA LEU C 337 -16.97 2.63 -26.22
C LEU C 337 -16.78 3.55 -27.42
N ILE C 338 -15.52 3.83 -27.75
CA ILE C 338 -15.19 4.64 -28.91
C ILE C 338 -15.82 4.04 -30.15
N ASP C 339 -15.57 2.75 -30.36
CA ASP C 339 -16.08 2.05 -31.53
C ASP C 339 -17.60 2.05 -31.58
N ARG C 340 -18.24 1.76 -30.45
CA ARG C 340 -19.70 1.70 -30.41
C ARG C 340 -20.33 3.10 -30.50
N ALA C 341 -19.49 4.13 -30.43
CA ALA C 341 -19.98 5.50 -30.52
C ALA C 341 -19.82 6.04 -31.93
N ILE C 342 -18.67 5.78 -32.55
CA ILE C 342 -18.43 6.21 -33.91
C ILE C 342 -19.11 5.30 -34.93
N ASP C 343 -19.20 4.01 -34.62
CA ASP C 343 -19.91 3.08 -35.47
C ASP C 343 -21.42 3.18 -35.22
N ASN C 344 -21.84 4.36 -34.77
CA ASN C 344 -23.26 4.66 -34.58
C ASN C 344 -23.62 6.00 -35.23
N LEU C 345 -22.82 7.02 -34.93
CA LEU C 345 -22.99 8.33 -35.56
C LEU C 345 -22.76 8.23 -37.05
N SER C 346 -21.97 7.25 -37.46
CA SER C 346 -21.74 6.99 -38.87
C SER C 346 -22.99 6.36 -39.48
N GLY C 347 -23.53 5.34 -38.81
CA GLY C 347 -24.73 4.68 -39.27
C GLY C 347 -25.91 5.62 -39.35
N LYS C 348 -25.93 6.61 -38.46
CA LYS C 348 -27.03 7.58 -38.42
C LYS C 348 -26.87 8.67 -39.48
N LEU C 349 -25.65 8.85 -39.95
CA LEU C 349 -25.41 9.77 -41.07
C LEU C 349 -25.75 9.09 -42.39
N LEU C 350 -25.88 7.77 -42.35
CA LEU C 350 -26.28 7.01 -43.51
C LEU C 350 -27.79 6.95 -43.57
N GLU C 351 -28.42 7.03 -42.41
CA GLU C 351 -29.88 7.08 -42.31
C GLU C 351 -30.39 8.33 -43.00
N GLU C 352 -30.04 9.48 -42.44
CA GLU C 352 -30.50 10.77 -42.94
C GLU C 352 -30.10 10.99 -44.39
N PHE C 353 -28.90 10.52 -44.76
CA PHE C 353 -28.43 10.66 -46.13
C PHE C 353 -29.37 9.97 -47.11
N ILE C 354 -29.48 8.65 -46.97
CA ILE C 354 -30.31 7.85 -47.87
C ILE C 354 -31.80 8.12 -47.70
N VAL C 355 -32.20 8.56 -46.51
CA VAL C 355 -33.59 8.88 -46.24
C VAL C 355 -34.00 10.23 -46.84
N VAL C 356 -33.17 11.25 -46.63
CA VAL C 356 -33.45 12.56 -47.21
C VAL C 356 -33.38 12.52 -48.73
N ALA C 357 -32.43 11.75 -49.25
CA ALA C 357 -32.27 11.60 -50.70
C ALA C 357 -33.47 10.89 -51.32
N VAL C 358 -33.93 9.84 -50.64
CA VAL C 358 -35.09 9.08 -51.11
C VAL C 358 -36.38 9.89 -50.97
N VAL C 359 -36.54 10.57 -49.85
CA VAL C 359 -37.71 11.39 -49.61
C VAL C 359 -37.79 12.58 -50.56
N CYS C 360 -36.62 13.13 -50.90
CA CYS C 360 -36.56 14.21 -51.89
C CYS C 360 -36.68 13.62 -53.29
N ALA C 361 -36.63 12.29 -53.37
CA ALA C 361 -36.76 11.59 -54.64
C ALA C 361 -38.23 11.26 -54.92
N LEU C 362 -39.02 11.13 -53.86
CA LEU C 362 -40.45 10.88 -54.00
C LEU C 362 -41.23 12.18 -54.23
N PHE C 363 -40.58 13.30 -53.94
CA PHE C 363 -41.18 14.60 -54.20
C PHE C 363 -40.69 15.19 -55.52
N LEU C 364 -39.46 14.83 -55.90
CA LEU C 364 -38.90 15.23 -57.18
C LEU C 364 -38.83 14.04 -58.13
N TRP C 365 -39.67 14.07 -59.16
CA TRP C 365 -39.77 12.97 -60.10
C TRP C 365 -38.50 12.74 -60.91
N HIS C 366 -37.76 13.82 -61.17
CA HIS C 366 -36.58 13.75 -62.03
C HIS C 366 -35.40 13.09 -61.32
N VAL C 367 -34.70 12.22 -62.05
CA VAL C 367 -33.54 11.52 -61.50
C VAL C 367 -32.34 12.44 -61.37
N ARG C 368 -32.28 13.43 -62.26
CA ARG C 368 -31.16 14.38 -62.26
C ARG C 368 -31.42 15.56 -61.32
N SER C 369 -32.69 15.81 -61.03
CA SER C 369 -33.06 16.85 -60.08
C SER C 369 -32.69 16.42 -58.66
N ALA C 370 -33.02 15.17 -58.32
CA ALA C 370 -32.66 14.61 -57.03
C ALA C 370 -31.15 14.52 -56.90
N LEU C 371 -30.49 14.14 -58.00
CA LEU C 371 -29.04 13.99 -58.00
C LEU C 371 -28.30 15.28 -57.66
N VAL C 372 -28.92 16.41 -57.98
CA VAL C 372 -28.33 17.70 -57.67
C VAL C 372 -28.37 17.97 -56.17
N ALA C 373 -29.52 17.71 -55.56
CA ALA C 373 -29.68 17.87 -54.12
C ALA C 373 -29.00 16.73 -53.38
N ILE C 374 -28.60 15.71 -54.12
CA ILE C 374 -27.92 14.55 -53.56
C ILE C 374 -26.40 14.78 -53.47
N ILE C 375 -25.83 15.39 -54.50
CA ILE C 375 -24.40 15.72 -54.49
C ILE C 375 -24.16 16.90 -53.55
N SER C 376 -25.20 17.29 -52.82
CA SER C 376 -25.12 18.41 -51.89
C SER C 376 -24.63 17.95 -50.51
N LEU C 377 -24.52 16.65 -50.33
CA LEU C 377 -24.08 16.09 -49.04
C LEU C 377 -22.62 15.63 -49.03
N PRO C 378 -22.20 14.89 -50.06
CA PRO C 378 -20.80 14.46 -50.14
C PRO C 378 -19.83 15.64 -50.09
N LEU C 379 -20.22 16.76 -50.69
CA LEU C 379 -19.39 17.96 -50.69
C LEU C 379 -19.52 18.73 -49.38
N GLY C 380 -20.74 18.84 -48.89
CA GLY C 380 -20.98 19.46 -47.59
C GLY C 380 -20.27 18.68 -46.51
N LEU C 381 -20.00 17.41 -46.80
CA LEU C 381 -19.24 16.55 -45.91
C LEU C 381 -17.77 16.97 -45.93
N CYS C 382 -17.16 16.90 -47.11
CA CYS C 382 -15.74 17.21 -47.28
C CYS C 382 -15.36 18.55 -46.67
N ILE C 383 -16.09 19.60 -47.01
CA ILE C 383 -15.80 20.94 -46.51
C ILE C 383 -15.84 21.00 -44.99
N ALA C 384 -16.69 20.15 -44.39
CA ALA C 384 -16.79 20.09 -42.94
C ALA C 384 -15.53 19.45 -42.34
N PHE C 385 -14.97 18.47 -43.04
CA PHE C 385 -13.80 17.75 -42.56
C PHE C 385 -12.50 18.52 -42.76
N ILE C 386 -12.22 18.92 -43.99
CA ILE C 386 -11.00 19.64 -44.30
C ILE C 386 -10.88 20.90 -43.46
N VAL C 387 -12.00 21.33 -42.88
CA VAL C 387 -12.01 22.48 -41.97
C VAL C 387 -11.61 22.08 -40.57
N MET C 388 -12.14 20.94 -40.11
CA MET C 388 -11.84 20.44 -38.78
C MET C 388 -10.37 20.09 -38.63
N HIS C 389 -9.74 19.64 -39.71
CA HIS C 389 -8.32 19.28 -39.67
C HIS C 389 -7.48 20.53 -39.41
N PHE C 390 -7.72 21.58 -40.18
CA PHE C 390 -7.09 22.88 -39.93
C PHE C 390 -7.41 23.34 -38.52
N GLN C 391 -8.71 23.39 -38.21
CA GLN C 391 -9.19 23.80 -36.89
C GLN C 391 -8.48 23.06 -35.75
N GLY C 392 -8.49 21.74 -35.81
CA GLY C 392 -7.94 20.92 -34.74
C GLY C 392 -9.05 20.18 -34.02
N LEU C 393 -9.93 19.56 -34.79
CA LEU C 393 -11.07 18.83 -34.24
C LEU C 393 -11.06 17.37 -34.68
N ASN C 394 -11.19 16.46 -33.71
CA ASN C 394 -11.29 15.04 -33.99
C ASN C 394 -12.72 14.60 -34.22
N ALA C 395 -12.90 13.35 -34.63
CA ALA C 395 -14.21 12.81 -34.95
C ALA C 395 -14.84 12.09 -33.75
N ASN C 396 -15.49 12.86 -32.89
CA ASN C 396 -16.21 12.31 -31.75
C ASN C 396 -17.72 12.40 -31.92
N ILE C 397 -18.46 11.84 -30.96
CA ILE C 397 -19.92 11.81 -31.05
C ILE C 397 -20.53 13.21 -31.13
N MET C 398 -19.87 14.17 -30.49
CA MET C 398 -20.39 15.53 -30.41
C MET C 398 -19.92 16.38 -31.59
N SER C 399 -18.99 15.82 -32.37
CA SER C 399 -18.52 16.50 -33.57
C SER C 399 -19.23 15.94 -34.80
N LEU C 400 -19.59 14.66 -34.75
CA LEU C 400 -20.39 14.07 -35.81
C LEU C 400 -21.87 14.36 -35.58
N GLY C 401 -22.25 14.47 -34.31
CA GLY C 401 -23.61 14.83 -33.96
C GLY C 401 -23.99 16.19 -34.51
N GLY C 402 -22.98 17.03 -34.72
CA GLY C 402 -23.19 18.33 -35.33
C GLY C 402 -23.31 18.21 -36.83
N ILE C 403 -22.55 17.27 -37.39
CA ILE C 403 -22.61 16.99 -38.82
C ILE C 403 -23.78 16.05 -39.11
N ALA C 404 -24.56 15.76 -38.07
CA ALA C 404 -25.74 14.92 -38.20
C ALA C 404 -27.00 15.73 -37.96
N ILE C 405 -26.93 16.65 -37.00
CA ILE C 405 -28.04 17.53 -36.68
C ILE C 405 -28.25 18.54 -37.80
N ALA C 406 -27.22 18.72 -38.62
CA ALA C 406 -27.22 19.76 -39.65
C ALA C 406 -27.54 19.23 -41.04
N VAL C 407 -27.44 17.92 -41.23
CA VAL C 407 -27.62 17.32 -42.55
C VAL C 407 -28.97 17.68 -43.18
N GLY C 408 -29.95 18.02 -42.35
CA GLY C 408 -31.29 18.32 -42.81
C GLY C 408 -31.41 19.63 -43.57
N ALA C 409 -30.57 20.59 -43.21
CA ALA C 409 -30.62 21.92 -43.82
C ALA C 409 -29.61 22.07 -44.95
N MET C 410 -28.66 21.16 -45.03
CA MET C 410 -27.65 21.18 -46.09
C MET C 410 -28.33 20.98 -47.44
N VAL C 411 -29.29 20.06 -47.48
CA VAL C 411 -30.07 19.82 -48.67
C VAL C 411 -31.19 20.85 -48.77
N ASP C 412 -31.56 21.42 -47.62
CA ASP C 412 -32.57 22.47 -47.57
C ASP C 412 -32.02 23.72 -48.25
N ALA C 413 -30.71 23.74 -48.48
CA ALA C 413 -30.06 24.84 -49.17
C ALA C 413 -30.04 24.58 -50.67
N ALA C 414 -30.05 23.30 -51.05
CA ALA C 414 -29.99 22.90 -52.45
C ALA C 414 -31.39 22.79 -53.07
N ILE C 415 -32.30 22.16 -52.35
CA ILE C 415 -33.66 21.93 -52.88
C ILE C 415 -34.45 23.23 -53.06
N VAL C 416 -34.40 24.11 -52.07
CA VAL C 416 -35.15 25.36 -52.14
C VAL C 416 -34.74 26.18 -53.35
N MET C 417 -33.52 25.95 -53.83
CA MET C 417 -33.03 26.58 -55.05
C MET C 417 -33.57 25.84 -56.27
N ILE C 418 -33.39 24.53 -56.27
CA ILE C 418 -33.88 23.67 -57.34
C ILE C 418 -35.37 23.84 -57.58
N GLU C 419 -36.14 23.90 -56.50
CA GLU C 419 -37.59 24.00 -56.58
C GLU C 419 -37.99 25.22 -57.38
N ASN C 420 -37.34 26.35 -57.10
CA ASN C 420 -37.67 27.62 -57.78
C ASN C 420 -37.29 27.59 -59.26
N ALA C 421 -36.50 26.60 -59.65
CA ALA C 421 -36.10 26.46 -61.05
C ALA C 421 -36.97 25.44 -61.77
N HIS C 422 -37.57 24.53 -61.01
CA HIS C 422 -38.48 23.53 -61.58
C HIS C 422 -39.75 24.18 -62.12
N LYS C 423 -40.26 25.17 -61.38
CA LYS C 423 -41.49 25.86 -61.78
C LYS C 423 -41.17 27.07 -62.65
N ARG C 424 -39.97 27.63 -62.51
CA ARG C 424 -39.56 28.76 -63.31
C ARG C 424 -39.20 28.31 -64.73
N LEU C 425 -39.28 27.01 -64.96
CA LEU C 425 -39.04 26.44 -66.28
C LEU C 425 -40.37 25.99 -66.88
N GLU C 426 -41.41 26.00 -66.05
CA GLU C 426 -42.73 25.57 -66.48
C GLU C 426 -43.50 26.73 -67.10
N GLU C 427 -42.93 27.94 -67.00
CA GLU C 427 -43.55 29.14 -67.57
C GLU C 427 -43.03 29.39 -68.98
N TRP C 428 -41.74 29.22 -69.17
CA TRP C 428 -41.11 29.44 -70.47
C TRP C 428 -41.66 28.45 -71.47
N GLN C 429 -42.16 27.32 -70.98
CA GLN C 429 -42.74 26.28 -71.81
C GLN C 429 -44.19 26.62 -72.17
N HIS C 430 -44.88 27.33 -71.28
CA HIS C 430 -46.28 27.67 -71.49
C HIS C 430 -46.47 28.94 -72.33
N GLN C 431 -45.43 29.76 -72.43
CA GLN C 431 -45.49 30.95 -73.27
C GLN C 431 -44.79 30.72 -74.60
N HIS C 432 -43.60 30.10 -74.55
CA HIS C 432 -42.87 29.73 -75.75
C HIS C 432 -43.30 28.33 -76.22
N PRO C 433 -42.79 27.88 -77.37
CA PRO C 433 -43.08 26.52 -77.84
C PRO C 433 -42.50 25.45 -76.91
N ASP C 434 -42.47 24.20 -77.36
CA ASP C 434 -42.01 23.10 -76.52
C ASP C 434 -41.01 22.20 -77.22
N ALA C 435 -40.65 22.56 -78.46
CA ALA C 435 -39.79 21.71 -79.27
C ALA C 435 -38.54 22.41 -79.77
N THR C 436 -38.25 23.59 -79.23
CA THR C 436 -37.06 24.33 -79.61
C THR C 436 -36.36 24.96 -78.41
N LEU C 437 -35.21 24.40 -78.04
CA LEU C 437 -34.42 24.93 -76.93
C LEU C 437 -32.94 24.58 -77.10
N ASP C 438 -32.08 25.52 -76.75
CA ASP C 438 -30.64 25.33 -76.89
C ASP C 438 -29.94 25.40 -75.53
N ASN C 439 -28.60 25.45 -75.55
CA ASN C 439 -27.81 25.49 -74.33
C ASN C 439 -27.87 26.84 -73.62
N LYS C 440 -27.99 27.91 -74.42
CA LYS C 440 -28.07 29.25 -73.86
C LYS C 440 -29.50 29.57 -73.40
N THR C 441 -30.48 28.93 -74.04
CA THR C 441 -31.87 29.12 -73.66
C THR C 441 -32.22 28.26 -72.45
N ARG C 442 -31.43 27.21 -72.22
CA ARG C 442 -31.56 26.40 -71.02
C ARG C 442 -30.61 26.96 -69.97
N TRP C 443 -29.81 27.93 -70.38
CA TRP C 443 -28.84 28.58 -69.51
C TRP C 443 -29.52 29.66 -68.67
N GLN C 444 -30.31 30.51 -69.34
CA GLN C 444 -30.93 31.66 -68.71
C GLN C 444 -31.97 31.29 -67.64
N VAL C 445 -32.82 30.32 -67.97
CA VAL C 445 -33.94 29.95 -67.11
C VAL C 445 -33.53 29.59 -65.69
N ILE C 446 -32.54 28.71 -65.55
CA ILE C 446 -32.11 28.24 -64.24
C ILE C 446 -31.49 29.37 -63.40
N THR C 447 -30.72 30.23 -64.06
CA THR C 447 -30.04 31.32 -63.39
C THR C 447 -31.02 32.33 -62.80
N ASP C 448 -32.03 32.70 -63.59
CA ASP C 448 -33.05 33.63 -63.14
C ASP C 448 -33.68 33.16 -61.84
N ALA C 449 -34.05 31.88 -61.80
CA ALA C 449 -34.68 31.29 -60.63
C ALA C 449 -33.77 31.32 -59.42
N SER C 450 -32.49 31.01 -59.63
CA SER C 450 -31.51 30.99 -58.55
C SER C 450 -31.29 32.38 -57.98
N VAL C 451 -31.44 33.40 -58.81
CA VAL C 451 -31.24 34.79 -58.38
C VAL C 451 -32.36 35.23 -57.44
N GLU C 452 -33.59 34.86 -57.78
CA GLU C 452 -34.76 35.24 -56.98
C GLU C 452 -34.76 34.60 -55.60
N VAL C 453 -34.12 33.44 -55.49
CA VAL C 453 -34.02 32.75 -54.21
C VAL C 453 -32.63 32.89 -53.63
N GLY C 454 -31.77 33.60 -54.33
CA GLY C 454 -30.39 33.81 -53.89
C GLY C 454 -30.28 34.49 -52.55
N PRO C 455 -30.83 35.72 -52.42
CA PRO C 455 -30.76 36.50 -51.18
C PRO C 455 -31.39 35.77 -49.99
N ALA C 456 -32.66 35.39 -50.12
CA ALA C 456 -33.41 34.79 -49.04
C ALA C 456 -32.67 33.64 -48.34
N LEU C 457 -32.24 32.66 -49.14
CA LEU C 457 -31.60 31.47 -48.59
C LEU C 457 -30.24 31.74 -47.94
N PHE C 458 -29.30 32.24 -48.71
CA PHE C 458 -27.95 32.48 -48.23
C PHE C 458 -27.94 33.24 -46.90
N ILE C 459 -28.79 34.27 -46.81
CA ILE C 459 -28.87 35.08 -45.60
C ILE C 459 -29.52 34.30 -44.46
N SER C 460 -30.49 33.46 -44.80
CA SER C 460 -31.17 32.65 -43.79
C SER C 460 -30.30 31.50 -43.31
N LEU C 461 -29.29 31.15 -44.09
CA LEU C 461 -28.33 30.13 -43.69
C LEU C 461 -27.17 30.80 -42.96
N LEU C 462 -27.00 32.09 -43.23
CA LEU C 462 -26.10 32.91 -42.45
C LEU C 462 -26.82 33.23 -41.14
N ILE C 463 -28.13 33.08 -41.17
CA ILE C 463 -28.98 33.26 -39.99
C ILE C 463 -28.83 32.07 -39.04
N ILE C 464 -29.05 30.87 -39.58
CA ILE C 464 -29.02 29.66 -38.78
C ILE C 464 -27.66 29.45 -38.11
N THR C 465 -26.61 29.99 -38.69
CA THR C 465 -25.26 29.80 -38.17
C THR C 465 -24.79 30.97 -37.30
N LEU C 466 -25.54 32.07 -37.31
CA LEU C 466 -25.23 33.20 -36.44
C LEU C 466 -26.20 33.28 -35.28
N SER C 467 -27.44 32.87 -35.51
CA SER C 467 -28.42 32.78 -34.43
C SER C 467 -27.99 31.70 -33.46
N PHE C 468 -27.12 30.80 -33.93
CA PHE C 468 -26.65 29.68 -33.13
C PHE C 468 -25.30 29.99 -32.49
N ILE C 469 -24.63 31.01 -33.01
CA ILE C 469 -23.33 31.45 -32.49
C ILE C 469 -23.28 31.59 -30.98
N PRO C 470 -24.32 32.20 -30.37
CA PRO C 470 -24.36 32.42 -28.93
C PRO C 470 -23.92 31.22 -28.09
N ILE C 471 -24.02 30.01 -28.63
CA ILE C 471 -23.65 28.80 -27.89
C ILE C 471 -22.17 28.76 -27.50
N PHE C 472 -21.30 29.29 -28.35
CA PHE C 472 -19.87 29.30 -28.06
C PHE C 472 -19.56 29.81 -26.67
N THR C 473 -20.38 30.75 -26.20
CA THR C 473 -20.14 31.40 -24.91
C THR C 473 -20.30 30.44 -23.73
N LEU C 474 -20.86 29.25 -23.97
CA LEU C 474 -20.97 28.24 -22.92
C LEU C 474 -19.61 27.99 -22.30
N GLU C 475 -19.44 28.44 -21.06
CA GLU C 475 -18.15 28.38 -20.39
C GLU C 475 -17.88 27.02 -19.77
N GLY C 476 -16.74 26.42 -20.13
CA GLY C 476 -16.29 25.21 -19.45
C GLY C 476 -16.63 23.90 -20.13
N GLN C 477 -17.14 22.97 -19.33
CA GLN C 477 -17.34 21.59 -19.77
C GLN C 477 -18.38 21.44 -20.88
N GLU C 478 -19.52 22.10 -20.71
CA GLU C 478 -20.58 22.04 -21.72
C GLU C 478 -20.16 22.76 -23.00
N GLY C 479 -19.43 23.86 -22.83
CA GLY C 479 -18.87 24.56 -23.97
C GLY C 479 -17.84 23.70 -24.68
N ARG C 480 -17.23 22.81 -23.91
CA ARG C 480 -16.28 21.85 -24.48
C ARG C 480 -17.04 20.72 -25.16
N LEU C 481 -18.28 20.50 -24.74
CA LEU C 481 -19.10 19.45 -25.31
C LEU C 481 -19.79 19.92 -26.59
N PHE C 482 -20.72 20.86 -26.44
CA PHE C 482 -21.50 21.35 -27.58
C PHE C 482 -20.69 22.34 -28.40
N GLY C 483 -19.49 22.65 -27.94
CA GLY C 483 -18.59 23.52 -28.68
C GLY C 483 -18.27 22.94 -30.05
N PRO C 484 -17.72 21.72 -30.08
CA PRO C 484 -17.45 21.00 -31.34
C PRO C 484 -18.71 20.86 -32.18
N LEU C 485 -19.84 20.54 -31.54
CA LEU C 485 -21.11 20.41 -32.26
C LEU C 485 -21.47 21.74 -32.90
N ALA C 486 -21.21 22.83 -32.17
CA ALA C 486 -21.46 24.17 -32.69
C ALA C 486 -20.57 24.43 -33.91
N PHE C 487 -19.29 24.14 -33.77
CA PHE C 487 -18.35 24.31 -34.87
C PHE C 487 -18.77 23.50 -36.10
N THR C 488 -19.06 22.23 -35.89
CA THR C 488 -19.39 21.32 -36.98
C THR C 488 -20.69 21.69 -37.71
N LYS C 489 -21.70 22.10 -36.95
CA LYS C 489 -22.96 22.51 -37.55
C LYS C 489 -22.74 23.73 -38.42
N THR C 490 -21.99 24.69 -37.90
CA THR C 490 -21.69 25.93 -38.64
C THR C 490 -20.81 25.64 -39.86
N TYR C 491 -19.81 24.78 -39.68
CA TYR C 491 -18.90 24.42 -40.76
C TYR C 491 -19.63 23.85 -41.97
N ALA C 492 -20.52 22.90 -41.71
CA ALA C 492 -21.24 22.21 -42.79
C ALA C 492 -22.37 23.06 -43.36
N MET C 493 -22.96 23.90 -42.53
CA MET C 493 -24.03 24.80 -42.98
C MET C 493 -23.45 25.90 -43.89
N ALA C 494 -22.46 26.60 -43.39
CA ALA C 494 -21.80 27.65 -44.17
C ALA C 494 -21.17 27.05 -45.42
N GLY C 495 -20.84 25.76 -45.35
CA GLY C 495 -20.27 25.05 -46.48
C GLY C 495 -21.33 24.74 -47.53
N ALA C 496 -22.50 24.31 -47.08
CA ALA C 496 -23.60 24.00 -47.98
C ALA C 496 -24.36 25.26 -48.39
N ALA C 497 -23.86 26.41 -47.92
CA ALA C 497 -24.47 27.70 -48.25
C ALA C 497 -23.59 28.46 -49.25
N LEU C 498 -22.28 28.43 -49.01
CA LEU C 498 -21.32 29.08 -49.89
C LEU C 498 -21.12 28.25 -51.16
N LEU C 499 -21.43 26.96 -51.06
CA LEU C 499 -21.30 26.05 -52.18
C LEU C 499 -22.55 26.06 -53.05
N ALA C 500 -23.68 26.42 -52.45
CA ALA C 500 -24.95 26.49 -53.17
C ALA C 500 -24.98 27.70 -54.11
N ILE C 501 -23.98 28.56 -53.98
CA ILE C 501 -23.88 29.75 -54.82
C ILE C 501 -22.62 29.68 -55.68
N VAL C 502 -22.05 28.49 -55.79
CA VAL C 502 -20.82 28.29 -56.55
C VAL C 502 -20.88 27.05 -57.42
N VAL C 503 -21.61 26.03 -56.96
CA VAL C 503 -21.66 24.75 -57.67
C VAL C 503 -23.09 24.26 -57.89
N ILE C 504 -23.89 24.28 -56.83
CA ILE C 504 -25.27 23.77 -56.90
C ILE C 504 -26.04 24.23 -58.14
N PRO C 505 -26.02 25.54 -58.43
CA PRO C 505 -26.74 26.06 -59.60
C PRO C 505 -26.23 25.47 -60.90
N ILE C 506 -24.92 25.30 -61.01
CA ILE C 506 -24.31 24.76 -62.24
C ILE C 506 -24.59 23.27 -62.40
N LEU C 507 -24.51 22.53 -61.30
CA LEU C 507 -24.81 21.11 -61.33
C LEU C 507 -26.24 20.85 -61.80
N MET C 508 -27.18 21.66 -61.32
CA MET C 508 -28.58 21.51 -61.70
C MET C 508 -28.85 22.06 -63.10
N GLY C 509 -27.90 22.83 -63.61
CA GLY C 509 -28.00 23.35 -64.96
C GLY C 509 -27.49 22.33 -65.96
N TYR C 510 -26.45 21.61 -65.56
CA TYR C 510 -25.87 20.55 -66.38
C TYR C 510 -26.88 19.42 -66.52
N TRP C 511 -27.50 19.05 -65.41
CA TRP C 511 -28.47 17.96 -65.39
C TRP C 511 -29.89 18.48 -65.53
N LEU C 524 -48.06 13.19 -56.77
CA LEU C 524 -49.23 13.28 -55.90
C LEU C 524 -49.27 14.62 -55.16
N ASN C 525 -48.55 15.61 -55.68
CA ASN C 525 -48.52 16.94 -55.09
C ASN C 525 -49.91 17.58 -55.08
N ARG C 526 -50.84 16.93 -55.78
CA ARG C 526 -52.22 17.38 -55.84
C ARG C 526 -52.95 17.16 -54.52
N PHE C 527 -52.94 15.92 -54.04
CA PHE C 527 -53.72 15.55 -52.86
C PHE C 527 -53.12 15.99 -51.52
N LEU C 528 -52.60 17.21 -51.50
CA LEU C 528 -52.20 17.88 -50.26
C LEU C 528 -52.56 19.35 -50.39
N ILE C 529 -52.49 19.84 -51.62
CA ILE C 529 -52.93 21.19 -51.93
C ILE C 529 -54.45 21.27 -51.85
N ARG C 530 -55.10 20.12 -51.78
CA ARG C 530 -56.56 20.05 -51.67
C ARG C 530 -57.02 19.92 -50.22
N VAL C 531 -56.08 19.60 -49.34
CA VAL C 531 -56.37 19.46 -47.91
C VAL C 531 -55.89 20.71 -47.16
N TYR C 532 -55.02 21.47 -47.80
CA TYR C 532 -54.44 22.66 -47.19
C TYR C 532 -55.33 23.88 -47.29
N HIS C 533 -55.66 24.27 -48.52
CA HIS C 533 -56.37 25.51 -48.78
C HIS C 533 -57.81 25.60 -48.23
N PRO C 534 -58.47 24.45 -48.04
CA PRO C 534 -59.79 24.51 -47.37
C PRO C 534 -59.66 25.17 -45.99
N LEU C 535 -58.59 24.85 -45.26
CA LEU C 535 -58.35 25.42 -43.95
C LEU C 535 -57.47 26.68 -44.04
N LEU C 536 -57.06 27.01 -45.26
CA LEU C 536 -56.34 28.25 -45.50
C LEU C 536 -57.30 29.39 -45.80
N LEU C 537 -58.21 29.17 -46.75
CA LEU C 537 -59.23 30.15 -47.07
C LEU C 537 -60.11 30.38 -45.85
N LYS C 538 -60.12 29.39 -44.96
CA LYS C 538 -60.89 29.47 -43.73
C LYS C 538 -60.20 30.37 -42.72
N VAL C 539 -58.86 30.38 -42.77
CA VAL C 539 -58.08 31.20 -41.85
C VAL C 539 -58.26 32.68 -42.17
N LEU C 540 -58.75 32.95 -43.38
CA LEU C 540 -59.02 34.33 -43.80
C LEU C 540 -60.43 34.75 -43.39
N HIS C 541 -61.03 33.97 -42.48
CA HIS C 541 -62.26 34.36 -41.82
C HIS C 541 -61.88 35.12 -40.56
N TRP C 542 -61.97 36.45 -40.63
CA TRP C 542 -61.53 37.30 -39.53
C TRP C 542 -60.16 36.84 -39.04
N PRO C 543 -59.11 37.13 -39.82
CA PRO C 543 -57.73 36.68 -39.57
C PRO C 543 -57.31 36.86 -38.12
N LYS C 544 -57.72 37.96 -37.50
CA LYS C 544 -57.36 38.27 -36.12
C LYS C 544 -57.58 37.09 -35.18
N THR C 545 -58.79 36.56 -35.18
CA THR C 545 -59.16 35.45 -34.28
C THR C 545 -58.22 34.25 -34.37
N THR C 546 -57.79 33.92 -35.58
CA THR C 546 -56.92 32.76 -35.78
C THR C 546 -55.58 32.95 -35.06
N LEU C 547 -55.14 34.20 -34.96
CA LEU C 547 -53.88 34.51 -34.28
C LEU C 547 -54.02 34.30 -32.78
N LEU C 548 -55.16 34.70 -32.23
CA LEU C 548 -55.42 34.57 -30.80
C LEU C 548 -55.49 33.11 -30.36
N VAL C 549 -56.24 32.30 -31.10
CA VAL C 549 -56.36 30.88 -30.78
C VAL C 549 -55.02 30.18 -30.94
N ALA C 550 -54.12 30.80 -31.69
CA ALA C 550 -52.77 30.28 -31.86
C ALA C 550 -51.92 30.57 -30.62
N ALA C 551 -52.09 31.76 -30.06
CA ALA C 551 -51.41 32.13 -28.83
C ALA C 551 -51.98 31.31 -27.67
N LEU C 552 -53.27 30.99 -27.76
CA LEU C 552 -53.92 30.17 -26.75
C LEU C 552 -53.41 28.74 -26.79
N SER C 553 -53.15 28.24 -27.99
CA SER C 553 -52.60 26.90 -28.15
C SER C 553 -51.16 26.87 -27.63
N VAL C 554 -50.47 28.01 -27.75
CA VAL C 554 -49.10 28.12 -27.27
C VAL C 554 -49.03 28.00 -25.75
N LEU C 555 -50.11 28.40 -25.08
CA LEU C 555 -50.17 28.33 -23.62
C LEU C 555 -50.57 26.93 -23.14
N THR C 556 -51.44 26.27 -23.92
CA THR C 556 -51.80 24.89 -23.65
C THR C 556 -50.58 24.00 -23.89
N VAL C 557 -49.75 24.43 -24.84
CA VAL C 557 -48.52 23.71 -25.17
C VAL C 557 -47.40 24.14 -24.22
N LEU C 558 -47.71 25.08 -23.35
CA LEU C 558 -46.73 25.54 -22.35
C LEU C 558 -46.82 24.70 -21.08
N TRP C 559 -48.01 24.20 -20.78
CA TRP C 559 -48.26 23.40 -19.58
C TRP C 559 -47.29 22.22 -19.37
N PRO C 560 -47.03 21.42 -20.41
CA PRO C 560 -46.16 20.23 -20.31
C PRO C 560 -44.84 20.51 -19.60
N LEU C 561 -44.39 21.76 -19.60
CA LEU C 561 -43.13 22.13 -18.95
C LEU C 561 -43.07 21.59 -17.52
N ASN C 562 -44.13 21.88 -16.76
CA ASN C 562 -44.18 21.55 -15.34
C ASN C 562 -43.77 20.11 -15.00
N LYS C 563 -44.21 19.16 -15.82
CA LYS C 563 -43.95 17.74 -15.57
C LYS C 563 -42.51 17.33 -15.81
N VAL C 564 -41.93 17.80 -16.92
CA VAL C 564 -40.59 17.39 -17.31
C VAL C 564 -39.57 17.67 -16.21
N GLY C 565 -38.56 16.80 -16.11
CA GLY C 565 -37.52 16.94 -15.12
C GLY C 565 -36.35 17.78 -15.59
N GLY C 566 -35.32 17.89 -14.75
CA GLY C 566 -34.15 18.68 -15.07
C GLY C 566 -32.85 17.95 -14.82
N GLU C 567 -31.94 18.04 -15.80
CA GLU C 567 -30.65 17.37 -15.70
C GLU C 567 -29.59 18.15 -16.49
N PHE C 568 -28.40 18.26 -15.91
CA PHE C 568 -27.30 18.96 -16.58
C PHE C 568 -27.02 18.39 -17.95
N LEU C 569 -27.13 17.06 -18.07
CA LEU C 569 -26.89 16.37 -19.32
C LEU C 569 -27.55 14.99 -19.30
N PRO C 570 -27.99 14.52 -20.47
CA PRO C 570 -28.55 13.17 -20.59
C PRO C 570 -27.59 12.14 -19.99
N GLN C 571 -28.12 11.13 -19.31
CA GLN C 571 -27.27 10.14 -18.68
C GLN C 571 -26.67 9.19 -19.69
N ILE C 572 -25.57 9.61 -20.31
CA ILE C 572 -24.89 8.79 -21.32
C ILE C 572 -24.50 7.43 -20.75
N ASN C 573 -24.66 6.39 -21.56
CA ASN C 573 -24.43 5.03 -21.11
C ASN C 573 -23.20 4.37 -21.75
N GLU C 574 -22.16 4.16 -20.94
CA GLU C 574 -20.98 3.43 -21.37
C GLU C 574 -21.11 1.96 -20.97
N GLY C 575 -20.42 1.09 -21.69
CA GLY C 575 -20.54 -0.36 -21.49
C GLY C 575 -20.25 -0.83 -20.08
N ASP C 576 -19.49 -0.05 -19.33
CA ASP C 576 -19.12 -0.42 -17.98
C ASP C 576 -19.66 0.59 -16.97
N LEU C 577 -19.34 0.38 -15.70
CA LEU C 577 -19.75 1.31 -14.64
C LEU C 577 -19.00 1.09 -13.33
N LEU C 578 -18.68 2.18 -12.65
CA LEU C 578 -17.95 2.12 -11.38
C LEU C 578 -18.91 1.98 -10.20
N TYR C 579 -18.52 1.18 -9.21
CA TYR C 579 -19.30 1.01 -8.00
C TYR C 579 -18.49 1.43 -6.78
N MET C 580 -18.88 2.54 -6.17
CA MET C 580 -18.21 3.03 -4.98
C MET C 580 -19.23 3.04 -3.88
N PRO C 581 -18.93 2.32 -2.80
CA PRO C 581 -19.81 2.30 -1.64
C PRO C 581 -19.10 3.00 -0.50
N SER C 582 -19.74 4.01 0.07
CA SER C 582 -19.08 4.78 1.11
C SER C 582 -19.32 4.15 2.48
N THR C 583 -18.32 4.23 3.34
CA THR C 583 -18.43 3.70 4.70
C THR C 583 -17.81 4.67 5.70
N LEU C 584 -18.01 4.39 6.99
CA LEU C 584 -17.44 5.24 8.04
C LEU C 584 -15.91 5.29 7.92
N PRO C 585 -15.28 6.27 8.58
CA PRO C 585 -13.85 6.56 8.35
C PRO C 585 -12.88 5.51 8.89
N GLY C 586 -13.26 4.80 9.94
CA GLY C 586 -12.31 4.00 10.69
C GLY C 586 -11.82 2.67 10.15
N ILE C 587 -12.53 2.08 9.19
CA ILE C 587 -12.25 0.71 8.77
C ILE C 587 -10.76 0.39 8.60
N SER C 588 -10.41 -0.87 8.82
CA SER C 588 -9.03 -1.33 8.69
C SER C 588 -8.78 -1.90 7.29
N ALA C 589 -7.54 -1.81 6.83
CA ALA C 589 -7.18 -2.28 5.49
C ALA C 589 -7.61 -3.72 5.26
N ALA C 590 -7.22 -4.61 6.16
CA ALA C 590 -7.56 -6.02 6.04
C ALA C 590 -9.06 -6.22 5.91
N GLU C 591 -9.82 -5.46 6.70
CA GLU C 591 -11.27 -5.55 6.69
C GLU C 591 -11.87 -4.98 5.41
N ALA C 592 -11.28 -3.89 4.92
CA ALA C 592 -11.72 -3.29 3.67
C ALA C 592 -11.48 -4.23 2.50
N ALA C 593 -10.36 -4.95 2.54
CA ALA C 593 -10.05 -5.94 1.51
C ALA C 593 -11.06 -7.07 1.55
N SER C 594 -11.41 -7.50 2.76
CA SER C 594 -12.42 -8.54 2.97
C SER C 594 -13.76 -8.05 2.45
N MET C 595 -14.15 -6.86 2.89
CA MET C 595 -15.38 -6.23 2.43
C MET C 595 -15.42 -6.19 0.90
N LEU C 596 -14.26 -5.90 0.30
CA LEU C 596 -14.17 -5.78 -1.14
C LEU C 596 -14.51 -7.08 -1.86
N GLN C 597 -13.74 -8.14 -1.61
CA GLN C 597 -13.95 -9.43 -2.25
C GLN C 597 -15.39 -9.92 -2.06
N LYS C 598 -15.93 -9.72 -0.85
CA LYS C 598 -17.32 -10.10 -0.57
C LYS C 598 -18.24 -9.44 -1.59
N THR C 599 -18.09 -8.13 -1.73
CA THR C 599 -18.89 -7.34 -2.66
C THR C 599 -18.72 -7.82 -4.11
N ASP C 600 -17.49 -8.12 -4.50
CA ASP C 600 -17.22 -8.58 -5.86
C ASP C 600 -18.04 -9.81 -6.19
N LYS C 601 -18.07 -10.78 -5.28
CA LYS C 601 -18.79 -12.03 -5.50
C LYS C 601 -20.28 -11.78 -5.71
N LEU C 602 -20.83 -10.77 -5.01
CA LEU C 602 -22.22 -10.38 -5.20
C LEU C 602 -22.43 -9.76 -6.59
N ILE C 603 -21.55 -8.83 -6.95
CA ILE C 603 -21.64 -8.18 -8.26
C ILE C 603 -21.53 -9.21 -9.37
N MET C 604 -20.66 -10.19 -9.20
CA MET C 604 -20.46 -11.23 -10.20
C MET C 604 -21.63 -12.21 -10.21
N SER C 605 -22.51 -12.08 -9.22
CA SER C 605 -23.68 -12.94 -9.13
C SER C 605 -24.72 -12.59 -10.20
N VAL C 606 -24.79 -11.31 -10.56
CA VAL C 606 -25.70 -10.84 -11.59
C VAL C 606 -25.19 -11.20 -13.00
N PRO C 607 -26.07 -11.80 -13.81
CA PRO C 607 -25.68 -12.45 -15.06
C PRO C 607 -25.42 -11.50 -16.22
N GLU C 608 -25.44 -10.20 -15.97
CA GLU C 608 -25.21 -9.23 -17.03
C GLU C 608 -23.78 -8.70 -17.00
N VAL C 609 -23.10 -8.93 -15.88
CA VAL C 609 -21.71 -8.48 -15.73
C VAL C 609 -20.73 -9.60 -16.06
N ALA C 610 -19.68 -9.26 -16.80
CA ALA C 610 -18.70 -10.23 -17.26
C ALA C 610 -17.46 -10.26 -16.37
N ARG C 611 -17.03 -9.07 -15.94
CA ARG C 611 -15.87 -8.97 -15.07
C ARG C 611 -16.08 -7.96 -13.94
N VAL C 612 -15.42 -8.20 -12.81
CA VAL C 612 -15.47 -7.30 -11.66
C VAL C 612 -14.07 -7.03 -11.14
N PHE C 613 -13.60 -5.79 -11.31
CA PHE C 613 -12.26 -5.41 -10.88
C PHE C 613 -12.32 -4.47 -9.69
N GLY C 614 -12.31 -5.05 -8.49
CA GLY C 614 -12.44 -4.28 -7.26
C GLY C 614 -11.16 -3.57 -6.85
N LYS C 615 -11.32 -2.42 -6.21
CA LYS C 615 -10.17 -1.64 -5.77
C LYS C 615 -10.43 -0.91 -4.47
N THR C 616 -9.53 -1.08 -3.51
CA THR C 616 -9.53 -0.27 -2.30
C THR C 616 -8.18 0.43 -2.20
N GLY C 617 -8.14 1.53 -1.46
CA GLY C 617 -6.93 2.32 -1.40
C GLY C 617 -6.68 3.04 -2.70
N LYS C 618 -5.43 3.09 -3.13
CA LYS C 618 -5.07 3.80 -4.35
C LYS C 618 -4.11 2.99 -5.21
N ALA C 619 -3.89 3.46 -6.44
CA ALA C 619 -2.86 2.90 -7.31
C ALA C 619 -1.65 3.82 -7.34
N GLU C 620 -0.50 3.27 -7.74
CA GLU C 620 0.73 4.06 -7.75
C GLU C 620 0.70 5.20 -8.75
N THR C 621 -0.02 6.26 -8.38
CA THR C 621 -0.16 7.45 -9.21
C THR C 621 -0.81 8.56 -8.39
N ALA C 622 -0.34 9.78 -8.57
CA ALA C 622 -0.86 10.93 -7.84
C ALA C 622 -2.29 11.26 -8.26
N THR C 623 -2.76 10.59 -9.30
CA THR C 623 -4.11 10.80 -9.80
C THR C 623 -5.14 10.18 -8.86
N ASP C 624 -4.75 9.10 -8.21
CA ASP C 624 -5.63 8.35 -7.32
C ASP C 624 -5.24 8.55 -5.86
N SER C 625 -6.05 9.31 -5.13
CA SER C 625 -5.82 9.56 -3.71
C SER C 625 -6.98 9.02 -2.88
N ALA C 626 -7.30 7.75 -3.07
CA ALA C 626 -8.42 7.13 -2.36
C ALA C 626 -7.94 6.35 -1.15
N PRO C 627 -8.66 6.50 -0.02
CA PRO C 627 -8.38 5.75 1.21
C PRO C 627 -8.77 4.28 1.06
N LEU C 628 -8.22 3.43 1.92
CA LEU C 628 -8.58 2.01 1.89
C LEU C 628 -10.02 1.82 2.36
N GLU C 629 -10.54 2.81 3.07
CA GLU C 629 -11.92 2.78 3.54
C GLU C 629 -12.92 2.95 2.41
N MET C 630 -12.45 3.58 1.32
CA MET C 630 -13.24 3.86 0.11
C MET C 630 -12.86 2.92 -1.03
N VAL C 631 -13.87 2.44 -1.75
CA VAL C 631 -13.66 1.42 -2.77
C VAL C 631 -14.29 1.82 -4.10
N GLU C 632 -13.58 1.57 -5.19
CA GLU C 632 -14.13 1.78 -6.53
C GLU C 632 -13.83 0.57 -7.43
N THR C 633 -14.87 -0.16 -7.80
CA THR C 633 -14.70 -1.36 -8.63
C THR C 633 -15.23 -1.12 -10.04
N THR C 634 -14.44 -1.50 -11.04
CA THR C 634 -14.87 -1.36 -12.43
C THR C 634 -15.68 -2.56 -12.90
N ILE C 635 -16.93 -2.31 -13.29
CA ILE C 635 -17.84 -3.38 -13.68
C ILE C 635 -18.03 -3.46 -15.18
N GLN C 636 -17.50 -4.51 -15.79
CA GLN C 636 -17.71 -4.78 -17.21
C GLN C 636 -18.98 -5.59 -17.41
N LEU C 637 -19.80 -5.17 -18.35
CA LEU C 637 -21.06 -5.85 -18.64
C LEU C 637 -20.97 -6.61 -19.95
N LYS C 638 -21.58 -7.80 -19.98
CA LYS C 638 -21.67 -8.59 -21.19
C LYS C 638 -22.24 -7.73 -22.31
N PRO C 639 -21.97 -8.09 -23.57
CA PRO C 639 -22.51 -7.34 -24.71
C PRO C 639 -23.99 -7.01 -24.49
N GLN C 640 -24.39 -5.80 -24.87
CA GLN C 640 -25.75 -5.34 -24.63
C GLN C 640 -26.79 -6.28 -25.21
N GLU C 641 -26.35 -7.18 -26.08
CA GLU C 641 -27.24 -8.13 -26.74
C GLU C 641 -27.29 -9.49 -26.04
N GLN C 642 -26.75 -9.56 -24.83
CA GLN C 642 -26.78 -10.80 -24.07
C GLN C 642 -27.59 -10.69 -22.79
N TRP C 643 -27.94 -9.46 -22.43
CA TRP C 643 -28.73 -9.23 -21.22
C TRP C 643 -30.00 -10.06 -21.24
N ARG C 644 -30.54 -10.37 -20.06
CA ARG C 644 -31.80 -11.08 -19.97
C ARG C 644 -32.90 -10.33 -20.73
N PRO C 645 -33.98 -11.02 -21.09
CA PRO C 645 -35.07 -10.50 -21.92
C PRO C 645 -35.29 -8.99 -21.84
N GLY C 646 -36.20 -8.56 -20.99
CA GLY C 646 -36.56 -7.15 -20.89
C GLY C 646 -35.66 -6.36 -19.94
N MET C 647 -34.37 -6.62 -20.00
CA MET C 647 -33.41 -5.96 -19.11
C MET C 647 -32.85 -4.69 -19.72
N THR C 648 -32.87 -3.62 -18.92
CA THR C 648 -32.29 -2.34 -19.34
C THR C 648 -31.13 -2.02 -18.41
N MET C 649 -30.35 -1.00 -18.77
CA MET C 649 -29.23 -0.58 -17.93
C MET C 649 -29.72 -0.20 -16.53
N ASP C 650 -30.86 0.49 -16.49
CA ASP C 650 -31.46 0.90 -15.23
C ASP C 650 -32.00 -0.30 -14.46
N LYS C 651 -32.61 -1.23 -15.18
CA LYS C 651 -33.19 -2.43 -14.57
C LYS C 651 -32.10 -3.38 -14.08
N ILE C 652 -30.90 -3.24 -14.63
CA ILE C 652 -29.75 -4.01 -14.18
C ILE C 652 -29.27 -3.47 -12.83
N ILE C 653 -29.07 -2.16 -12.78
CA ILE C 653 -28.60 -1.50 -11.57
C ILE C 653 -29.52 -1.78 -10.38
N GLU C 654 -30.80 -1.98 -10.65
CA GLU C 654 -31.77 -2.28 -9.60
C GLU C 654 -31.43 -3.59 -8.89
N GLU C 655 -31.10 -4.62 -9.66
CA GLU C 655 -30.69 -5.89 -9.09
C GLU C 655 -29.33 -5.76 -8.41
N LEU C 656 -28.50 -4.86 -8.93
CA LEU C 656 -27.18 -4.61 -8.35
C LEU C 656 -27.28 -3.92 -7.00
N ASP C 657 -28.03 -2.83 -6.92
CA ASP C 657 -28.19 -2.09 -5.67
C ASP C 657 -29.07 -2.85 -4.70
N ASN C 658 -29.68 -3.93 -5.17
CA ASN C 658 -30.53 -4.75 -4.31
C ASN C 658 -29.84 -6.04 -3.89
N THR C 659 -28.89 -6.48 -4.72
CA THR C 659 -28.12 -7.68 -4.43
C THR C 659 -26.83 -7.37 -3.66
N VAL C 660 -26.15 -6.32 -4.09
CA VAL C 660 -24.91 -5.91 -3.44
C VAL C 660 -25.16 -4.89 -2.34
N ARG C 661 -25.18 -5.36 -1.10
CA ARG C 661 -25.40 -4.47 0.04
C ARG C 661 -25.05 -5.11 1.38
N LEU C 662 -24.04 -4.56 2.03
CA LEU C 662 -23.61 -5.00 3.36
C LEU C 662 -23.98 -3.92 4.37
N PRO C 663 -24.16 -4.32 5.64
CA PRO C 663 -24.49 -3.35 6.69
C PRO C 663 -23.46 -2.22 6.76
N GLY C 664 -23.82 -1.14 7.44
CA GLY C 664 -22.93 0.00 7.60
C GLY C 664 -22.20 0.40 6.33
N LEU C 665 -22.87 0.23 5.20
CA LEU C 665 -22.28 0.57 3.90
C LEU C 665 -23.35 1.13 2.94
N ALA C 666 -23.11 2.34 2.46
CA ALA C 666 -23.97 2.94 1.44
C ALA C 666 -23.28 2.85 0.09
N ASN C 667 -23.99 2.34 -0.91
CA ASN C 667 -23.40 2.06 -2.21
C ASN C 667 -23.92 2.94 -3.34
N LEU C 668 -22.98 3.49 -4.11
CA LEU C 668 -23.29 4.34 -5.27
C LEU C 668 -22.80 3.75 -6.60
N TRP C 669 -23.64 3.82 -7.62
CA TRP C 669 -23.36 3.26 -8.96
C TRP C 669 -23.30 4.40 -9.98
N VAL C 670 -22.14 4.51 -10.63
CA VAL C 670 -21.91 5.53 -11.65
C VAL C 670 -21.19 5.03 -12.88
N PRO C 671 -21.19 5.87 -13.91
CA PRO C 671 -20.39 5.55 -15.09
C PRO C 671 -18.93 5.86 -14.83
N PRO C 672 -18.02 5.06 -15.40
CA PRO C 672 -16.59 5.27 -15.20
C PRO C 672 -16.14 6.67 -15.65
N ILE C 673 -16.19 6.94 -16.95
CA ILE C 673 -15.75 8.22 -17.48
C ILE C 673 -16.42 9.40 -16.79
N ARG C 674 -17.75 9.34 -16.70
CA ARG C 674 -18.52 10.40 -16.07
C ARG C 674 -17.95 10.80 -14.71
N ASN C 675 -17.59 9.81 -13.91
CA ASN C 675 -17.11 10.04 -12.55
C ASN C 675 -15.75 10.76 -12.50
N ARG C 676 -14.79 10.27 -13.27
CA ARG C 676 -13.46 10.89 -13.30
C ARG C 676 -13.55 12.35 -13.71
N ILE C 677 -14.65 12.70 -14.38
CA ILE C 677 -14.90 14.07 -14.79
C ILE C 677 -15.72 14.80 -13.72
N ASP C 678 -16.62 14.07 -13.08
CA ASP C 678 -17.42 14.61 -11.98
C ASP C 678 -16.54 14.96 -10.81
N MET C 679 -15.37 14.32 -10.75
CA MET C 679 -14.42 14.55 -9.67
C MET C 679 -13.47 15.69 -10.01
N LEU C 680 -13.20 15.88 -11.30
CA LEU C 680 -12.25 16.88 -11.75
C LEU C 680 -12.88 18.28 -11.81
N SER C 681 -14.20 18.33 -11.91
CA SER C 681 -14.92 19.60 -11.98
C SER C 681 -15.38 20.06 -10.60
N THR C 682 -15.80 19.11 -9.77
CA THR C 682 -16.21 19.42 -8.40
C THR C 682 -15.42 18.59 -7.39
N GLY C 683 -15.44 17.27 -7.57
CA GLY C 683 -14.76 16.37 -6.66
C GLY C 683 -15.71 15.34 -6.09
N ILE C 684 -17.00 15.56 -6.28
CA ILE C 684 -18.02 14.63 -5.78
C ILE C 684 -18.11 13.40 -6.68
N LYS C 685 -18.26 12.24 -6.05
CA LYS C 685 -18.37 10.98 -6.77
C LYS C 685 -19.75 10.84 -7.42
N SER C 686 -20.76 11.28 -6.69
CA SER C 686 -22.16 11.11 -7.10
C SER C 686 -22.68 12.31 -7.89
N PRO C 687 -23.75 12.10 -8.66
CA PRO C 687 -24.43 13.17 -9.40
C PRO C 687 -24.86 14.27 -8.44
N ILE C 688 -25.41 13.89 -7.30
CA ILE C 688 -25.83 14.84 -6.27
C ILE C 688 -24.86 14.84 -5.10
N GLY C 689 -24.45 16.04 -4.67
CA GLY C 689 -23.53 16.18 -3.56
C GLY C 689 -23.72 17.48 -2.80
N ILE C 690 -23.47 17.45 -1.50
CA ILE C 690 -23.62 18.63 -0.66
C ILE C 690 -22.32 18.94 0.09
N LYS C 691 -21.85 20.17 -0.03
CA LYS C 691 -20.62 20.60 0.65
C LYS C 691 -20.93 21.42 1.90
N VAL C 692 -20.41 20.95 3.03
CA VAL C 692 -20.58 21.66 4.28
C VAL C 692 -19.22 22.12 4.81
N SER C 693 -18.85 23.35 4.48
CA SER C 693 -17.54 23.88 4.86
C SER C 693 -17.61 24.58 6.22
N GLY C 694 -16.51 24.53 6.96
CA GLY C 694 -16.45 25.15 8.27
C GLY C 694 -15.04 25.31 8.79
N THR C 695 -14.88 26.11 9.84
CA THR C 695 -13.58 26.33 10.45
C THR C 695 -13.46 25.60 11.80
N VAL C 696 -14.42 24.74 12.09
CA VAL C 696 -14.39 23.88 13.27
C VAL C 696 -14.99 22.52 12.94
N LEU C 697 -14.14 21.50 12.87
CA LEU C 697 -14.54 20.17 12.40
C LEU C 697 -15.77 19.63 13.11
N ALA C 698 -15.82 19.80 14.43
CA ALA C 698 -16.93 19.31 15.24
C ALA C 698 -18.27 19.87 14.77
N ASP C 699 -18.25 21.11 14.27
CA ASP C 699 -19.46 21.77 13.78
C ASP C 699 -19.88 21.25 12.41
N ILE C 700 -18.96 21.30 11.45
CA ILE C 700 -19.24 20.82 10.10
C ILE C 700 -19.66 19.36 10.09
N ASP C 701 -19.02 18.56 10.95
CA ASP C 701 -19.36 17.14 11.08
C ASP C 701 -20.75 16.97 11.70
N ALA C 702 -21.15 17.95 12.50
CA ALA C 702 -22.49 17.94 13.10
C ALA C 702 -23.52 18.33 12.05
N MET C 703 -23.09 19.16 11.11
CA MET C 703 -23.98 19.66 10.06
C MET C 703 -24.08 18.65 8.91
N ALA C 704 -23.06 17.82 8.77
CA ALA C 704 -23.03 16.83 7.72
C ALA C 704 -23.91 15.63 8.06
N GLU C 705 -24.02 15.32 9.35
CA GLU C 705 -24.82 14.19 9.80
C GLU C 705 -26.32 14.50 9.71
N GLN C 706 -26.70 15.71 10.11
CA GLN C 706 -28.10 16.12 10.07
C GLN C 706 -28.63 16.10 8.65
N ILE C 707 -27.88 16.69 7.72
CA ILE C 707 -28.23 16.69 6.31
C ILE C 707 -28.26 15.27 5.76
N GLU C 708 -27.45 14.39 6.35
CA GLU C 708 -27.41 12.99 5.96
C GLU C 708 -28.72 12.30 6.34
N GLU C 709 -29.30 12.73 7.45
CA GLU C 709 -30.56 12.15 7.93
C GLU C 709 -31.76 12.65 7.15
N VAL C 710 -31.75 13.92 6.77
CA VAL C 710 -32.85 14.50 6.02
C VAL C 710 -32.83 14.03 4.56
N ALA C 711 -31.64 13.74 4.06
CA ALA C 711 -31.49 13.33 2.66
C ALA C 711 -32.04 11.93 2.40
N ARG C 712 -32.12 11.12 3.46
CA ARG C 712 -32.58 9.73 3.32
C ARG C 712 -34.09 9.57 3.50
N THR C 713 -34.80 10.69 3.67
CA THR C 713 -36.25 10.66 3.76
C THR C 713 -36.89 11.30 2.53
N VAL C 714 -36.05 11.66 1.56
CA VAL C 714 -36.52 12.21 0.29
C VAL C 714 -37.06 11.10 -0.60
N PRO C 715 -38.23 11.36 -1.23
CA PRO C 715 -38.99 10.40 -2.05
C PRO C 715 -38.15 9.49 -2.95
N GLY C 716 -37.05 9.99 -3.51
CA GLY C 716 -36.29 9.22 -4.46
C GLY C 716 -34.79 9.13 -4.24
N VAL C 717 -34.38 8.75 -3.03
CA VAL C 717 -32.96 8.57 -2.73
C VAL C 717 -32.68 7.13 -2.34
N ALA C 718 -31.46 6.66 -2.62
CA ALA C 718 -31.07 5.29 -2.30
C ALA C 718 -29.91 5.25 -1.30
N SER C 719 -28.95 6.16 -1.49
CA SER C 719 -27.78 6.23 -0.63
C SER C 719 -27.57 7.65 -0.12
N ALA C 720 -27.09 7.77 1.12
CA ALA C 720 -26.81 9.08 1.70
C ALA C 720 -25.77 8.95 2.82
N LEU C 721 -24.51 9.19 2.50
CA LEU C 721 -23.45 9.11 3.50
C LEU C 721 -22.44 10.24 3.37
N ALA C 722 -22.26 10.99 4.44
CA ALA C 722 -21.31 12.11 4.47
C ALA C 722 -20.04 11.72 5.20
N GLU C 723 -18.96 11.55 4.46
CA GLU C 723 -17.67 11.19 5.03
C GLU C 723 -17.35 12.11 6.21
N ARG C 724 -16.98 11.51 7.34
CA ARG C 724 -16.67 12.29 8.53
C ARG C 724 -15.33 12.99 8.40
N LEU C 725 -15.03 13.85 9.35
CA LEU C 725 -13.80 14.63 9.31
C LEU C 725 -12.94 14.38 10.54
N GLU C 726 -13.42 13.52 11.43
CA GLU C 726 -12.63 13.11 12.58
C GLU C 726 -13.17 11.85 13.25
N GLY C 727 -13.22 10.76 12.48
CA GLY C 727 -13.62 9.47 13.00
C GLY C 727 -12.45 8.52 13.09
N GLY C 728 -11.24 9.08 13.06
CA GLY C 728 -10.03 8.28 13.11
C GLY C 728 -9.67 7.85 14.52
N ARG C 729 -9.26 6.60 14.67
CA ARG C 729 -8.90 6.09 15.98
C ARG C 729 -7.39 6.20 16.22
N TYR C 730 -7.03 6.50 17.47
CA TYR C 730 -5.64 6.75 17.81
C TYR C 730 -5.18 5.96 19.04
N ILE C 731 -4.01 5.35 18.94
CA ILE C 731 -3.30 4.85 20.10
C ILE C 731 -2.06 5.72 20.26
N ASN C 732 -2.18 6.79 21.04
CA ASN C 732 -1.07 7.72 21.21
C ASN C 732 -0.16 7.41 22.41
N VAL C 733 1.14 7.52 22.18
CA VAL C 733 2.13 7.27 23.21
C VAL C 733 2.64 8.60 23.78
N GLU C 734 1.92 9.13 24.76
CA GLU C 734 2.29 10.40 25.38
C GLU C 734 3.54 10.26 26.22
N ILE C 735 4.69 10.44 25.58
CA ILE C 735 5.99 10.31 26.22
C ILE C 735 6.17 11.25 27.41
N ASN C 736 6.74 10.72 28.48
CA ASN C 736 7.05 11.52 29.66
C ASN C 736 8.52 11.89 29.69
N ARG C 737 8.82 13.17 29.51
CA ARG C 737 10.20 13.63 29.47
C ARG C 737 10.98 13.26 30.72
N GLU C 738 10.39 13.49 31.88
CA GLU C 738 11.05 13.20 33.14
C GLU C 738 11.26 11.70 33.33
N LYS C 739 10.24 10.91 33.07
CA LYS C 739 10.35 9.45 33.15
C LYS C 739 11.45 8.93 32.24
N ALA C 740 11.53 9.47 31.03
CA ALA C 740 12.54 9.03 30.07
C ALA C 740 13.93 9.46 30.48
N ALA C 741 14.06 10.69 30.99
CA ALA C 741 15.34 11.22 31.42
C ALA C 741 15.98 10.33 32.48
N ARG C 742 15.14 9.72 33.30
CA ARG C 742 15.58 8.81 34.35
C ARG C 742 16.60 7.82 33.80
N TYR C 743 16.34 7.30 32.61
CA TYR C 743 17.20 6.29 32.00
C TYR C 743 18.14 6.92 30.98
N GLY C 744 18.27 8.24 31.03
CA GLY C 744 19.12 8.97 30.10
C GLY C 744 18.63 8.84 28.67
N MET C 745 17.32 8.91 28.48
CA MET C 745 16.74 8.85 27.14
C MET C 745 16.12 10.17 26.74
N THR C 746 16.39 10.59 25.50
CA THR C 746 15.75 11.77 24.95
C THR C 746 14.41 11.39 24.33
N VAL C 747 13.54 12.37 24.16
CA VAL C 747 12.25 12.15 23.49
C VAL C 747 12.49 11.37 22.21
N ALA C 748 13.56 11.71 21.51
CA ALA C 748 13.96 11.04 20.28
C ALA C 748 14.24 9.56 20.50
N ASP C 749 15.01 9.24 21.54
CA ASP C 749 15.41 7.87 21.82
C ASP C 749 14.22 6.96 22.09
N VAL C 750 13.22 7.48 22.78
CA VAL C 750 12.02 6.72 23.06
C VAL C 750 11.21 6.47 21.78
N GLN C 751 11.13 7.49 20.94
CA GLN C 751 10.33 7.43 19.72
C GLN C 751 10.81 6.34 18.75
N LEU C 752 12.12 6.09 18.74
CA LEU C 752 12.70 5.10 17.86
C LEU C 752 11.94 3.77 17.92
N PHE C 753 11.43 3.45 19.10
CA PHE C 753 10.68 2.21 19.29
C PHE C 753 9.28 2.33 18.72
N VAL C 754 8.70 3.51 18.84
CA VAL C 754 7.38 3.77 18.28
C VAL C 754 7.39 3.59 16.76
N THR C 755 8.40 4.15 16.10
CA THR C 755 8.46 4.15 14.65
C THR C 755 8.96 2.84 14.05
N SER C 756 10.03 2.29 14.62
CA SER C 756 10.68 1.13 14.01
C SER C 756 10.38 -0.19 14.75
N ALA C 757 10.39 -0.15 16.08
CA ALA C 757 10.07 -1.34 16.85
C ALA C 757 8.60 -1.70 16.70
N VAL C 758 7.74 -0.73 16.98
CA VAL C 758 6.30 -0.93 16.93
C VAL C 758 5.74 -0.70 15.53
N GLY C 759 6.20 0.36 14.88
CA GLY C 759 5.84 0.63 13.51
C GLY C 759 6.76 -0.12 12.57
N GLY C 760 6.37 -0.26 11.31
CA GLY C 760 7.16 -1.00 10.36
C GLY C 760 8.13 -0.12 9.59
N ALA C 761 8.44 1.04 10.17
CA ALA C 761 9.27 2.04 9.49
C ALA C 761 10.36 1.46 8.60
N MET C 762 10.42 1.94 7.37
CA MET C 762 11.44 1.50 6.43
C MET C 762 12.79 2.12 6.78
N VAL C 763 13.85 1.34 6.67
CA VAL C 763 15.18 1.81 7.03
C VAL C 763 16.12 1.84 5.83
N GLY C 764 15.68 1.29 4.71
CA GLY C 764 16.50 1.24 3.51
C GLY C 764 15.87 0.44 2.40
N GLU C 765 16.68 0.06 1.42
CA GLU C 765 16.18 -0.67 0.27
C GLU C 765 17.30 -1.35 -0.52
N THR C 766 17.06 -2.59 -0.91
CA THR C 766 18.01 -3.38 -1.69
C THR C 766 18.08 -2.86 -3.12
N VAL C 767 19.24 -2.99 -3.74
CA VAL C 767 19.41 -2.61 -5.14
C VAL C 767 19.53 -3.85 -6.00
N GLU C 768 18.41 -4.29 -6.57
CA GLU C 768 18.39 -5.50 -7.37
C GLU C 768 18.20 -5.18 -8.85
N GLY C 769 19.31 -5.02 -9.55
CA GLY C 769 19.29 -4.68 -10.96
C GLY C 769 18.62 -3.35 -11.19
N ILE C 770 17.59 -3.34 -12.02
CA ILE C 770 16.86 -2.12 -12.33
C ILE C 770 15.83 -1.86 -11.23
N ALA C 771 15.55 -2.90 -10.45
CA ALA C 771 14.50 -2.85 -9.43
C ALA C 771 15.03 -2.37 -8.08
N ARG C 772 14.12 -2.29 -7.12
CA ARG C 772 14.45 -1.84 -5.77
C ARG C 772 13.37 -2.28 -4.79
N TYR C 773 13.79 -2.86 -3.67
CA TYR C 773 12.85 -3.35 -2.66
C TYR C 773 13.25 -2.86 -1.27
N PRO C 774 12.25 -2.61 -0.41
CA PRO C 774 12.46 -1.97 0.89
C PRO C 774 12.97 -2.93 1.97
N ILE C 775 13.58 -2.36 3.01
CA ILE C 775 14.07 -3.12 4.16
C ILE C 775 13.60 -2.42 5.42
N ASN C 776 13.08 -3.20 6.37
CA ASN C 776 12.55 -2.60 7.59
C ASN C 776 12.80 -3.40 8.87
N LEU C 777 12.90 -2.68 9.99
CA LEU C 777 13.09 -3.29 11.29
C LEU C 777 11.78 -3.28 12.07
N ARG C 778 11.55 -4.28 12.90
CA ARG C 778 10.33 -4.35 13.70
C ARG C 778 10.34 -5.51 14.70
N TYR C 779 9.68 -5.32 15.83
CA TYR C 779 9.45 -6.40 16.77
C TYR C 779 8.40 -7.35 16.19
N PRO C 780 8.42 -8.62 16.61
CA PRO C 780 7.35 -9.54 16.21
C PRO C 780 5.99 -8.97 16.59
N GLN C 781 4.95 -9.30 15.82
CA GLN C 781 3.64 -8.69 16.01
C GLN C 781 3.13 -8.78 17.45
N SER C 782 3.39 -9.91 18.10
CA SER C 782 2.82 -10.16 19.43
C SER C 782 3.09 -9.03 20.44
N TRP C 783 4.21 -8.34 20.29
CA TRP C 783 4.60 -7.30 21.23
C TRP C 783 3.81 -6.01 21.00
N ARG C 784 3.30 -5.86 19.80
CA ARG C 784 2.54 -4.66 19.42
C ARG C 784 1.13 -5.05 19.01
N ASP C 785 0.60 -6.09 19.66
CA ASP C 785 -0.71 -6.63 19.37
C ASP C 785 -1.83 -5.69 19.80
N SER C 786 -1.63 -5.03 20.93
CA SER C 786 -2.69 -4.25 21.55
C SER C 786 -2.11 -3.14 22.43
N PRO C 787 -2.94 -2.19 22.84
CA PRO C 787 -2.49 -1.14 23.74
C PRO C 787 -1.80 -1.74 24.96
N GLN C 788 -2.44 -2.70 25.59
CA GLN C 788 -1.85 -3.41 26.71
C GLN C 788 -0.41 -3.79 26.35
N ALA C 789 -0.25 -4.42 25.20
CA ALA C 789 1.06 -4.87 24.73
C ALA C 789 2.07 -3.73 24.64
N LEU C 790 1.64 -2.60 24.10
CA LEU C 790 2.52 -1.46 23.91
C LEU C 790 3.00 -0.92 25.26
N ARG C 791 2.21 -1.15 26.30
CA ARG C 791 2.57 -0.69 27.64
C ARG C 791 3.66 -1.58 28.25
N GLN C 792 3.76 -2.80 27.77
CA GLN C 792 4.80 -3.71 28.24
C GLN C 792 5.83 -3.94 27.15
N LEU C 793 5.93 -2.97 26.25
CA LEU C 793 6.88 -3.00 25.15
C LEU C 793 8.30 -2.99 25.69
N PRO C 794 9.04 -4.09 25.48
CA PRO C 794 10.42 -4.22 25.93
C PRO C 794 11.31 -3.10 25.40
N ILE C 795 12.05 -2.45 26.28
CA ILE C 795 13.00 -1.42 25.89
C ILE C 795 14.34 -1.61 26.59
N LEU C 796 15.41 -1.73 25.80
CA LEU C 796 16.76 -1.79 26.34
C LEU C 796 17.35 -0.38 26.32
N THR C 797 17.43 0.25 27.50
CA THR C 797 17.90 1.62 27.59
C THR C 797 19.38 1.73 27.24
N PRO C 798 19.84 2.96 26.95
CA PRO C 798 21.25 3.29 26.74
C PRO C 798 22.13 2.65 27.81
N MET C 799 21.66 2.68 29.05
CA MET C 799 22.45 2.19 30.19
C MET C 799 22.25 0.69 30.42
N LYS C 800 21.80 -0.01 29.39
CA LYS C 800 21.62 -1.45 29.43
C LYS C 800 20.60 -1.91 30.48
N GLN C 801 19.76 -0.99 30.91
CA GLN C 801 18.65 -1.30 31.81
C GLN C 801 17.51 -1.86 30.98
N GLN C 802 16.74 -2.78 31.56
CA GLN C 802 15.61 -3.37 30.85
C GLN C 802 14.28 -2.85 31.38
N ILE C 803 13.56 -2.13 30.54
CA ILE C 803 12.29 -1.54 30.93
C ILE C 803 11.21 -1.79 29.88
N THR C 804 9.98 -1.36 30.19
CA THR C 804 8.88 -1.43 29.24
C THR C 804 8.52 0.00 28.82
N LEU C 805 7.80 0.11 27.71
CA LEU C 805 7.45 1.42 27.14
C LEU C 805 6.65 2.29 28.10
N ALA C 806 5.84 1.67 28.94
CA ALA C 806 4.98 2.40 29.85
C ALA C 806 5.75 3.00 31.02
N ASP C 807 7.03 2.63 31.12
CA ASP C 807 7.89 3.14 32.18
C ASP C 807 8.33 4.56 31.90
N VAL C 808 8.26 4.96 30.64
CA VAL C 808 8.66 6.29 30.23
C VAL C 808 7.53 7.02 29.53
N ALA C 809 6.36 6.40 29.44
CA ALA C 809 5.24 7.03 28.74
C ALA C 809 3.88 6.47 29.14
N ASP C 810 2.85 7.27 28.88
CA ASP C 810 1.47 6.82 29.02
C ASP C 810 0.92 6.58 27.63
N ILE C 811 0.26 5.44 27.43
CA ILE C 811 -0.36 5.18 26.14
C ILE C 811 -1.88 5.21 26.24
N LYS C 812 -2.50 6.10 25.47
CA LYS C 812 -3.93 6.33 25.54
C LYS C 812 -4.59 6.21 24.17
N VAL C 813 -5.78 5.60 24.15
CA VAL C 813 -6.59 5.51 22.95
C VAL C 813 -7.50 6.72 22.88
N SER C 814 -7.66 7.27 21.69
CA SER C 814 -8.47 8.47 21.51
C SER C 814 -9.00 8.55 20.10
N THR C 815 -9.95 9.46 19.89
CA THR C 815 -10.52 9.69 18.57
C THR C 815 -10.08 11.06 18.08
N GLY C 816 -9.88 11.18 16.77
CA GLY C 816 -9.47 12.45 16.20
C GLY C 816 -9.57 12.46 14.69
N PRO C 817 -9.04 13.52 14.05
CA PRO C 817 -9.08 13.70 12.60
C PRO C 817 -8.68 12.42 11.87
N SER C 818 -9.33 12.13 10.75
CA SER C 818 -9.03 10.94 9.98
C SER C 818 -8.56 11.28 8.58
N MET C 819 -8.83 12.50 8.14
CA MET C 819 -8.55 12.89 6.77
C MET C 819 -8.84 14.38 6.57
N LEU C 820 -8.01 15.23 7.18
CA LEU C 820 -8.19 16.68 7.07
C LEU C 820 -8.37 17.11 5.62
N LYS C 821 -9.61 17.35 5.23
CA LYS C 821 -9.93 17.76 3.87
C LYS C 821 -10.17 19.27 3.79
N THR C 822 -9.56 19.90 2.80
CA THR C 822 -9.69 21.34 2.61
C THR C 822 -10.09 21.71 1.19
N GLU C 823 -10.73 22.87 1.02
CA GLU C 823 -11.07 23.41 -0.28
C GLU C 823 -11.01 24.93 -0.21
N ASN C 824 -10.00 25.50 -0.85
CA ASN C 824 -9.68 26.92 -0.69
C ASN C 824 -9.18 27.19 0.73
N ALA C 825 -8.42 26.25 1.27
CA ALA C 825 -7.86 26.35 2.61
C ALA C 825 -8.94 26.43 3.69
N ARG C 826 -10.14 25.96 3.37
CA ARG C 826 -11.23 25.90 4.33
C ARG C 826 -11.75 24.47 4.46
N PRO C 827 -11.68 23.91 5.67
CA PRO C 827 -12.13 22.54 5.95
C PRO C 827 -13.52 22.28 5.38
N THR C 828 -13.79 21.06 4.93
CA THR C 828 -15.07 20.74 4.30
C THR C 828 -15.39 19.24 4.31
N SER C 829 -16.68 18.93 4.37
CA SER C 829 -17.16 17.55 4.30
C SER C 829 -18.12 17.40 3.12
N TRP C 830 -18.07 16.24 2.46
CA TRP C 830 -18.91 16.00 1.29
C TRP C 830 -19.96 14.93 1.57
N ILE C 831 -21.22 15.25 1.27
CA ILE C 831 -22.31 14.30 1.43
C ILE C 831 -22.67 13.69 0.07
N TYR C 832 -22.49 12.37 -0.04
CA TYR C 832 -22.72 11.69 -1.30
C TYR C 832 -24.13 11.11 -1.38
N ILE C 833 -24.93 11.67 -2.28
CA ILE C 833 -26.33 11.27 -2.45
C ILE C 833 -26.53 10.48 -3.75
N ASP C 834 -27.25 9.37 -3.65
CA ASP C 834 -27.47 8.49 -4.80
C ASP C 834 -28.96 8.36 -5.14
N ALA C 835 -29.44 9.23 -6.01
CA ALA C 835 -30.80 9.16 -6.52
C ALA C 835 -30.74 8.80 -8.01
N ARG C 836 -31.59 7.87 -8.45
CA ARG C 836 -31.56 7.43 -9.84
C ARG C 836 -32.93 6.97 -10.35
N ASP C 837 -33.94 7.01 -9.49
CA ASP C 837 -35.31 6.69 -9.90
C ASP C 837 -36.08 7.97 -10.24
N ARG C 838 -35.66 9.08 -9.63
CA ARG C 838 -36.22 10.39 -9.91
C ARG C 838 -35.35 11.12 -10.91
N ASP C 839 -35.68 12.38 -11.19
CA ASP C 839 -34.82 13.24 -11.99
C ASP C 839 -34.02 14.16 -11.07
N MET C 840 -32.84 14.56 -11.51
CA MET C 840 -31.92 15.32 -10.67
C MET C 840 -32.54 16.56 -10.04
N VAL C 841 -33.03 17.47 -10.88
CA VAL C 841 -33.53 18.76 -10.41
C VAL C 841 -34.62 18.60 -9.35
N SER C 842 -35.36 17.50 -9.40
CA SER C 842 -36.42 17.26 -8.42
C SER C 842 -35.84 17.02 -7.03
N VAL C 843 -34.89 16.10 -6.94
CA VAL C 843 -34.27 15.75 -5.67
C VAL C 843 -33.48 16.91 -5.08
N VAL C 844 -32.67 17.57 -5.91
CA VAL C 844 -31.86 18.69 -5.45
C VAL C 844 -32.71 19.80 -4.84
N HIS C 845 -33.89 20.02 -5.40
CA HIS C 845 -34.81 21.03 -4.88
C HIS C 845 -35.50 20.55 -3.61
N ASP C 846 -36.00 19.32 -3.64
CA ASP C 846 -36.63 18.72 -2.47
C ASP C 846 -35.65 18.64 -1.31
N LEU C 847 -34.36 18.67 -1.63
CA LEU C 847 -33.31 18.70 -0.61
C LEU C 847 -33.13 20.10 -0.07
N GLN C 848 -33.16 21.08 -0.97
CA GLN C 848 -33.04 22.48 -0.59
C GLN C 848 -34.17 22.89 0.35
N LYS C 849 -35.34 22.27 0.14
CA LYS C 849 -36.48 22.49 1.01
C LYS C 849 -36.32 21.74 2.33
N ALA C 850 -35.93 20.47 2.25
CA ALA C 850 -35.76 19.64 3.43
C ALA C 850 -34.67 20.18 4.35
N ILE C 851 -33.55 20.58 3.75
CA ILE C 851 -32.41 21.08 4.51
C ILE C 851 -32.67 22.42 5.18
N ALA C 852 -33.10 23.40 4.39
CA ALA C 852 -33.22 24.77 4.87
C ALA C 852 -34.44 25.00 5.77
N GLU C 853 -35.02 23.93 6.29
CA GLU C 853 -36.16 24.06 7.20
C GLU C 853 -36.01 23.26 8.49
N LYS C 854 -35.41 22.08 8.41
CA LYS C 854 -35.26 21.22 9.59
C LYS C 854 -33.88 21.31 10.23
N VAL C 855 -32.89 21.77 9.46
CA VAL C 855 -31.53 21.89 9.95
C VAL C 855 -31.13 23.35 10.17
N GLN C 856 -31.10 23.77 11.43
CA GLN C 856 -30.69 25.13 11.78
C GLN C 856 -29.17 25.28 11.72
N LEU C 857 -28.71 26.17 10.85
CA LEU C 857 -27.27 26.38 10.65
C LEU C 857 -26.59 26.91 11.90
N LYS C 858 -25.34 26.48 12.11
CA LYS C 858 -24.52 26.99 13.20
C LYS C 858 -23.52 28.01 12.66
N PRO C 859 -23.09 28.95 13.52
CA PRO C 859 -22.23 30.08 13.17
C PRO C 859 -21.33 29.86 11.96
N GLY C 860 -20.08 29.49 12.20
CA GLY C 860 -19.10 29.36 11.13
C GLY C 860 -19.24 28.10 10.30
N THR C 861 -20.46 27.81 9.86
CA THR C 861 -20.72 26.64 9.03
C THR C 861 -21.51 26.99 7.77
N SER C 862 -20.95 26.66 6.62
CA SER C 862 -21.60 26.95 5.35
C SER C 862 -22.12 25.68 4.69
N VAL C 863 -23.27 25.79 4.01
CA VAL C 863 -23.85 24.66 3.30
C VAL C 863 -24.23 25.05 1.88
N ALA C 864 -23.75 24.29 0.90
CA ALA C 864 -24.03 24.56 -0.50
C ALA C 864 -23.93 23.31 -1.34
N PHE C 865 -24.89 23.12 -2.23
CA PHE C 865 -24.92 21.96 -3.11
C PHE C 865 -23.81 22.04 -4.15
N SER C 866 -23.42 20.90 -4.69
CA SER C 866 -22.38 20.84 -5.70
C SER C 866 -22.66 19.72 -6.69
N GLY C 867 -21.59 19.17 -7.28
CA GLY C 867 -21.72 18.07 -8.21
C GLY C 867 -22.15 18.53 -9.60
N GLN C 868 -23.19 17.89 -10.12
CA GLN C 868 -23.71 18.23 -11.44
C GLN C 868 -24.75 19.35 -11.39
N PHE C 869 -25.25 19.63 -10.19
CA PHE C 869 -26.21 20.71 -10.02
C PHE C 869 -25.53 22.07 -10.08
N GLU C 870 -24.37 22.18 -9.45
CA GLU C 870 -23.57 23.41 -9.52
C GLU C 870 -23.23 23.70 -10.98
N LEU C 871 -23.25 22.66 -11.80
CA LEU C 871 -22.95 22.78 -13.22
C LEU C 871 -24.17 23.26 -14.00
N LEU C 872 -25.36 22.96 -13.49
CA LEU C 872 -26.61 23.41 -14.11
C LEU C 872 -26.84 24.89 -13.90
N GLU C 873 -26.41 25.40 -12.74
CA GLU C 873 -26.59 26.81 -12.42
C GLU C 873 -25.56 27.70 -13.12
N ARG C 874 -24.51 27.08 -13.65
CA ARG C 874 -23.51 27.82 -14.43
C ARG C 874 -23.95 27.89 -15.89
N ALA C 875 -24.64 26.84 -16.33
CA ALA C 875 -25.13 26.77 -17.70
C ALA C 875 -26.39 27.62 -17.88
N ASN C 876 -27.29 27.53 -16.90
CA ASN C 876 -28.55 28.27 -16.97
C ASN C 876 -28.40 29.77 -16.85
N HIS C 877 -27.33 30.23 -16.20
CA HIS C 877 -27.04 31.65 -16.13
C HIS C 877 -26.46 32.13 -17.46
N LYS C 878 -25.88 31.19 -18.20
CA LYS C 878 -25.33 31.49 -19.52
C LYS C 878 -26.45 31.48 -20.55
N LEU C 879 -27.30 30.47 -20.47
CA LEU C 879 -28.41 30.32 -21.41
C LEU C 879 -29.40 31.47 -21.32
N LYS C 880 -29.62 31.97 -20.11
CA LYS C 880 -30.57 33.06 -19.88
C LYS C 880 -30.00 34.41 -20.32
N LEU C 881 -28.69 34.51 -20.39
CA LEU C 881 -28.03 35.70 -20.93
C LEU C 881 -27.53 35.39 -22.35
N MET C 882 -28.19 34.43 -22.98
CA MET C 882 -27.80 33.99 -24.31
C MET C 882 -29.01 33.96 -25.25
N VAL C 883 -30.20 34.17 -24.68
CA VAL C 883 -31.43 34.18 -25.47
C VAL C 883 -31.72 35.55 -26.06
N PRO C 884 -31.62 36.62 -25.26
CA PRO C 884 -31.86 37.95 -25.81
C PRO C 884 -30.97 38.23 -27.02
N MET C 885 -29.68 37.92 -26.88
CA MET C 885 -28.71 38.21 -27.93
C MET C 885 -28.93 37.40 -29.21
N THR C 886 -29.49 36.19 -29.06
CA THR C 886 -29.80 35.38 -30.24
C THR C 886 -31.08 35.91 -30.90
N LEU C 887 -31.86 36.67 -30.15
CA LEU C 887 -33.07 37.29 -30.67
C LEU C 887 -32.75 38.64 -31.29
N MET C 888 -31.69 39.27 -30.83
CA MET C 888 -31.25 40.54 -31.37
C MET C 888 -30.59 40.33 -32.73
N ILE C 889 -29.90 39.21 -32.89
CA ILE C 889 -29.25 38.89 -34.15
C ILE C 889 -30.29 38.46 -35.18
N ILE C 890 -31.29 37.71 -34.74
CA ILE C 890 -32.37 37.29 -35.62
C ILE C 890 -33.13 38.53 -36.06
N PHE C 891 -33.18 39.51 -35.16
CA PHE C 891 -33.86 40.77 -35.41
C PHE C 891 -33.18 41.58 -36.52
N VAL C 892 -31.86 41.47 -36.60
CA VAL C 892 -31.08 42.26 -37.55
C VAL C 892 -30.93 41.56 -38.89
N LEU C 893 -31.07 40.24 -38.88
CA LEU C 893 -30.98 39.45 -40.11
C LEU C 893 -32.28 39.52 -40.88
N LEU C 894 -33.37 39.73 -40.15
CA LEU C 894 -34.68 39.94 -40.77
C LEU C 894 -34.77 41.38 -41.25
N TYR C 895 -34.01 42.26 -40.60
CA TYR C 895 -34.04 43.68 -40.88
C TYR C 895 -33.13 44.04 -42.04
N LEU C 896 -32.14 43.19 -42.31
CA LEU C 896 -31.19 43.44 -43.38
C LEU C 896 -31.69 42.92 -44.72
N ALA C 897 -32.51 41.86 -44.66
CA ALA C 897 -33.00 41.20 -45.87
C ALA C 897 -34.40 41.69 -46.27
N PHE C 898 -35.12 42.26 -45.32
CA PHE C 898 -36.47 42.77 -45.59
C PHE C 898 -36.60 44.27 -45.34
N ARG C 899 -35.78 44.79 -44.42
CA ARG C 899 -35.72 46.22 -44.15
C ARG C 899 -36.94 46.75 -43.40
N ARG C 900 -37.93 45.88 -43.17
CA ARG C 900 -39.17 46.30 -42.52
C ARG C 900 -39.20 45.90 -41.04
N VAL C 901 -39.57 46.85 -40.18
CA VAL C 901 -39.65 46.61 -38.74
C VAL C 901 -40.70 45.56 -38.42
N GLY C 902 -41.97 45.89 -38.68
CA GLY C 902 -43.07 44.97 -38.45
C GLY C 902 -42.77 43.58 -38.99
N GLU C 903 -42.09 43.52 -40.12
CA GLU C 903 -41.67 42.25 -40.70
C GLU C 903 -40.86 41.44 -39.70
N ALA C 904 -39.71 41.98 -39.30
CA ALA C 904 -38.84 41.31 -38.34
C ALA C 904 -39.63 40.94 -37.09
N LEU C 905 -40.40 41.89 -36.59
CA LEU C 905 -41.22 41.68 -35.41
C LEU C 905 -42.07 40.42 -35.53
N LEU C 906 -42.74 40.28 -36.67
CA LEU C 906 -43.66 39.16 -36.89
C LEU C 906 -42.96 37.79 -36.83
N ILE C 907 -41.73 37.73 -37.34
CA ILE C 907 -40.97 36.48 -37.30
C ILE C 907 -40.44 36.22 -35.88
N ILE C 908 -40.05 37.28 -35.18
CA ILE C 908 -39.59 37.17 -33.80
C ILE C 908 -40.72 36.67 -32.91
N SER C 909 -41.95 36.98 -33.28
CA SER C 909 -43.12 36.57 -32.51
C SER C 909 -43.64 35.21 -32.97
N SER C 910 -43.09 34.73 -34.08
CA SER C 910 -43.51 33.44 -34.64
C SER C 910 -42.65 32.29 -34.10
N VAL C 911 -41.38 32.57 -33.83
CA VAL C 911 -40.47 31.56 -33.29
C VAL C 911 -40.95 30.92 -31.99
N PRO C 912 -41.58 31.71 -31.10
CA PRO C 912 -42.11 31.12 -29.86
C PRO C 912 -43.01 29.92 -30.11
N PHE C 913 -43.73 29.92 -31.22
CA PHE C 913 -44.63 28.80 -31.55
C PHE C 913 -43.83 27.54 -31.85
N ALA C 914 -42.66 27.71 -32.45
CA ALA C 914 -41.78 26.59 -32.77
C ALA C 914 -41.19 26.01 -31.48
N LEU C 915 -40.76 26.90 -30.59
CA LEU C 915 -40.22 26.49 -29.30
C LEU C 915 -41.27 25.66 -28.57
N VAL C 916 -42.50 26.17 -28.54
CA VAL C 916 -43.57 25.55 -27.77
C VAL C 916 -43.84 24.12 -28.21
N GLY C 917 -43.84 23.88 -29.52
CA GLY C 917 -44.15 22.57 -30.05
C GLY C 917 -43.10 21.53 -29.70
N GLY C 918 -41.86 21.98 -29.53
CA GLY C 918 -40.77 21.09 -29.22
C GLY C 918 -40.80 20.55 -27.81
N ILE C 919 -41.60 21.20 -26.96
CA ILE C 919 -41.69 20.80 -25.55
C ILE C 919 -42.55 19.55 -25.36
N TRP C 920 -43.65 19.47 -26.10
CA TRP C 920 -44.54 18.32 -26.02
C TRP C 920 -43.81 17.01 -26.34
N LEU C 921 -42.92 17.05 -27.32
CA LEU C 921 -42.17 15.86 -27.72
C LEU C 921 -41.24 15.40 -26.60
N LEU C 922 -40.68 16.35 -25.86
CA LEU C 922 -39.87 16.01 -24.70
C LEU C 922 -40.72 15.29 -23.66
N TRP C 923 -41.91 15.82 -23.39
CA TRP C 923 -42.83 15.21 -22.45
C TRP C 923 -43.24 13.82 -22.90
N TRP C 924 -43.64 13.71 -24.17
CA TRP C 924 -44.06 12.44 -24.73
C TRP C 924 -42.93 11.41 -24.67
N MET C 925 -41.75 11.80 -25.16
CA MET C 925 -40.59 10.94 -25.12
C MET C 925 -40.13 10.72 -23.68
N GLY C 926 -40.67 11.53 -22.77
CA GLY C 926 -40.35 11.43 -21.36
C GLY C 926 -38.99 12.01 -21.01
N PHE C 927 -38.41 12.75 -21.94
CA PHE C 927 -37.09 13.35 -21.74
C PHE C 927 -37.08 14.36 -20.61
N HIS C 928 -35.92 14.99 -20.40
CA HIS C 928 -35.77 16.03 -19.38
C HIS C 928 -35.20 17.29 -20.02
N LEU C 929 -35.18 18.38 -19.26
CA LEU C 929 -34.57 19.63 -19.72
C LEU C 929 -33.07 19.60 -19.49
N SER C 930 -32.31 19.59 -20.57
CA SER C 930 -30.85 19.53 -20.48
C SER C 930 -30.22 20.69 -21.24
N VAL C 931 -28.89 20.75 -21.23
CA VAL C 931 -28.16 21.67 -22.08
C VAL C 931 -28.16 21.07 -23.48
N ALA C 932 -28.43 19.77 -23.53
CA ALA C 932 -28.59 19.07 -24.79
C ALA C 932 -29.90 19.49 -25.45
N THR C 933 -30.97 19.47 -24.67
CA THR C 933 -32.27 19.91 -25.15
C THR C 933 -32.25 21.42 -25.40
N GLY C 934 -31.69 22.16 -24.44
CA GLY C 934 -31.58 23.60 -24.56
C GLY C 934 -30.94 24.02 -25.87
N THR C 935 -29.97 23.23 -26.31
CA THR C 935 -29.30 23.48 -27.59
C THR C 935 -30.26 23.25 -28.75
N GLY C 936 -30.99 22.14 -28.69
CA GLY C 936 -31.94 21.79 -29.72
C GLY C 936 -32.94 22.89 -30.00
N PHE C 937 -33.27 23.68 -28.98
CA PHE C 937 -34.26 24.75 -29.13
C PHE C 937 -33.66 26.02 -29.75
N ILE C 938 -32.41 26.31 -29.42
CA ILE C 938 -31.73 27.46 -29.99
C ILE C 938 -31.50 27.25 -31.49
N ALA C 939 -31.16 26.03 -31.86
CA ALA C 939 -30.98 25.66 -33.25
C ALA C 939 -32.34 25.55 -33.94
N LEU C 940 -33.34 25.15 -33.16
CA LEU C 940 -34.71 25.03 -33.66
C LEU C 940 -35.27 26.40 -34.01
N ALA C 941 -34.99 27.39 -33.17
CA ALA C 941 -35.43 28.75 -33.42
C ALA C 941 -34.71 29.32 -34.66
N GLY C 942 -33.48 28.88 -34.87
CA GLY C 942 -32.72 29.29 -36.03
C GLY C 942 -33.29 28.69 -37.30
N VAL C 943 -33.98 27.58 -37.17
CA VAL C 943 -34.62 26.92 -38.31
C VAL C 943 -36.04 27.45 -38.50
N ALA C 944 -36.66 27.86 -37.40
CA ALA C 944 -38.00 28.45 -37.44
C ALA C 944 -37.99 29.76 -38.20
N ALA C 945 -37.01 30.62 -37.88
CA ALA C 945 -36.84 31.88 -38.59
C ALA C 945 -36.33 31.63 -40.00
N GLU C 946 -35.80 30.43 -40.24
CA GLU C 946 -35.38 30.03 -41.57
C GLU C 946 -36.62 29.74 -42.41
N PHE C 947 -37.63 29.18 -41.76
CA PHE C 947 -38.91 28.92 -42.41
C PHE C 947 -39.70 30.21 -42.54
N GLY C 948 -39.68 31.03 -41.50
CA GLY C 948 -40.45 32.26 -41.44
C GLY C 948 -40.15 33.24 -42.56
N VAL C 949 -38.90 33.29 -42.98
CA VAL C 949 -38.48 34.21 -44.04
C VAL C 949 -38.81 33.69 -45.44
N VAL C 950 -38.41 32.45 -45.70
CA VAL C 950 -38.69 31.83 -46.99
C VAL C 950 -40.19 31.68 -47.21
N MET C 951 -40.96 31.95 -46.16
CA MET C 951 -42.41 31.95 -46.24
C MET C 951 -42.87 33.33 -46.66
N LEU C 952 -42.21 34.34 -46.13
CA LEU C 952 -42.57 35.73 -46.38
C LEU C 952 -42.21 36.16 -47.80
N MET C 953 -41.05 35.74 -48.28
CA MET C 953 -40.59 36.11 -49.63
C MET C 953 -41.63 35.74 -50.69
N TYR C 954 -42.39 34.69 -50.43
CA TYR C 954 -43.44 34.25 -51.33
C TYR C 954 -44.65 35.19 -51.25
N LEU C 955 -44.86 35.75 -50.05
CA LEU C 955 -45.98 36.65 -49.82
C LEU C 955 -45.66 38.08 -50.23
N ARG C 956 -44.46 38.54 -49.89
CA ARG C 956 -44.04 39.89 -50.22
C ARG C 956 -43.88 40.09 -51.72
N HIS C 957 -43.34 39.08 -52.40
CA HIS C 957 -43.17 39.14 -53.84
C HIS C 957 -44.47 38.84 -54.57
N ALA C 958 -45.47 38.39 -53.81
CA ALA C 958 -46.81 38.24 -54.34
C ALA C 958 -47.44 39.63 -54.42
N ILE C 959 -46.80 40.59 -53.77
CA ILE C 959 -47.23 41.99 -53.79
C ILE C 959 -46.55 42.74 -54.94
N GLU C 960 -45.40 42.23 -55.38
CA GLU C 960 -44.69 42.83 -56.50
C GLU C 960 -45.45 42.62 -57.80
N ALA C 961 -46.31 41.60 -57.82
CA ALA C 961 -47.13 41.30 -58.99
C ALA C 961 -48.14 42.42 -59.25
N VAL C 962 -48.71 42.42 -60.45
CA VAL C 962 -49.66 43.46 -60.84
C VAL C 962 -50.98 43.43 -60.06
N PRO C 963 -51.56 42.23 -59.85
CA PRO C 963 -52.82 42.14 -59.10
C PRO C 963 -52.72 42.84 -57.74
N SER C 964 -51.55 42.75 -57.12
CA SER C 964 -51.31 43.36 -55.83
C SER C 964 -50.79 44.78 -55.98
N LEU C 965 -50.45 45.16 -57.21
CA LEU C 965 -50.08 46.55 -57.51
C LEU C 965 -51.36 47.35 -57.69
N ASN C 966 -52.47 46.64 -57.84
CA ASN C 966 -53.78 47.26 -57.99
C ASN C 966 -54.31 47.72 -56.64
N ASN C 967 -53.87 47.04 -55.58
CA ASN C 967 -54.32 47.36 -54.22
C ASN C 967 -53.85 48.73 -53.72
N PRO C 968 -52.56 49.06 -53.91
CA PRO C 968 -52.08 50.37 -53.47
C PRO C 968 -52.74 51.52 -54.22
N GLN C 969 -53.14 51.26 -55.46
CA GLN C 969 -53.85 52.27 -56.25
C GLN C 969 -55.29 52.36 -55.80
N THR C 970 -55.96 51.21 -55.75
CA THR C 970 -57.33 51.13 -55.28
C THR C 970 -57.54 49.84 -54.49
N PHE C 971 -58.41 49.89 -53.48
CA PHE C 971 -58.62 48.75 -52.60
C PHE C 971 -59.36 47.60 -53.28
N SER C 972 -59.10 46.39 -52.81
CA SER C 972 -59.73 45.19 -53.35
C SER C 972 -59.70 44.06 -52.31
N GLU C 973 -60.88 43.61 -51.90
CA GLU C 973 -60.96 42.52 -50.94
C GLU C 973 -60.66 41.18 -51.61
N GLN C 974 -60.75 41.17 -52.94
CA GLN C 974 -60.49 39.96 -53.72
C GLN C 974 -59.02 39.82 -54.12
N LYS C 975 -58.43 40.94 -54.53
CA LYS C 975 -57.03 40.91 -54.99
C LYS C 975 -56.06 40.53 -53.88
N LEU C 976 -56.29 41.04 -52.67
CA LEU C 976 -55.40 40.78 -51.55
C LEU C 976 -55.40 39.31 -51.15
N ASP C 977 -56.56 38.66 -51.26
CA ASP C 977 -56.69 37.25 -50.89
C ASP C 977 -56.04 36.33 -51.91
N GLU C 978 -55.88 36.83 -53.14
CA GLU C 978 -55.34 36.02 -54.23
C GLU C 978 -53.82 36.04 -54.22
N ALA C 979 -53.24 37.15 -53.79
CA ALA C 979 -51.79 37.26 -53.66
C ALA C 979 -51.33 36.35 -52.53
N LEU C 980 -52.18 36.19 -51.52
CA LEU C 980 -51.91 35.31 -50.41
C LEU C 980 -52.10 33.85 -50.81
N TYR C 981 -53.12 33.60 -51.61
CA TYR C 981 -53.42 32.24 -52.08
C TYR C 981 -52.31 31.74 -52.99
N HIS C 982 -51.70 32.65 -53.74
CA HIS C 982 -50.61 32.30 -54.63
C HIS C 982 -49.33 32.05 -53.83
N GLY C 983 -49.15 32.82 -52.76
CA GLY C 983 -48.00 32.65 -51.88
C GLY C 983 -48.08 31.36 -51.11
N ALA C 984 -49.30 30.94 -50.80
CA ALA C 984 -49.52 29.68 -50.08
C ALA C 984 -49.15 28.49 -50.94
N VAL C 985 -49.49 28.57 -52.22
CA VAL C 985 -49.14 27.53 -53.19
C VAL C 985 -47.64 27.58 -53.47
N LEU C 986 -47.08 28.78 -53.38
CA LEU C 986 -45.66 29.00 -53.66
C LEU C 986 -44.79 28.43 -52.53
N ARG C 987 -45.43 27.95 -51.47
CA ARG C 987 -44.72 27.44 -50.30
C ARG C 987 -44.99 25.97 -50.04
N VAL C 988 -46.22 25.52 -50.31
CA VAL C 988 -46.59 24.13 -50.06
C VAL C 988 -45.65 23.12 -50.71
N ARG C 989 -44.95 23.55 -51.76
CA ARG C 989 -43.94 22.70 -52.39
C ARG C 989 -42.61 22.78 -51.63
N PRO C 990 -42.09 24.00 -51.43
CA PRO C 990 -40.88 24.15 -50.61
C PRO C 990 -41.08 23.57 -49.21
N LYS C 991 -42.11 24.04 -48.51
CA LYS C 991 -42.42 23.58 -47.16
C LYS C 991 -42.41 22.06 -47.10
N ALA C 992 -43.23 21.44 -47.95
CA ALA C 992 -43.36 19.99 -47.96
C ALA C 992 -42.02 19.29 -48.09
N MET C 993 -41.02 20.01 -48.59
CA MET C 993 -39.68 19.45 -48.72
C MET C 993 -38.85 19.77 -47.49
N THR C 994 -38.84 21.05 -47.10
CA THR C 994 -38.11 21.48 -45.92
C THR C 994 -38.58 20.70 -44.69
N VAL C 995 -39.86 20.82 -44.38
CA VAL C 995 -40.44 20.20 -43.18
C VAL C 995 -40.58 18.69 -43.35
N ALA C 996 -40.03 18.16 -44.44
CA ALA C 996 -39.98 16.72 -44.65
C ALA C 996 -38.59 16.21 -44.33
N VAL C 997 -37.60 16.66 -45.11
CA VAL C 997 -36.22 16.22 -44.94
C VAL C 997 -35.73 16.46 -43.51
N ILE C 998 -36.26 17.48 -42.85
CA ILE C 998 -35.88 17.80 -41.48
C ILE C 998 -36.46 16.79 -40.49
N ILE C 999 -37.78 16.73 -40.41
CA ILE C 999 -38.45 15.84 -39.48
C ILE C 999 -38.16 14.36 -39.79
N ALA C 1000 -38.01 14.05 -41.06
CA ALA C 1000 -37.74 12.68 -41.50
C ALA C 1000 -36.27 12.31 -41.32
N GLY C 1001 -35.40 13.32 -41.43
CA GLY C 1001 -33.98 13.10 -41.26
C GLY C 1001 -33.57 13.04 -39.80
N LEU C 1002 -34.23 13.85 -38.98
CA LEU C 1002 -33.95 13.89 -37.55
C LEU C 1002 -34.68 12.77 -36.80
N LEU C 1003 -35.71 12.20 -37.45
CA LEU C 1003 -36.52 11.17 -36.81
C LEU C 1003 -35.72 9.93 -36.39
N PRO C 1004 -34.82 9.44 -37.26
CA PRO C 1004 -34.01 8.27 -36.92
C PRO C 1004 -33.26 8.43 -35.60
N ILE C 1005 -32.51 9.54 -35.48
CA ILE C 1005 -31.72 9.80 -34.28
C ILE C 1005 -32.59 10.36 -33.16
N LEU C 1006 -33.80 9.83 -33.01
CA LEU C 1006 -34.71 10.30 -31.97
C LEU C 1006 -34.92 9.25 -30.88
N TRP C 1007 -35.20 8.01 -31.29
CA TRP C 1007 -35.41 6.93 -30.33
C TRP C 1007 -34.11 6.62 -29.58
N GLY C 1008 -34.24 6.43 -28.27
CA GLY C 1008 -33.09 6.26 -27.39
C GLY C 1008 -32.05 5.24 -27.84
N THR C 1009 -32.43 3.96 -27.85
CA THR C 1009 -31.52 2.87 -28.17
C THR C 1009 -30.34 3.28 -29.03
N GLY C 1010 -29.13 3.12 -28.48
CA GLY C 1010 -27.92 3.47 -29.19
C GLY C 1010 -26.81 3.90 -28.25
N ALA C 1011 -25.59 3.49 -28.57
CA ALA C 1011 -24.42 3.82 -27.75
C ALA C 1011 -24.00 5.28 -27.91
N GLY C 1012 -24.52 6.13 -27.03
CA GLY C 1012 -24.22 7.55 -27.09
C GLY C 1012 -25.40 8.34 -27.60
N SER C 1013 -26.35 7.64 -28.23
CA SER C 1013 -27.56 8.27 -28.75
C SER C 1013 -28.34 8.94 -27.63
N GLU C 1014 -28.00 8.60 -26.39
CA GLU C 1014 -28.66 9.13 -25.22
C GLU C 1014 -28.71 10.65 -25.24
N VAL C 1015 -27.66 11.28 -25.77
CA VAL C 1015 -27.55 12.73 -25.78
C VAL C 1015 -27.92 13.33 -27.14
N MET C 1016 -27.82 12.53 -28.19
CA MET C 1016 -28.12 12.98 -29.55
C MET C 1016 -29.62 13.03 -29.84
N SER C 1017 -30.41 12.40 -28.97
CA SER C 1017 -31.86 12.44 -29.10
C SER C 1017 -32.45 13.55 -28.25
N ARG C 1018 -31.88 13.73 -27.05
CA ARG C 1018 -32.29 14.83 -26.18
C ARG C 1018 -32.09 16.15 -26.88
N ILE C 1019 -31.14 16.18 -27.81
CA ILE C 1019 -30.80 17.39 -28.55
C ILE C 1019 -31.52 17.42 -29.89
N ALA C 1020 -32.29 16.37 -30.17
CA ALA C 1020 -33.02 16.26 -31.42
C ALA C 1020 -34.52 16.46 -31.26
N ALA C 1021 -35.07 15.91 -30.18
CA ALA C 1021 -36.51 16.02 -29.90
C ALA C 1021 -37.02 17.46 -29.91
N PRO C 1022 -36.30 18.38 -29.27
CA PRO C 1022 -36.71 19.79 -29.29
C PRO C 1022 -36.98 20.28 -30.70
N MET C 1023 -36.08 19.97 -31.63
CA MET C 1023 -36.23 20.40 -33.01
C MET C 1023 -37.41 19.70 -33.69
N ILE C 1024 -37.40 18.38 -33.71
CA ILE C 1024 -38.45 17.60 -34.35
C ILE C 1024 -39.84 18.02 -33.89
N GLY C 1025 -40.05 18.01 -32.58
CA GLY C 1025 -41.33 18.42 -32.02
C GLY C 1025 -41.71 19.82 -32.45
N GLY C 1026 -40.73 20.70 -32.48
CA GLY C 1026 -40.96 22.08 -32.87
C GLY C 1026 -41.06 22.25 -34.38
N MET C 1027 -40.51 21.29 -35.12
CA MET C 1027 -40.50 21.34 -36.57
C MET C 1027 -41.82 20.86 -37.15
N ILE C 1028 -42.70 20.39 -36.28
CA ILE C 1028 -44.04 19.99 -36.69
C ILE C 1028 -45.00 21.16 -36.56
N THR C 1029 -44.97 21.83 -35.42
CA THR C 1029 -45.88 22.94 -35.13
C THR C 1029 -45.33 24.30 -35.54
N ALA C 1030 -44.07 24.33 -35.98
CA ALA C 1030 -43.50 25.58 -36.48
C ALA C 1030 -44.07 25.92 -37.85
N PRO C 1031 -44.00 24.96 -38.80
CA PRO C 1031 -44.59 25.18 -40.12
C PRO C 1031 -46.12 25.07 -40.06
N LEU C 1032 -46.62 23.91 -39.65
CA LEU C 1032 -48.05 23.66 -39.51
C LEU C 1032 -48.79 24.87 -38.94
N LEU C 1033 -48.14 25.60 -38.05
CA LEU C 1033 -48.74 26.81 -37.48
C LEU C 1033 -48.37 28.03 -38.29
N SER C 1034 -47.09 28.20 -38.58
CA SER C 1034 -46.63 29.36 -39.35
C SER C 1034 -47.00 29.28 -40.82
N LEU C 1035 -47.96 28.41 -41.13
CA LEU C 1035 -48.54 28.36 -42.47
C LEU C 1035 -49.75 29.28 -42.51
N PHE C 1036 -50.32 29.53 -41.35
CA PHE C 1036 -51.54 30.33 -41.23
C PHE C 1036 -51.29 31.61 -40.44
N ILE C 1037 -50.31 31.56 -39.55
CA ILE C 1037 -50.00 32.71 -38.69
C ILE C 1037 -49.43 33.87 -39.48
N ILE C 1038 -48.27 33.66 -40.09
CA ILE C 1038 -47.58 34.71 -40.82
C ILE C 1038 -48.43 35.30 -41.96
N PRO C 1039 -49.10 34.45 -42.74
CA PRO C 1039 -49.96 34.95 -43.82
C PRO C 1039 -51.12 35.80 -43.30
N ALA C 1040 -51.89 35.27 -42.36
CA ALA C 1040 -53.03 35.99 -41.80
C ALA C 1040 -52.58 37.14 -40.89
N ALA C 1041 -51.32 37.54 -41.05
CA ALA C 1041 -50.78 38.67 -40.30
C ALA C 1041 -50.11 39.66 -41.25
N TYR C 1042 -49.94 39.24 -42.50
CA TYR C 1042 -49.41 40.13 -43.52
C TYR C 1042 -50.56 40.79 -44.27
N LYS C 1043 -51.74 40.17 -44.17
CA LYS C 1043 -52.96 40.76 -44.72
C LYS C 1043 -53.64 41.61 -43.66
N LEU C 1044 -53.14 41.50 -42.43
CA LEU C 1044 -53.67 42.26 -41.31
C LEU C 1044 -52.70 43.39 -40.93
N MET C 1045 -51.52 43.36 -41.56
CA MET C 1045 -50.53 44.40 -41.37
C MET C 1045 -50.41 45.28 -42.60
N TRP C 1046 -50.91 44.78 -43.73
CA TRP C 1046 -50.94 45.55 -44.97
C TRP C 1046 -52.09 46.55 -44.92
N LEU C 1047 -53.11 46.23 -44.14
CA LEU C 1047 -54.29 47.09 -44.02
C LEU C 1047 -53.99 48.35 -43.21
N HIS C 1048 -53.12 48.23 -42.22
CA HIS C 1048 -52.80 49.35 -41.35
C HIS C 1048 -52.31 50.57 -42.13
N ARG C 1049 -51.16 50.42 -42.80
CA ARG C 1049 -50.59 51.52 -43.58
C ARG C 1049 -51.58 52.15 -44.55
N HIS C 1050 -52.58 51.35 -44.95
CA HIS C 1050 -53.61 51.82 -45.87
C HIS C 1050 -54.89 52.20 -45.14
CU CU D . -14.92 7.99 -5.39
#